data_6TIY
#
_entry.id   6TIY
#
_cell.length_a   66.669
_cell.length_b   126.564
_cell.length_c   251.012
_cell.angle_alpha   90
_cell.angle_beta   90
_cell.angle_gamma   90
#
_symmetry.space_group_name_H-M   'P 21 21 21'
#
loop_
_entity.id
_entity.type
_entity.pdbx_description
1 polymer 'Tubulin alpha-1 chain'
2 polymer 'Tubulin beta-1 chain'
3 polymer Stathmin-4
4 non-polymer "GUANOSINE-5'-TRIPHOSPHATE"
5 non-polymer 'MAGNESIUM ION'
6 non-polymer 'SULFATE ION'
7 non-polymer GLYCEROL
8 non-polymer 'PHOSPHOMETHYLPHOSPHONIC ACID GUANYLATE ESTER'
9 water water
#
loop_
_entity_poly.entity_id
_entity_poly.type
_entity_poly.pdbx_seq_one_letter_code
_entity_poly.pdbx_strand_id
1 'polypeptide(L)'
;MRECISIHVGQAGVQIGNACWELYCLEHGIQPDGQMPSDRTVGGGDDSFNTFFSETGAGKHVPRAVFVDLEPTVVDEVRT
GTYRQLFHPEQLITGKEDAANNYARGHYTIGKEIVDLVLDRIRKLADQCTGLQGFLIFHSFGGGTGSGFTSLLMERLSVD
YGKKSKLEFAIYPAPQVSTAVVEPYNSILTTHTTLEHSDCAFMVDNEAIYDICRRNLDIERPTYTNLNRLIGQIVSSITA
SLRFDGALNVDLTEFQTNLVPYPRIHFPLVTYAPVISAEKAYHEQLSVAEITNACFEPANQMVKCDPRHGKYMACCMLYR
GDVVPKDVNAAIATIKTKRTIQFVDWCPTGFKVGINYQPPTVVPGGDLAKVQRAVCMLSNTTAIAEAWARLDHKFDLMYA
KRAFVHWYVGEGMEEGEFSEAREDLAALEKDYEEVGMDSGDGEGEGAEEY
;
A,C
2 'polypeptide(L)'
;MREIVHIQAGQCGNQIGAKFWEIISDEHGIDATGAYHGDSDLQLERINVYYNEASGGKYVPRAVLVDLEPGTMDSVRSGP
FGQIFRPDNFVFGQSGAGNNWAKGHYTEGAELVDSVLDVVRKEAESCDCLQGFQLTHSLGGGTGSGMGTLLISKIREEYP
DRIMNTYSVVPSPKVSDTVVEPYNATLSVHQLVENTDETYCIDNEALYDICFRTLKLTTPTYGDLNHLVSLTMSGVTTCL
RFPGQLNADLRKLAVNMVPFPRLHFFMPGFAPLTSRGSQQYRALTVPELTQQMFDAKNMMAACDPRHGRYLTVAAIFRGR
MSMKEVDEQMLNIQNKNSSYFVEWIPNNVKTAVCDIPPRGLKMSATFIGNSTAIQELFKRISEQFTAMFRRKAFLHWYTG
EGMDEMEFTEAESNMNDLVSEYQQYQEATADEDAEFEEEQEAEVDEN
;
B,D
3 'polypeptide(L)'
;MADMEVIELNKATSGQSWEVILKPPSFDGVPEFNASLPRRRDPSLEEIQKKLEAAEERRKYQEAELLKHLAEKREHEREV
IQKAIEENNNFIKMAKEKLAQKMESNKENREAHLAAMLERLQEKDKHAEEVRKNKELKEEASR
;
E
#
loop_
_chem_comp.id
_chem_comp.type
_chem_comp.name
_chem_comp.formula
G2P non-polymer 'PHOSPHOMETHYLPHOSPHONIC ACID GUANYLATE ESTER' 'C11 H18 N5 O13 P3'
GOL non-polymer GLYCEROL 'C3 H8 O3'
GTP non-polymer GUANOSINE-5'-TRIPHOSPHATE 'C10 H16 N5 O14 P3'
MG non-polymer 'MAGNESIUM ION' 'Mg 2'
SO4 non-polymer 'SULFATE ION' 'O4 S -2'
#
# COMPACT_ATOMS: atom_id res chain seq x y z
N MET A 1 57.83 -53.30 19.60
CA MET A 1 56.95 -52.13 19.66
C MET A 1 55.61 -52.36 18.99
N ARG A 2 54.53 -51.98 19.66
CA ARG A 2 53.17 -52.19 19.15
C ARG A 2 52.36 -50.87 19.21
N GLU A 3 52.73 -49.88 18.38
CA GLU A 3 52.09 -48.55 18.39
C GLU A 3 50.61 -48.53 17.96
N CYS A 4 49.81 -47.68 18.62
CA CYS A 4 48.40 -47.49 18.29
C CYS A 4 48.18 -46.01 18.01
N ILE A 5 47.50 -45.67 16.89
CA ILE A 5 47.16 -44.29 16.54
C ILE A 5 45.69 -44.04 16.87
N SER A 6 45.42 -43.05 17.69
CA SER A 6 44.07 -42.67 18.11
C SER A 6 43.50 -41.56 17.22
N ILE A 7 42.28 -41.72 16.73
CA ILE A 7 41.65 -40.73 15.87
C ILE A 7 40.36 -40.26 16.53
N HIS A 8 40.30 -38.97 16.94
CA HIS A 8 39.17 -38.38 17.64
C HIS A 8 38.39 -37.50 16.68
N VAL A 9 37.15 -37.91 16.34
CA VAL A 9 36.31 -37.27 15.32
C VAL A 9 35.05 -36.59 15.89
N GLY A 10 34.85 -35.32 15.53
CA GLY A 10 33.70 -34.54 15.96
C GLY A 10 33.74 -34.12 17.42
N GLN A 11 32.71 -33.40 17.90
CA GLN A 11 32.65 -32.96 19.28
C GLN A 11 32.80 -34.10 20.32
N ALA A 12 31.98 -35.16 20.22
CA ALA A 12 32.02 -36.28 21.15
C ALA A 12 33.39 -36.95 21.15
N GLY A 13 33.92 -37.26 19.96
CA GLY A 13 35.22 -37.91 19.83
C GLY A 13 36.37 -37.09 20.38
N VAL A 14 36.38 -35.76 20.11
CA VAL A 14 37.39 -34.84 20.62
C VAL A 14 37.28 -34.64 22.14
N GLN A 15 36.06 -34.46 22.67
CA GLN A 15 35.87 -34.25 24.10
C GLN A 15 36.17 -35.52 24.92
N ILE A 16 35.87 -36.70 24.36
CA ILE A 16 36.23 -37.98 24.99
C ILE A 16 37.75 -38.17 24.93
N GLY A 17 38.39 -37.72 23.85
CA GLY A 17 39.85 -37.75 23.70
C GLY A 17 40.54 -36.88 24.73
N ASN A 18 39.95 -35.74 25.09
CA ASN A 18 40.49 -34.87 26.14
C ASN A 18 40.55 -35.63 27.46
N ALA A 19 39.46 -36.34 27.79
CA ALA A 19 39.33 -37.14 29.00
C ALA A 19 40.30 -38.34 29.00
N CYS A 20 40.40 -39.08 27.87
CA CYS A 20 41.30 -40.24 27.77
C CYS A 20 42.76 -39.84 27.91
N TRP A 21 43.19 -38.86 27.12
CA TRP A 21 44.58 -38.42 27.12
C TRP A 21 44.99 -37.77 28.44
N GLU A 22 44.06 -37.11 29.14
CA GLU A 22 44.32 -36.54 30.46
C GLU A 22 44.59 -37.72 31.43
N LEU A 23 43.79 -38.78 31.36
CA LEU A 23 43.95 -39.93 32.22
C LEU A 23 45.25 -40.71 31.93
N TYR A 24 45.60 -40.90 30.64
CA TYR A 24 46.85 -41.59 30.27
C TYR A 24 48.06 -40.81 30.82
N CYS A 25 48.03 -39.47 30.74
CA CYS A 25 49.10 -38.64 31.26
C CYS A 25 49.27 -38.86 32.76
N LEU A 26 48.16 -38.87 33.49
CA LEU A 26 48.19 -39.14 34.93
C LEU A 26 48.72 -40.54 35.24
N GLU A 27 48.34 -41.55 34.43
CA GLU A 27 48.76 -42.93 34.62
C GLU A 27 50.23 -43.19 34.31
N HIS A 28 50.80 -42.43 33.36
CA HIS A 28 52.20 -42.61 32.99
C HIS A 28 53.15 -41.56 33.59
N GLY A 29 52.61 -40.62 34.36
CA GLY A 29 53.41 -39.55 34.97
C GLY A 29 53.85 -38.49 33.98
N ILE A 30 53.10 -38.30 32.90
CA ILE A 30 53.40 -37.29 31.90
C ILE A 30 52.66 -36.02 32.30
N GLN A 31 53.39 -34.92 32.41
CA GLN A 31 52.83 -33.62 32.76
C GLN A 31 52.09 -33.02 31.53
N PRO A 32 51.21 -32.02 31.73
CA PRO A 32 50.51 -31.40 30.58
C PRO A 32 51.41 -30.82 29.48
N ASP A 33 52.66 -30.50 29.84
CA ASP A 33 53.62 -29.99 28.86
C ASP A 33 54.39 -31.10 28.11
N GLY A 34 54.03 -32.36 28.31
CA GLY A 34 54.69 -33.47 27.65
C GLY A 34 55.92 -33.99 28.35
N GLN A 35 56.34 -33.34 29.43
CA GLN A 35 57.51 -33.76 30.18
C GLN A 35 57.18 -34.91 31.11
N MET A 36 58.17 -35.76 31.37
CA MET A 36 58.02 -36.92 32.22
C MET A 36 59.30 -37.09 33.03
N PRO A 37 59.26 -36.87 34.35
CA PRO A 37 60.50 -36.95 35.15
C PRO A 37 61.11 -38.34 35.38
N SER A 38 60.85 -39.33 34.51
CA SER A 38 61.39 -40.69 34.62
C SER A 38 62.94 -40.74 34.68
N GLY A 43 53.62 -42.57 38.01
CA GLY A 43 54.66 -43.32 37.35
C GLY A 43 54.13 -44.57 36.65
N GLY A 44 55.01 -45.54 36.42
CA GLY A 44 54.62 -46.79 35.77
C GLY A 44 55.61 -47.92 36.00
N GLY A 45 56.84 -47.73 35.53
CA GLY A 45 57.90 -48.73 35.68
C GLY A 45 58.44 -49.28 34.37
N ASP A 46 57.56 -49.42 33.35
CA ASP A 46 57.99 -49.95 32.06
C ASP A 46 57.87 -48.92 30.90
N ASP A 47 58.42 -49.24 29.71
CA ASP A 47 58.40 -48.30 28.59
C ASP A 47 57.30 -48.60 27.55
N SER A 48 56.28 -49.39 27.94
CA SER A 48 55.16 -49.72 27.08
C SER A 48 54.29 -48.50 26.73
N PHE A 49 54.39 -47.39 27.50
CA PHE A 49 53.64 -46.14 27.21
C PHE A 49 53.99 -45.60 25.81
N ASN A 50 55.16 -46.03 25.24
CA ASN A 50 55.63 -45.70 23.92
C ASN A 50 54.70 -46.17 22.81
N THR A 51 53.77 -47.10 23.09
CA THR A 51 52.78 -47.51 22.10
C THR A 51 51.80 -46.36 21.82
N PHE A 52 51.54 -45.50 22.80
CA PHE A 52 50.60 -44.39 22.68
C PHE A 52 51.27 -43.01 22.62
N PHE A 53 52.54 -42.91 23.00
CA PHE A 53 53.26 -41.63 22.99
C PHE A 53 54.60 -41.76 22.28
N SER A 54 54.87 -40.86 21.34
CA SER A 54 56.17 -40.78 20.70
C SER A 54 57.02 -39.78 21.52
N GLU A 55 58.32 -39.68 21.24
CA GLU A 55 59.20 -38.76 21.96
C GLU A 55 59.91 -37.82 21.00
N THR A 56 60.04 -36.54 21.38
CA THR A 56 60.69 -35.49 20.59
C THR A 56 62.14 -35.29 21.02
N GLY A 57 62.90 -34.54 20.22
CA GLY A 57 64.30 -34.18 20.47
C GLY A 57 64.52 -33.40 21.75
N ALA A 58 63.46 -32.79 22.30
CA ALA A 58 63.56 -32.08 23.57
C ALA A 58 63.11 -32.91 24.79
N GLY A 59 62.94 -34.21 24.62
CA GLY A 59 62.52 -35.08 25.71
C GLY A 59 61.06 -35.00 26.08
N LYS A 60 60.21 -34.51 25.17
CA LYS A 60 58.77 -34.43 25.42
C LYS A 60 58.09 -35.64 24.80
N HIS A 61 56.97 -36.07 25.41
CA HIS A 61 56.16 -37.22 25.01
C HIS A 61 54.88 -36.71 24.36
N VAL A 62 54.62 -37.13 23.12
CA VAL A 62 53.51 -36.63 22.32
C VAL A 62 52.56 -37.73 21.92
N PRO A 63 51.26 -37.54 22.19
CA PRO A 63 50.27 -38.56 21.81
C PRO A 63 50.31 -38.95 20.33
N ARG A 64 50.14 -40.24 20.03
CA ARG A 64 50.06 -40.71 18.66
C ARG A 64 48.58 -40.58 18.35
N ALA A 65 48.13 -39.33 18.14
CA ALA A 65 46.71 -39.04 17.99
C ALA A 65 46.42 -37.91 17.01
N VAL A 66 45.27 -37.98 16.36
CA VAL A 66 44.78 -36.92 15.49
C VAL A 66 43.39 -36.54 16.00
N PHE A 67 43.13 -35.24 16.17
CA PHE A 67 41.86 -34.69 16.60
C PHE A 67 41.31 -33.98 15.39
N VAL A 68 40.12 -34.38 14.93
CA VAL A 68 39.50 -33.83 13.73
C VAL A 68 38.07 -33.39 14.00
N ASP A 69 37.70 -32.23 13.49
CA ASP A 69 36.33 -31.75 13.53
C ASP A 69 36.09 -30.88 12.31
N LEU A 70 34.86 -30.86 11.77
CA LEU A 70 34.57 -30.02 10.59
C LEU A 70 34.36 -28.52 10.93
N GLU A 71 34.34 -28.22 12.20
CA GLU A 71 34.16 -26.91 12.75
C GLU A 71 35.34 -26.70 13.78
N PRO A 72 35.78 -25.48 14.08
CA PRO A 72 36.98 -25.33 14.94
C PRO A 72 36.80 -25.11 16.45
N THR A 73 35.61 -24.81 16.92
CA THR A 73 35.29 -24.44 18.31
C THR A 73 35.79 -25.42 19.38
N VAL A 74 35.47 -26.71 19.27
CA VAL A 74 35.84 -27.71 20.27
C VAL A 74 37.35 -27.97 20.28
N VAL A 75 37.95 -28.15 19.09
CA VAL A 75 39.39 -28.37 18.96
C VAL A 75 40.18 -27.11 19.37
N ASP A 76 39.61 -25.90 19.22
CA ASP A 76 40.23 -24.64 19.66
C ASP A 76 40.46 -24.63 21.17
N GLU A 77 39.58 -25.28 21.92
CA GLU A 77 39.74 -25.42 23.35
C GLU A 77 40.97 -26.28 23.69
N VAL A 78 41.27 -27.31 22.85
CA VAL A 78 42.45 -28.16 22.98
C VAL A 78 43.71 -27.34 22.62
N ARG A 79 43.62 -26.54 21.54
CA ARG A 79 44.71 -25.69 21.06
C ARG A 79 45.12 -24.62 22.07
N THR A 80 44.18 -24.16 22.92
CA THR A 80 44.47 -23.07 23.85
C THR A 80 44.40 -23.46 25.34
N GLY A 81 44.00 -24.71 25.64
CA GLY A 81 43.83 -25.18 27.02
C GLY A 81 45.06 -25.69 27.74
N THR A 82 44.84 -26.45 28.83
CA THR A 82 45.83 -27.07 29.73
C THR A 82 46.85 -27.95 29.01
N TYR A 83 46.39 -28.71 28.02
CA TYR A 83 47.20 -29.66 27.26
C TYR A 83 47.63 -29.14 25.89
N ARG A 84 47.66 -27.82 25.66
CA ARG A 84 48.05 -27.24 24.38
C ARG A 84 49.52 -27.51 23.99
N GLN A 85 50.39 -27.77 24.98
CA GLN A 85 51.78 -28.11 24.71
C GLN A 85 51.99 -29.61 24.51
N LEU A 86 51.01 -30.44 24.93
CA LEU A 86 51.05 -31.88 24.80
C LEU A 86 50.92 -32.28 23.32
N PHE A 87 50.08 -31.58 22.56
CA PHE A 87 49.88 -31.86 21.15
C PHE A 87 50.61 -30.83 20.28
N HIS A 88 51.09 -31.26 19.12
CA HIS A 88 51.68 -30.37 18.11
C HIS A 88 50.49 -29.84 17.28
N PRO A 89 50.56 -28.58 16.81
CA PRO A 89 49.40 -28.02 16.09
C PRO A 89 48.91 -28.80 14.86
N GLU A 90 49.80 -29.51 14.16
CA GLU A 90 49.47 -30.27 12.96
C GLU A 90 48.59 -31.50 13.22
N GLN A 91 48.49 -31.95 14.48
CA GLN A 91 47.63 -33.10 14.76
C GLN A 91 46.21 -32.68 15.24
N LEU A 92 45.95 -31.36 15.34
CA LEU A 92 44.64 -30.81 15.68
C LEU A 92 44.10 -30.16 14.37
N ILE A 93 43.25 -30.90 13.65
CA ILE A 93 42.76 -30.50 12.33
C ILE A 93 41.28 -30.11 12.33
N THR A 94 40.94 -28.93 11.81
CA THR A 94 39.55 -28.49 11.73
C THR A 94 39.24 -27.77 10.43
N GLY A 95 37.99 -27.83 10.01
CA GLY A 95 37.47 -27.07 8.88
C GLY A 95 36.81 -25.80 9.39
N LYS A 96 35.93 -25.18 8.59
CA LYS A 96 35.25 -23.96 9.04
C LYS A 96 33.80 -24.15 9.36
N GLU A 97 33.13 -25.03 8.63
CA GLU A 97 31.68 -25.23 8.76
C GLU A 97 31.40 -26.69 9.11
N ASP A 98 30.51 -26.95 10.08
CA ASP A 98 30.27 -28.32 10.49
C ASP A 98 29.28 -29.05 9.53
N ALA A 99 28.95 -30.30 9.85
CA ALA A 99 28.04 -31.11 9.07
C ALA A 99 26.56 -30.92 9.43
N ALA A 100 26.23 -29.94 10.30
CA ALA A 100 24.86 -29.59 10.70
C ALA A 100 23.96 -30.80 11.05
N ASN A 101 24.50 -31.77 11.81
CA ASN A 101 23.80 -32.99 12.24
C ASN A 101 23.32 -33.86 11.06
N ASN A 102 23.97 -33.76 9.92
CA ASN A 102 23.53 -34.43 8.71
C ASN A 102 24.68 -35.28 8.22
N TYR A 103 24.50 -36.61 8.28
CA TYR A 103 25.45 -37.60 7.82
C TYR A 103 25.93 -37.29 6.37
N ALA A 104 24.96 -36.98 5.46
CA ALA A 104 25.26 -36.74 4.05
C ALA A 104 26.19 -35.54 3.86
N ARG A 105 26.06 -34.53 4.72
CA ARG A 105 26.88 -33.32 4.73
C ARG A 105 28.30 -33.66 5.16
N GLY A 106 28.43 -34.45 6.22
CA GLY A 106 29.72 -34.89 6.72
C GLY A 106 30.44 -35.84 5.79
N HIS A 107 29.69 -36.74 5.12
CA HIS A 107 30.26 -37.75 4.23
C HIS A 107 30.53 -37.24 2.82
N TYR A 108 29.52 -36.68 2.16
CA TYR A 108 29.58 -36.27 0.76
C TYR A 108 29.95 -34.83 0.46
N THR A 109 29.64 -33.86 1.33
CA THR A 109 29.86 -32.45 0.99
C THR A 109 31.09 -31.80 1.61
N ILE A 110 31.17 -31.76 2.95
CA ILE A 110 32.21 -31.04 3.68
C ILE A 110 33.38 -31.92 3.99
N GLY A 111 33.13 -33.15 4.42
CA GLY A 111 34.19 -34.10 4.74
C GLY A 111 35.21 -34.29 3.64
N LYS A 112 34.71 -34.34 2.39
CA LYS A 112 35.44 -34.49 1.12
C LYS A 112 36.57 -33.46 0.95
N GLU A 113 36.43 -32.26 1.54
CA GLU A 113 37.46 -31.23 1.41
C GLU A 113 38.59 -31.31 2.47
N ILE A 114 38.41 -32.08 3.56
CA ILE A 114 39.44 -32.18 4.60
C ILE A 114 40.02 -33.60 4.77
N VAL A 115 39.42 -34.62 4.14
CA VAL A 115 39.81 -36.01 4.30
C VAL A 115 41.27 -36.30 3.87
N ASP A 116 41.75 -35.72 2.78
CA ASP A 116 43.13 -35.94 2.31
C ASP A 116 44.17 -35.40 3.29
N LEU A 117 43.87 -34.25 3.92
CA LEU A 117 44.71 -33.63 4.94
C LEU A 117 44.81 -34.53 6.20
N VAL A 118 43.67 -35.09 6.65
CA VAL A 118 43.65 -35.99 7.80
C VAL A 118 44.45 -37.28 7.53
N LEU A 119 44.26 -37.87 6.33
CA LEU A 119 45.00 -39.05 5.91
C LEU A 119 46.48 -38.78 5.82
N ASP A 120 46.87 -37.56 5.40
CA ASP A 120 48.27 -37.17 5.30
C ASP A 120 48.87 -37.15 6.71
N ARG A 121 48.14 -36.60 7.70
CA ARG A 121 48.62 -36.56 9.06
C ARG A 121 48.74 -37.96 9.69
N ILE A 122 47.77 -38.82 9.43
CA ILE A 122 47.77 -40.21 9.89
C ILE A 122 48.98 -40.95 9.28
N ARG A 123 49.28 -40.71 7.99
CA ARG A 123 50.41 -41.30 7.28
C ARG A 123 51.74 -40.85 7.92
N LYS A 124 51.82 -39.59 8.37
CA LYS A 124 53.03 -39.09 9.03
C LYS A 124 53.20 -39.70 10.43
N LEU A 125 52.09 -40.02 11.12
CA LEU A 125 52.17 -40.69 12.42
C LEU A 125 52.54 -42.18 12.24
N ALA A 126 51.99 -42.81 11.17
CA ALA A 126 52.25 -44.21 10.86
C ALA A 126 53.73 -44.41 10.49
N ASP A 127 54.33 -43.41 9.82
CA ASP A 127 55.76 -43.40 9.44
C ASP A 127 56.67 -43.48 10.67
N GLN A 128 56.21 -43.00 11.84
CA GLN A 128 56.96 -43.05 13.09
C GLN A 128 56.75 -44.38 13.86
N CYS A 129 56.02 -45.34 13.29
CA CYS A 129 55.72 -46.60 13.93
C CYS A 129 56.55 -47.70 13.29
N THR A 130 57.20 -48.53 14.10
CA THR A 130 57.94 -49.68 13.61
C THR A 130 57.05 -50.98 13.61
N GLY A 131 55.99 -50.98 14.43
CA GLY A 131 55.06 -52.09 14.51
C GLY A 131 53.63 -51.62 14.69
N LEU A 132 53.15 -50.75 13.76
CA LEU A 132 51.79 -50.23 13.85
C LEU A 132 50.73 -51.32 13.98
N GLN A 133 50.01 -51.29 15.08
CA GLN A 133 48.96 -52.26 15.34
C GLN A 133 47.72 -51.85 14.55
N GLY A 134 47.40 -50.57 14.63
CA GLY A 134 46.22 -50.07 13.98
C GLY A 134 45.69 -48.81 14.64
N PHE A 135 44.36 -48.63 14.52
CA PHE A 135 43.66 -47.41 14.90
C PHE A 135 42.56 -47.60 15.93
N LEU A 136 42.43 -46.62 16.82
CA LEU A 136 41.36 -46.52 17.81
C LEU A 136 40.57 -45.26 17.43
N ILE A 137 39.34 -45.41 16.93
CA ILE A 137 38.55 -44.27 16.47
C ILE A 137 37.42 -43.94 17.44
N PHE A 138 37.38 -42.69 17.92
CA PHE A 138 36.40 -42.16 18.87
C PHE A 138 35.45 -41.21 18.15
N HIS A 139 34.15 -41.50 18.24
CA HIS A 139 33.18 -40.70 17.54
C HIS A 139 31.76 -40.96 18.06
N SER A 140 30.82 -40.06 17.71
CA SER A 140 29.42 -40.28 18.04
C SER A 140 28.71 -40.88 16.81
N PHE A 141 27.65 -41.66 17.05
CA PHE A 141 26.83 -42.14 15.93
C PHE A 141 25.91 -41.01 15.43
N GLY A 142 25.49 -40.12 16.32
CA GLY A 142 24.51 -39.06 16.06
C GLY A 142 24.88 -37.80 15.33
N GLY A 143 26.11 -37.31 15.50
CA GLY A 143 26.51 -36.07 14.83
C GLY A 143 26.77 -36.25 13.36
N GLY A 144 26.71 -35.17 12.59
CA GLY A 144 27.01 -35.21 11.17
C GLY A 144 28.46 -35.53 10.88
N THR A 145 29.38 -35.07 11.75
CA THR A 145 30.81 -35.34 11.58
C THR A 145 31.12 -36.72 12.15
N GLY A 146 30.65 -37.00 13.36
CA GLY A 146 30.85 -38.30 13.99
C GLY A 146 30.32 -39.45 13.15
N SER A 147 29.24 -39.22 12.39
CA SER A 147 28.70 -40.27 11.54
C SER A 147 29.27 -40.25 10.12
N GLY A 148 29.11 -39.14 9.43
CA GLY A 148 29.54 -38.99 8.05
C GLY A 148 31.03 -38.94 7.82
N PHE A 149 31.76 -38.12 8.62
CA PHE A 149 33.20 -38.02 8.42
C PHE A 149 33.90 -39.33 8.83
N THR A 150 33.44 -39.96 9.94
CA THR A 150 34.05 -41.22 10.39
C THR A 150 33.93 -42.31 9.33
N SER A 151 32.72 -42.55 8.75
CA SER A 151 32.55 -43.56 7.72
C SER A 151 33.41 -43.29 6.48
N LEU A 152 33.56 -42.03 6.05
CA LEU A 152 34.40 -41.64 4.92
C LEU A 152 35.86 -41.96 5.23
N LEU A 153 36.32 -41.59 6.44
CA LEU A 153 37.68 -41.89 6.91
C LEU A 153 37.95 -43.41 7.01
N MET A 154 36.98 -44.21 7.52
CA MET A 154 37.12 -45.67 7.66
C MET A 154 37.39 -46.31 6.31
N GLU A 155 36.66 -45.87 5.28
CA GLU A 155 36.79 -46.41 3.92
C GLU A 155 38.20 -46.18 3.36
N ARG A 156 38.74 -44.97 3.50
CA ARG A 156 40.08 -44.67 3.01
C ARG A 156 41.15 -45.41 3.82
N LEU A 157 40.92 -45.56 5.14
CA LEU A 157 41.87 -46.28 6.00
C LEU A 157 41.97 -47.76 5.60
N SER A 158 40.87 -48.36 5.11
CA SER A 158 40.89 -49.75 4.64
C SER A 158 41.71 -49.87 3.36
N VAL A 159 41.66 -48.84 2.49
CA VAL A 159 42.42 -48.82 1.26
C VAL A 159 43.93 -48.66 1.56
N ASP A 160 44.28 -47.71 2.45
CA ASP A 160 45.68 -47.42 2.78
C ASP A 160 46.33 -48.40 3.76
N TYR A 161 45.55 -49.05 4.65
CA TYR A 161 46.12 -49.95 5.66
C TYR A 161 45.36 -51.31 5.76
N GLY A 162 45.19 -51.98 4.64
CA GLY A 162 44.42 -53.22 4.57
C GLY A 162 44.54 -54.25 5.69
N LYS A 163 45.77 -54.55 6.09
CA LYS A 163 46.00 -55.57 7.12
C LYS A 163 46.15 -54.96 8.52
N LYS A 164 45.58 -53.77 8.77
CA LYS A 164 45.65 -53.13 10.08
C LYS A 164 44.27 -53.06 10.73
N SER A 165 44.24 -53.37 12.02
CA SER A 165 43.11 -53.33 12.91
C SER A 165 42.49 -51.93 13.11
N LYS A 166 41.16 -51.88 13.13
CA LYS A 166 40.44 -50.64 13.38
C LYS A 166 39.42 -50.90 14.49
N LEU A 167 39.62 -50.30 15.65
CA LEU A 167 38.73 -50.44 16.79
C LEU A 167 38.00 -49.12 17.05
N GLU A 168 36.68 -49.17 17.34
CA GLU A 168 35.89 -47.99 17.58
C GLU A 168 35.40 -47.86 19.01
N PHE A 169 35.21 -46.65 19.46
CA PHE A 169 34.59 -46.27 20.71
C PHE A 169 33.49 -45.30 20.23
N ALA A 170 32.28 -45.82 20.15
CA ALA A 170 31.18 -45.09 19.55
C ALA A 170 30.10 -44.70 20.55
N ILE A 171 29.64 -43.45 20.47
CA ILE A 171 28.59 -42.97 21.36
C ILE A 171 27.21 -43.19 20.75
N TYR A 172 26.42 -44.06 21.38
CA TYR A 172 25.07 -44.41 20.99
C TYR A 172 24.12 -43.29 21.51
N PRO A 173 23.20 -42.81 20.66
CA PRO A 173 22.38 -41.64 21.05
C PRO A 173 21.34 -41.84 22.16
N ALA A 174 21.18 -40.83 23.03
CA ALA A 174 20.21 -40.85 24.11
C ALA A 174 19.41 -39.56 24.13
N PRO A 175 18.07 -39.63 24.21
CA PRO A 175 17.24 -38.40 24.26
C PRO A 175 17.57 -37.39 25.38
N GLN A 176 18.05 -37.85 26.55
CA GLN A 176 18.39 -36.98 27.70
C GLN A 176 19.44 -35.93 27.36
N VAL A 177 20.36 -36.26 26.45
CA VAL A 177 21.45 -35.37 26.04
C VAL A 177 21.55 -35.18 24.50
N SER A 178 20.62 -35.80 23.74
CA SER A 178 20.52 -35.77 22.29
C SER A 178 20.51 -34.36 21.77
N THR A 179 21.20 -34.13 20.65
CA THR A 179 21.25 -32.79 20.06
C THR A 179 20.38 -32.69 18.78
N ALA A 180 19.98 -33.84 18.17
CA ALA A 180 19.22 -33.80 16.94
C ALA A 180 18.15 -34.89 16.82
N VAL A 181 17.05 -34.55 16.14
CA VAL A 181 15.95 -35.47 15.86
C VAL A 181 16.39 -36.57 14.86
N VAL A 182 17.30 -36.24 13.94
CA VAL A 182 17.77 -37.15 12.91
C VAL A 182 18.89 -38.11 13.33
N GLU A 183 19.25 -38.15 14.63
CA GLU A 183 20.30 -39.07 15.10
C GLU A 183 20.04 -40.55 14.73
N PRO A 184 18.79 -41.10 14.73
CA PRO A 184 18.62 -42.48 14.27
C PRO A 184 19.01 -42.65 12.80
N TYR A 185 18.75 -41.67 11.92
CA TYR A 185 19.17 -41.77 10.52
C TYR A 185 20.71 -41.84 10.42
N ASN A 186 21.42 -40.91 11.09
CA ASN A 186 22.88 -40.84 11.07
C ASN A 186 23.52 -42.13 11.58
N SER A 187 22.95 -42.69 12.67
CA SER A 187 23.42 -43.92 13.28
C SER A 187 23.30 -45.12 12.35
N ILE A 188 22.15 -45.28 11.68
CA ILE A 188 21.96 -46.40 10.78
C ILE A 188 22.82 -46.24 9.54
N LEU A 189 22.96 -44.99 9.04
CA LEU A 189 23.78 -44.71 7.86
C LEU A 189 25.26 -45.00 8.09
N THR A 190 25.80 -44.57 9.26
CA THR A 190 27.22 -44.76 9.57
C THR A 190 27.53 -46.24 9.90
N THR A 191 26.58 -46.94 10.56
CA THR A 191 26.77 -48.36 10.87
C THR A 191 26.85 -49.16 9.59
N HIS A 192 25.96 -48.87 8.63
CA HIS A 192 25.98 -49.54 7.34
C HIS A 192 27.33 -49.36 6.60
N THR A 193 27.82 -48.12 6.46
CA THR A 193 29.06 -47.86 5.73
C THR A 193 30.33 -48.36 6.47
N THR A 194 30.31 -48.34 7.81
CA THR A 194 31.45 -48.73 8.66
C THR A 194 31.53 -50.24 8.97
N LEU A 195 30.41 -50.96 8.95
CA LEU A 195 30.32 -52.39 9.27
C LEU A 195 31.46 -53.27 8.73
N GLU A 196 31.72 -53.23 7.42
CA GLU A 196 32.78 -54.04 6.81
C GLU A 196 34.20 -53.47 7.00
N HIS A 197 34.36 -52.25 7.52
CA HIS A 197 35.67 -51.65 7.74
C HIS A 197 36.16 -51.70 9.19
N SER A 198 35.27 -51.94 10.14
CA SER A 198 35.61 -51.98 11.55
C SER A 198 35.82 -53.41 12.01
N ASP A 199 36.76 -53.63 12.92
CA ASP A 199 37.02 -54.96 13.46
C ASP A 199 36.33 -55.23 14.79
N CYS A 200 36.11 -54.17 15.58
CA CYS A 200 35.51 -54.29 16.88
C CYS A 200 35.07 -52.90 17.31
N ALA A 201 33.82 -52.74 17.76
CA ALA A 201 33.31 -51.45 18.18
C ALA A 201 32.73 -51.54 19.59
N PHE A 202 33.24 -50.73 20.50
CA PHE A 202 32.75 -50.67 21.86
C PHE A 202 31.77 -49.50 21.95
N MET A 203 30.47 -49.79 21.91
CA MET A 203 29.41 -48.79 21.97
C MET A 203 29.16 -48.38 23.42
N VAL A 204 28.89 -47.09 23.61
CA VAL A 204 28.59 -46.51 24.91
C VAL A 204 27.31 -45.71 24.73
N ASP A 205 26.26 -46.13 25.39
CA ASP A 205 24.94 -45.49 25.36
C ASP A 205 24.95 -44.33 26.36
N ASN A 206 24.75 -43.08 25.90
CA ASN A 206 24.74 -41.92 26.78
C ASN A 206 23.72 -42.04 27.91
N GLU A 207 22.60 -42.78 27.70
CA GLU A 207 21.58 -42.97 28.73
C GLU A 207 22.11 -43.86 29.86
N ALA A 208 22.85 -44.92 29.52
CA ALA A 208 23.43 -45.80 30.53
C ALA A 208 24.46 -45.06 31.39
N ILE A 209 25.37 -44.30 30.76
CA ILE A 209 26.37 -43.51 31.49
C ILE A 209 25.71 -42.38 32.29
N TYR A 210 24.69 -41.76 31.71
CA TYR A 210 23.91 -40.71 32.33
C TYR A 210 23.25 -41.25 33.62
N ASP A 211 22.67 -42.46 33.56
CA ASP A 211 22.03 -43.05 34.73
C ASP A 211 23.04 -43.50 35.78
N ILE A 212 24.21 -44.00 35.36
CA ILE A 212 25.26 -44.38 36.29
C ILE A 212 25.76 -43.13 37.06
N CYS A 213 25.91 -41.99 36.36
CA CYS A 213 26.32 -40.73 36.99
C CYS A 213 25.29 -40.24 38.02
N ARG A 214 24.00 -40.38 37.71
CA ARG A 214 22.91 -39.99 38.61
C ARG A 214 22.83 -40.92 39.82
N ARG A 215 22.75 -42.23 39.59
CA ARG A 215 22.61 -43.22 40.65
C ARG A 215 23.87 -43.39 41.51
N ASN A 216 25.00 -43.78 40.89
CA ASN A 216 26.26 -44.07 41.57
C ASN A 216 27.07 -42.86 42.02
N LEU A 217 27.00 -41.73 41.30
CA LEU A 217 27.83 -40.57 41.66
C LEU A 217 27.05 -39.39 42.29
N ASP A 218 25.73 -39.52 42.45
CA ASP A 218 24.82 -38.55 43.05
C ASP A 218 24.82 -37.20 42.31
N ILE A 219 24.99 -37.23 40.98
CA ILE A 219 24.98 -36.01 40.16
C ILE A 219 23.57 -35.82 39.57
N GLU A 220 22.86 -34.78 40.03
CA GLU A 220 21.48 -34.48 39.61
C GLU A 220 21.29 -34.40 38.09
N ARG A 221 22.05 -33.52 37.42
CA ARG A 221 21.98 -33.34 35.98
C ARG A 221 23.41 -33.46 35.40
N PRO A 222 23.83 -34.70 35.07
CA PRO A 222 25.20 -34.89 34.54
C PRO A 222 25.49 -34.14 33.23
N THR A 223 26.69 -33.56 33.18
CA THR A 223 27.19 -32.83 32.02
C THR A 223 28.13 -33.77 31.21
N TYR A 224 28.58 -33.32 30.02
CA TYR A 224 29.53 -34.07 29.21
C TYR A 224 30.85 -34.30 29.96
N THR A 225 31.26 -33.36 30.84
CA THR A 225 32.47 -33.52 31.64
C THR A 225 32.34 -34.73 32.59
N ASN A 226 31.14 -34.93 33.17
CA ASN A 226 30.86 -36.06 34.06
C ASN A 226 30.86 -37.35 33.25
N LEU A 227 30.15 -37.37 32.11
CA LEU A 227 30.03 -38.55 31.27
C LEU A 227 31.38 -39.01 30.70
N ASN A 228 32.19 -38.07 30.19
CA ASN A 228 33.47 -38.36 29.56
C ASN A 228 34.53 -38.83 30.52
N ARG A 229 34.51 -38.33 31.77
CA ARG A 229 35.48 -38.79 32.77
C ARG A 229 35.23 -40.26 33.09
N LEU A 230 33.95 -40.67 33.13
CA LEU A 230 33.57 -42.05 33.33
C LEU A 230 33.95 -42.87 32.08
N ILE A 231 33.66 -42.35 30.85
CA ILE A 231 34.07 -43.04 29.61
C ILE A 231 35.58 -43.26 29.54
N GLY A 232 36.36 -42.25 29.95
CA GLY A 232 37.81 -42.31 30.00
C GLY A 232 38.31 -43.45 30.86
N GLN A 233 37.63 -43.70 31.99
CA GLN A 233 37.93 -44.78 32.93
C GLN A 233 37.76 -46.15 32.23
N ILE A 234 36.69 -46.31 31.47
CA ILE A 234 36.44 -47.54 30.75
C ILE A 234 37.47 -47.71 29.62
N VAL A 235 37.73 -46.66 28.83
CA VAL A 235 38.71 -46.72 27.74
C VAL A 235 40.11 -47.06 28.28
N SER A 236 40.50 -46.43 29.40
CA SER A 236 41.78 -46.69 30.04
C SER A 236 41.89 -48.15 30.48
N SER A 237 40.79 -48.75 30.97
CA SER A 237 40.75 -50.15 31.39
C SER A 237 40.97 -51.08 30.20
N ILE A 238 40.35 -50.75 29.05
CA ILE A 238 40.49 -51.55 27.84
C ILE A 238 41.90 -51.41 27.17
N THR A 239 42.49 -50.19 27.21
CA THR A 239 43.81 -49.96 26.60
C THR A 239 44.99 -50.24 27.55
N ALA A 240 44.73 -50.43 28.86
CA ALA A 240 45.78 -50.66 29.87
C ALA A 240 46.82 -51.70 29.51
N SER A 241 46.42 -52.82 28.88
CA SER A 241 47.37 -53.86 28.51
C SER A 241 48.17 -53.56 27.25
N LEU A 242 47.85 -52.47 26.51
CA LEU A 242 48.68 -52.04 25.38
C LEU A 242 49.73 -51.02 25.90
N ARG A 243 49.35 -50.19 26.89
CA ARG A 243 50.20 -49.12 27.43
C ARG A 243 51.09 -49.53 28.60
N PHE A 244 50.81 -50.70 29.20
CA PHE A 244 51.62 -51.29 30.27
C PHE A 244 51.93 -52.73 29.85
N ASP A 245 52.98 -53.36 30.39
CA ASP A 245 53.30 -54.75 30.02
C ASP A 245 52.30 -55.79 30.63
N GLY A 246 51.10 -55.85 30.07
CA GLY A 246 50.01 -56.71 30.51
C GLY A 246 50.03 -58.11 29.91
N ALA A 247 49.03 -58.96 30.23
CA ALA A 247 49.03 -60.34 29.73
C ALA A 247 47.85 -60.72 28.81
N LEU A 248 46.70 -60.04 28.97
CA LEU A 248 45.56 -60.26 28.10
C LEU A 248 45.39 -59.02 27.21
N ASN A 249 44.88 -59.17 25.96
CA ASN A 249 44.66 -58.08 24.98
C ASN A 249 45.93 -57.22 24.81
N VAL A 250 47.02 -57.94 24.58
CA VAL A 250 48.39 -57.48 24.47
C VAL A 250 48.67 -56.73 23.14
N ASP A 251 47.89 -57.06 22.13
CA ASP A 251 47.90 -56.42 20.85
C ASP A 251 46.44 -56.25 20.37
N LEU A 252 46.22 -55.40 19.37
CA LEU A 252 44.89 -55.07 18.89
C LEU A 252 44.16 -56.25 18.23
N THR A 253 44.89 -57.10 17.52
CA THR A 253 44.37 -58.32 16.89
C THR A 253 43.77 -59.27 17.92
N GLU A 254 44.33 -59.27 19.14
CA GLU A 254 43.84 -60.10 20.22
C GLU A 254 42.40 -59.75 20.61
N PHE A 255 41.94 -58.51 20.34
CA PHE A 255 40.55 -58.12 20.63
C PHE A 255 39.57 -58.88 19.73
N GLN A 256 39.86 -58.97 18.41
CA GLN A 256 39.04 -59.72 17.44
C GLN A 256 39.11 -61.20 17.79
N THR A 257 40.31 -61.71 18.14
CA THR A 257 40.49 -63.11 18.50
C THR A 257 39.66 -63.47 19.73
N ASN A 258 39.77 -62.68 20.81
CA ASN A 258 39.10 -62.94 22.09
C ASN A 258 37.63 -62.57 22.13
N LEU A 259 37.16 -61.62 21.30
CA LEU A 259 35.76 -61.20 21.39
C LEU A 259 34.93 -61.35 20.12
N VAL A 260 35.53 -61.50 18.92
CA VAL A 260 34.75 -61.49 17.69
C VAL A 260 34.81 -62.81 16.87
N PRO A 261 33.85 -63.74 17.07
CA PRO A 261 33.79 -64.99 16.28
C PRO A 261 33.34 -64.83 14.82
N TYR A 262 32.60 -63.76 14.51
CA TYR A 262 32.13 -63.46 13.15
C TYR A 262 32.33 -61.98 12.88
N PRO A 263 32.79 -61.62 11.67
CA PRO A 263 33.09 -60.22 11.38
C PRO A 263 31.96 -59.22 11.67
N ARG A 264 30.70 -59.52 11.35
CA ARG A 264 29.62 -58.55 11.59
C ARG A 264 29.19 -58.38 13.06
N ILE A 265 29.25 -59.43 13.85
CA ILE A 265 28.83 -59.41 15.26
C ILE A 265 29.99 -58.90 16.14
N HIS A 266 30.51 -57.68 15.88
CA HIS A 266 31.69 -57.12 16.52
C HIS A 266 31.37 -56.00 17.51
N PHE A 267 30.23 -56.09 18.21
CA PHE A 267 29.85 -55.05 19.15
C PHE A 267 29.81 -55.59 20.59
N PRO A 268 30.95 -55.65 21.31
CA PRO A 268 30.89 -56.18 22.69
C PRO A 268 30.24 -55.21 23.64
N LEU A 269 29.61 -55.79 24.67
CA LEU A 269 28.98 -55.08 25.75
C LEU A 269 30.05 -54.83 26.83
N VAL A 270 30.16 -53.58 27.29
CA VAL A 270 31.12 -53.23 28.32
C VAL A 270 30.41 -53.07 29.65
N THR A 271 30.96 -53.64 30.72
CA THR A 271 30.44 -53.49 32.08
C THR A 271 31.60 -53.06 32.97
N TYR A 272 31.37 -52.13 33.91
CA TYR A 272 32.46 -51.60 34.72
C TYR A 272 32.06 -51.45 36.17
N ALA A 273 32.98 -51.77 37.09
CA ALA A 273 32.75 -51.63 38.54
C ALA A 273 34.08 -51.55 39.29
N PRO A 274 34.13 -50.82 40.41
CA PRO A 274 33.05 -50.03 41.01
C PRO A 274 33.09 -48.55 40.60
N VAL A 275 31.92 -47.92 40.55
CA VAL A 275 31.79 -46.50 40.26
C VAL A 275 31.28 -45.90 41.58
N ILE A 276 32.19 -45.29 42.35
CA ILE A 276 31.87 -44.73 43.66
C ILE A 276 32.11 -43.23 43.68
N SER A 277 31.22 -42.51 44.36
CA SER A 277 31.31 -41.06 44.49
C SER A 277 32.53 -40.67 45.31
N ALA A 278 33.24 -39.62 44.89
CA ALA A 278 34.40 -39.11 45.62
C ALA A 278 33.99 -38.51 46.96
N GLU A 279 32.77 -37.91 47.00
CA GLU A 279 32.16 -37.27 48.17
C GLU A 279 31.54 -38.23 49.19
N LYS A 280 31.60 -39.55 48.93
CA LYS A 280 31.05 -40.57 49.82
C LYS A 280 31.87 -40.60 51.11
N ALA A 281 31.20 -40.79 52.27
CA ALA A 281 31.87 -40.87 53.57
C ALA A 281 32.62 -42.19 53.69
N TYR A 282 33.95 -42.11 53.99
CA TYR A 282 34.91 -43.21 54.17
C TYR A 282 34.32 -44.62 54.22
N HIS A 283 34.07 -45.19 53.04
CA HIS A 283 33.49 -46.53 52.89
C HIS A 283 34.62 -47.58 52.84
N GLU A 284 34.31 -48.83 53.21
CA GLU A 284 35.30 -49.91 53.16
C GLU A 284 35.50 -50.36 51.71
N GLN A 285 36.72 -50.75 51.36
CA GLN A 285 37.05 -51.19 50.01
C GLN A 285 36.30 -52.45 49.57
N LEU A 286 35.75 -52.42 48.35
CA LEU A 286 35.02 -53.53 47.73
C LEU A 286 35.95 -54.68 47.37
N SER A 287 35.55 -55.90 47.70
CA SER A 287 36.32 -57.10 47.44
C SER A 287 36.23 -57.52 45.96
N VAL A 288 37.03 -58.53 45.58
CA VAL A 288 37.02 -59.09 44.22
C VAL A 288 35.64 -59.72 43.95
N ALA A 289 35.06 -60.41 44.96
CA ALA A 289 33.73 -61.01 44.83
C ALA A 289 32.68 -59.93 44.53
N GLU A 290 32.66 -58.83 45.31
CA GLU A 290 31.72 -57.72 45.13
C GLU A 290 31.84 -57.04 43.77
N ILE A 291 33.07 -56.77 43.30
CA ILE A 291 33.22 -56.13 41.98
C ILE A 291 32.90 -57.11 40.83
N THR A 292 33.08 -58.41 41.05
CA THR A 292 32.76 -59.44 40.05
C THR A 292 31.27 -59.62 39.94
N ASN A 293 30.55 -59.61 41.07
CA ASN A 293 29.10 -59.71 41.10
C ASN A 293 28.49 -58.52 40.32
N ALA A 294 29.05 -57.33 40.51
CA ALA A 294 28.62 -56.10 39.84
C ALA A 294 28.70 -56.18 38.29
N CYS A 295 29.65 -57.01 37.79
CA CYS A 295 29.86 -57.35 36.38
C CYS A 295 28.66 -57.99 35.76
N PHE A 296 27.90 -58.74 36.55
CA PHE A 296 26.73 -59.45 36.07
C PHE A 296 25.43 -58.71 36.44
N GLU A 297 25.53 -57.38 36.59
CA GLU A 297 24.36 -56.58 36.91
C GLU A 297 24.08 -55.57 35.80
N PRO A 298 22.88 -55.64 35.20
CA PRO A 298 22.52 -54.69 34.13
C PRO A 298 22.73 -53.20 34.42
N ALA A 299 22.57 -52.74 35.68
CA ALA A 299 22.75 -51.32 36.03
C ALA A 299 24.18 -50.79 35.85
N ASN A 300 25.18 -51.69 35.74
CA ASN A 300 26.59 -51.30 35.55
C ASN A 300 27.07 -51.36 34.09
N GLN A 301 26.18 -51.76 33.16
CA GLN A 301 26.48 -51.84 31.73
C GLN A 301 26.60 -50.47 31.05
N MET A 302 27.43 -50.40 29.97
CA MET A 302 27.62 -49.20 29.12
C MET A 302 26.52 -49.04 28.08
N VAL A 303 25.72 -50.08 27.85
CA VAL A 303 24.60 -50.06 26.91
C VAL A 303 23.38 -50.66 27.59
N LYS A 304 22.21 -50.02 27.45
CA LYS A 304 20.98 -50.55 28.03
C LYS A 304 20.47 -51.70 27.17
N CYS A 305 20.45 -52.90 27.75
CA CYS A 305 20.02 -54.16 27.16
C CYS A 305 19.99 -55.25 28.24
N ASP A 306 19.26 -56.33 27.99
CA ASP A 306 19.10 -57.41 28.96
C ASP A 306 19.87 -58.67 28.54
N PRO A 307 21.03 -58.95 29.18
CA PRO A 307 21.80 -60.18 28.83
C PRO A 307 21.07 -61.50 29.07
N ARG A 308 20.04 -61.50 29.93
CA ARG A 308 19.14 -62.63 30.22
C ARG A 308 18.34 -63.03 28.95
N HIS A 309 18.08 -62.05 28.07
CA HIS A 309 17.39 -62.26 26.79
C HIS A 309 18.37 -62.66 25.66
N GLY A 310 19.63 -62.94 25.99
CA GLY A 310 20.61 -63.31 25.00
C GLY A 310 21.55 -64.42 25.42
N LYS A 311 22.57 -64.64 24.60
CA LYS A 311 23.60 -65.65 24.85
C LYS A 311 24.97 -65.07 24.60
N TYR A 312 25.92 -65.44 25.45
CA TYR A 312 27.29 -65.01 25.36
C TYR A 312 28.02 -65.84 24.33
N MET A 313 28.88 -65.21 23.53
CA MET A 313 29.73 -65.94 22.62
C MET A 313 31.24 -65.76 22.98
N ALA A 314 31.57 -64.82 23.89
CA ALA A 314 32.91 -64.54 24.39
C ALA A 314 32.83 -63.63 25.63
N CYS A 315 33.73 -63.84 26.60
CA CYS A 315 33.72 -63.03 27.81
C CYS A 315 35.14 -62.79 28.33
N CYS A 316 35.46 -61.52 28.61
CA CYS A 316 36.77 -61.08 29.00
C CYS A 316 36.68 -60.27 30.26
N MET A 317 37.37 -60.68 31.33
CA MET A 317 37.38 -59.94 32.59
C MET A 317 38.72 -59.26 32.72
N LEU A 318 38.74 -57.92 32.78
CA LEU A 318 39.99 -57.18 32.92
C LEU A 318 40.02 -56.55 34.30
N TYR A 319 40.72 -57.21 35.25
CA TYR A 319 40.88 -56.73 36.61
C TYR A 319 42.06 -55.79 36.70
N ARG A 320 42.01 -54.86 37.64
CA ARG A 320 43.03 -53.83 37.77
C ARG A 320 43.27 -53.53 39.26
N GLY A 321 44.53 -53.51 39.68
CA GLY A 321 44.86 -53.19 41.06
C GLY A 321 45.19 -54.39 41.93
N ASP A 322 44.85 -54.27 43.22
CA ASP A 322 45.08 -55.27 44.26
C ASP A 322 44.17 -56.50 44.07
N VAL A 323 44.49 -57.34 43.06
CA VAL A 323 43.68 -58.52 42.69
C VAL A 323 44.55 -59.77 42.57
N VAL A 324 44.13 -60.87 43.20
CA VAL A 324 44.85 -62.15 43.18
C VAL A 324 44.02 -63.24 42.45
N PRO A 325 44.66 -64.07 41.61
CA PRO A 325 43.92 -65.08 40.82
C PRO A 325 42.99 -66.00 41.62
N LYS A 326 43.41 -66.39 42.83
CA LYS A 326 42.60 -67.24 43.68
C LYS A 326 41.25 -66.56 44.01
N ASP A 327 41.26 -65.24 44.30
CA ASP A 327 40.04 -64.51 44.63
C ASP A 327 39.12 -64.37 43.41
N VAL A 328 39.70 -64.24 42.20
CA VAL A 328 38.95 -64.14 40.95
C VAL A 328 38.22 -65.46 40.67
N ASN A 329 38.95 -66.59 40.76
CA ASN A 329 38.38 -67.92 40.50
C ASN A 329 37.27 -68.29 41.48
N ALA A 330 37.44 -67.92 42.76
CA ALA A 330 36.43 -68.16 43.78
C ALA A 330 35.18 -67.34 43.47
N ALA A 331 35.34 -66.10 42.99
CA ALA A 331 34.24 -65.21 42.64
C ALA A 331 33.47 -65.75 41.44
N ILE A 332 34.18 -66.18 40.36
CA ILE A 332 33.56 -66.75 39.16
C ILE A 332 32.85 -68.07 39.48
N ALA A 333 33.41 -68.88 40.39
CA ALA A 333 32.79 -70.15 40.78
C ALA A 333 31.43 -69.91 41.43
N THR A 334 31.31 -68.89 42.30
CA THR A 334 30.01 -68.61 42.92
C THR A 334 28.98 -68.12 41.91
N ILE A 335 29.38 -67.26 40.96
CA ILE A 335 28.46 -66.76 39.95
C ILE A 335 27.87 -67.89 39.10
N LYS A 336 28.70 -68.85 38.67
CA LYS A 336 28.18 -70.00 37.89
C LYS A 336 27.18 -70.82 38.74
N THR A 337 27.46 -70.94 40.05
CA THR A 337 26.64 -71.67 41.01
C THR A 337 25.21 -71.12 41.10
N LYS A 338 25.07 -69.78 41.20
CA LYS A 338 23.76 -69.13 41.36
C LYS A 338 23.12 -68.60 40.07
N ARG A 339 23.90 -68.37 39.02
CA ARG A 339 23.39 -67.80 37.77
C ARG A 339 23.57 -68.73 36.57
N THR A 340 22.78 -68.54 35.51
CA THR A 340 22.85 -69.41 34.34
C THR A 340 24.03 -69.06 33.42
N ILE A 341 24.17 -67.79 32.98
CA ILE A 341 25.25 -67.34 32.06
C ILE A 341 25.26 -68.23 30.81
N GLN A 342 24.18 -68.18 30.03
CA GLN A 342 24.04 -69.01 28.86
C GLN A 342 24.96 -68.58 27.73
N PHE A 343 25.75 -69.52 27.29
CA PHE A 343 26.63 -69.34 26.16
C PHE A 343 26.02 -70.04 24.94
N VAL A 344 26.38 -69.59 23.74
CA VAL A 344 25.94 -70.26 22.52
C VAL A 344 26.51 -71.69 22.49
N ASP A 345 25.82 -72.62 21.83
CA ASP A 345 26.21 -74.02 21.79
C ASP A 345 27.54 -74.32 21.12
N TRP A 346 27.97 -73.44 20.25
CA TRP A 346 29.22 -73.58 19.51
C TRP A 346 30.44 -72.90 20.18
N CYS A 347 30.27 -72.29 21.38
CA CYS A 347 31.35 -71.64 22.16
C CYS A 347 31.41 -72.31 23.53
N PRO A 348 32.60 -72.43 24.15
CA PRO A 348 32.63 -72.98 25.51
C PRO A 348 32.17 -71.95 26.55
N THR A 349 31.54 -72.41 27.62
CA THR A 349 31.10 -71.56 28.72
C THR A 349 32.34 -71.33 29.56
N GLY A 350 32.78 -70.10 29.62
CA GLY A 350 34.00 -69.75 30.35
C GLY A 350 34.43 -68.32 30.13
N PHE A 351 35.56 -67.95 30.73
CA PHE A 351 36.05 -66.60 30.71
C PHE A 351 37.56 -66.53 30.50
N LYS A 352 38.02 -65.50 29.79
CA LYS A 352 39.42 -65.16 29.62
C LYS A 352 39.61 -64.04 30.65
N VAL A 353 40.54 -64.23 31.58
CA VAL A 353 40.78 -63.31 32.69
C VAL A 353 42.15 -62.69 32.57
N GLY A 354 42.21 -61.39 32.83
CA GLY A 354 43.44 -60.62 32.83
C GLY A 354 43.52 -59.79 34.09
N ILE A 355 44.69 -59.73 34.72
CA ILE A 355 44.92 -58.85 35.86
C ILE A 355 46.02 -57.89 35.46
N ASN A 356 45.76 -56.60 35.55
CA ASN A 356 46.77 -55.59 35.28
C ASN A 356 47.08 -54.99 36.64
N TYR A 357 48.30 -55.16 37.12
CA TYR A 357 48.69 -54.73 38.47
C TYR A 357 48.63 -53.22 38.72
N GLN A 358 48.75 -52.39 37.64
CA GLN A 358 48.67 -50.92 37.74
C GLN A 358 47.34 -50.50 38.38
N PRO A 359 47.39 -49.65 39.41
CA PRO A 359 46.15 -49.26 40.11
C PRO A 359 45.19 -48.44 39.27
N PRO A 360 43.88 -48.52 39.57
CA PRO A 360 42.94 -47.61 38.87
C PRO A 360 43.30 -46.15 39.23
N THR A 361 43.37 -45.26 38.23
CA THR A 361 43.72 -43.87 38.48
C THR A 361 42.50 -42.99 38.27
N VAL A 362 42.30 -42.00 39.14
CA VAL A 362 41.21 -41.05 38.97
C VAL A 362 41.76 -39.63 38.83
N VAL A 363 41.04 -38.78 38.09
CA VAL A 363 41.43 -37.39 37.91
C VAL A 363 41.25 -36.63 39.23
N PRO A 364 42.28 -35.96 39.75
CA PRO A 364 42.13 -35.23 41.01
C PRO A 364 41.06 -34.15 40.89
N GLY A 365 40.14 -34.10 41.84
CA GLY A 365 39.02 -33.16 41.79
C GLY A 365 37.83 -33.63 40.96
N GLY A 366 37.87 -34.87 40.48
CA GLY A 366 36.79 -35.44 39.70
C GLY A 366 35.68 -35.98 40.59
N ASP A 367 34.72 -36.67 39.96
CA ASP A 367 33.58 -37.22 40.69
C ASP A 367 33.81 -38.64 41.21
N LEU A 368 34.80 -39.36 40.66
CA LEU A 368 35.09 -40.74 41.04
C LEU A 368 36.08 -40.89 42.20
N ALA A 369 35.77 -41.79 43.13
CA ALA A 369 36.63 -42.10 44.27
C ALA A 369 37.78 -43.01 43.79
N LYS A 370 38.98 -42.87 44.38
CA LYS A 370 40.13 -43.72 44.03
C LYS A 370 39.88 -45.08 44.66
N VAL A 371 39.86 -46.16 43.88
CA VAL A 371 39.59 -47.50 44.42
C VAL A 371 40.83 -48.40 44.32
N GLN A 372 40.95 -49.39 45.24
CA GLN A 372 42.08 -50.32 45.30
C GLN A 372 42.02 -51.39 44.20
N ARG A 373 40.82 -51.72 43.73
CA ARG A 373 40.64 -52.71 42.68
C ARG A 373 39.39 -52.42 41.85
N ALA A 374 39.47 -52.65 40.56
CA ALA A 374 38.35 -52.42 39.64
C ALA A 374 38.35 -53.50 38.55
N VAL A 375 37.24 -53.63 37.80
CA VAL A 375 37.13 -54.63 36.76
C VAL A 375 36.31 -54.09 35.59
N CYS A 376 36.74 -54.44 34.38
CA CYS A 376 36.01 -54.11 33.18
C CYS A 376 35.71 -55.43 32.46
N MET A 377 34.43 -55.73 32.25
CA MET A 377 34.06 -56.94 31.51
C MET A 377 33.68 -56.58 30.10
N LEU A 378 34.23 -57.31 29.14
CA LEU A 378 33.93 -57.14 27.72
C LEU A 378 33.27 -58.45 27.33
N SER A 379 31.99 -58.43 26.96
CA SER A 379 31.32 -59.66 26.57
C SER A 379 30.57 -59.51 25.28
N ASN A 380 30.77 -60.46 24.36
CA ASN A 380 30.02 -60.44 23.11
C ASN A 380 28.75 -61.22 23.33
N THR A 381 27.66 -60.53 23.56
CA THR A 381 26.34 -61.13 23.78
C THR A 381 25.36 -60.72 22.67
N THR A 382 24.45 -61.65 22.30
CA THR A 382 23.38 -61.38 21.34
C THR A 382 22.31 -60.38 21.90
N ALA A 383 22.36 -60.06 23.22
CA ALA A 383 21.46 -59.12 23.89
C ALA A 383 21.67 -57.68 23.41
N ILE A 384 22.85 -57.36 22.85
CA ILE A 384 23.14 -56.01 22.31
C ILE A 384 22.26 -55.67 21.08
N ALA A 385 21.65 -56.70 20.44
CA ALA A 385 20.72 -56.51 19.32
C ALA A 385 19.50 -55.67 19.72
N GLU A 386 19.20 -55.58 21.03
CA GLU A 386 18.11 -54.77 21.58
C GLU A 386 18.36 -53.28 21.33
N ALA A 387 19.62 -52.84 21.41
CA ALA A 387 19.99 -51.45 21.15
C ALA A 387 19.78 -51.13 19.67
N TRP A 388 20.12 -52.08 18.77
CA TRP A 388 19.91 -51.89 17.34
C TRP A 388 18.43 -51.85 17.01
N ALA A 389 17.63 -52.69 17.65
CA ALA A 389 16.19 -52.74 17.44
C ALA A 389 15.53 -51.41 17.81
N ARG A 390 15.96 -50.79 18.94
CA ARG A 390 15.40 -49.49 19.39
C ARG A 390 15.70 -48.40 18.38
N LEU A 391 16.93 -48.41 17.87
CA LEU A 391 17.40 -47.45 16.88
C LEU A 391 16.66 -47.66 15.56
N ASP A 392 16.52 -48.92 15.10
CA ASP A 392 15.87 -49.27 13.85
C ASP A 392 14.42 -48.88 13.83
N HIS A 393 13.73 -48.99 14.98
CA HIS A 393 12.32 -48.63 15.10
C HIS A 393 12.09 -47.12 14.91
N LYS A 394 12.96 -46.30 15.51
CA LYS A 394 12.90 -44.84 15.40
C LYS A 394 13.15 -44.43 13.96
N PHE A 395 14.10 -45.12 13.27
CA PHE A 395 14.40 -44.91 11.86
C PHE A 395 13.15 -45.16 11.03
N ASP A 396 12.48 -46.31 11.24
CA ASP A 396 11.28 -46.73 10.52
C ASP A 396 10.13 -45.79 10.67
N LEU A 397 9.90 -45.26 11.89
CA LEU A 397 8.79 -44.33 12.16
C LEU A 397 8.94 -43.08 11.28
N MET A 398 10.14 -42.49 11.26
CA MET A 398 10.42 -41.29 10.47
C MET A 398 10.49 -41.56 8.97
N TYR A 399 11.21 -42.64 8.56
CA TYR A 399 11.41 -43.00 7.16
C TYR A 399 10.13 -43.39 6.44
N ALA A 400 9.14 -43.97 7.15
CA ALA A 400 7.85 -44.28 6.52
C ALA A 400 7.18 -43.01 5.95
N LYS A 401 7.46 -41.84 6.55
CA LYS A 401 6.91 -40.57 6.07
C LYS A 401 7.92 -39.77 5.23
N ARG A 402 9.17 -40.27 5.08
CA ARG A 402 10.28 -39.57 4.41
C ARG A 402 10.59 -38.25 5.16
N ALA A 403 10.35 -38.21 6.50
CA ALA A 403 10.57 -37.03 7.31
C ALA A 403 12.08 -36.74 7.38
N PHE A 404 12.47 -35.49 7.11
CA PHE A 404 13.85 -34.98 7.13
C PHE A 404 14.75 -35.51 6.01
N VAL A 405 14.26 -36.46 5.19
CA VAL A 405 15.04 -37.08 4.11
C VAL A 405 15.53 -36.07 3.06
N HIS A 406 14.78 -34.99 2.83
CA HIS A 406 15.16 -33.96 1.89
C HIS A 406 16.49 -33.28 2.24
N TRP A 407 16.88 -33.30 3.52
CA TRP A 407 18.15 -32.72 3.95
C TRP A 407 19.35 -33.54 3.43
N TYR A 408 19.18 -34.85 3.34
CA TYR A 408 20.22 -35.78 2.90
C TYR A 408 20.26 -35.81 1.39
N VAL A 409 19.08 -35.85 0.74
CA VAL A 409 18.94 -35.84 -0.70
C VAL A 409 19.51 -34.55 -1.30
N GLY A 410 19.30 -33.41 -0.64
CA GLY A 410 19.85 -32.11 -1.04
C GLY A 410 21.37 -32.06 -1.04
N GLU A 411 22.02 -32.97 -0.29
CA GLU A 411 23.48 -33.08 -0.27
C GLU A 411 24.05 -34.09 -1.31
N GLY A 412 23.19 -34.69 -2.13
CA GLY A 412 23.62 -35.64 -3.15
C GLY A 412 23.38 -37.10 -2.81
N MET A 413 22.84 -37.38 -1.61
CA MET A 413 22.51 -38.74 -1.22
C MET A 413 21.25 -39.16 -1.95
N GLU A 414 21.08 -40.45 -2.16
CA GLU A 414 19.87 -40.97 -2.78
C GLU A 414 19.03 -41.69 -1.73
N GLU A 415 17.69 -41.74 -1.95
CA GLU A 415 16.79 -42.48 -1.05
C GLU A 415 17.16 -43.94 -0.92
N GLY A 416 17.69 -44.52 -1.99
CA GLY A 416 18.11 -45.92 -2.00
C GLY A 416 19.15 -46.22 -0.94
N GLU A 417 20.03 -45.25 -0.63
CA GLU A 417 21.03 -45.43 0.42
C GLU A 417 20.38 -45.62 1.80
N PHE A 418 19.22 -45.00 2.04
CA PHE A 418 18.50 -45.18 3.29
C PHE A 418 17.95 -46.59 3.36
N SER A 419 17.38 -47.10 2.26
CA SER A 419 16.85 -48.47 2.16
C SER A 419 17.98 -49.49 2.33
N GLU A 420 19.12 -49.28 1.66
CA GLU A 420 20.27 -50.16 1.75
C GLU A 420 20.80 -50.22 3.17
N ALA A 421 21.01 -49.06 3.81
CA ALA A 421 21.51 -49.00 5.18
C ALA A 421 20.56 -49.73 6.15
N ARG A 422 19.24 -49.50 6.02
CA ARG A 422 18.23 -50.13 6.86
C ARG A 422 18.15 -51.66 6.64
N GLU A 423 18.26 -52.12 5.35
CA GLU A 423 18.25 -53.54 5.00
C GLU A 423 19.50 -54.22 5.59
N ASP A 424 20.64 -53.52 5.62
CA ASP A 424 21.87 -54.06 6.19
C ASP A 424 21.71 -54.23 7.70
N LEU A 425 21.05 -53.29 8.38
CA LEU A 425 20.81 -53.41 9.81
C LEU A 425 19.69 -54.41 10.14
N ALA A 426 18.79 -54.67 9.20
CA ALA A 426 17.80 -55.72 9.36
C ALA A 426 18.53 -57.07 9.28
N ALA A 427 19.54 -57.21 8.37
CA ALA A 427 20.36 -58.42 8.25
C ALA A 427 21.18 -58.61 9.51
N LEU A 428 21.72 -57.54 10.10
CA LEU A 428 22.48 -57.59 11.35
C LEU A 428 21.58 -58.11 12.49
N GLU A 429 20.33 -57.65 12.55
CA GLU A 429 19.40 -58.11 13.57
C GLU A 429 19.14 -59.62 13.41
N LYS A 430 18.94 -60.10 12.15
CA LYS A 430 18.72 -61.52 11.86
C LYS A 430 19.97 -62.33 12.18
N ASP A 431 21.18 -61.77 11.99
CA ASP A 431 22.44 -62.44 12.27
C ASP A 431 22.51 -62.72 13.77
N TYR A 432 22.16 -61.75 14.62
CA TYR A 432 22.19 -61.95 16.06
C TYR A 432 21.24 -63.06 16.49
N GLU A 433 20.07 -63.14 15.83
CA GLU A 433 19.06 -64.14 16.07
C GLU A 433 19.56 -65.54 15.65
N GLU A 434 20.17 -65.66 14.46
CA GLU A 434 20.69 -66.94 13.93
C GLU A 434 21.88 -67.45 14.72
N VAL A 435 22.79 -66.56 15.10
CA VAL A 435 24.00 -66.87 15.86
C VAL A 435 23.65 -67.34 17.29
N GLY A 436 22.56 -66.84 17.85
CA GLY A 436 22.13 -67.25 19.17
C GLY A 436 21.05 -68.31 19.22
N MET A 437 20.70 -68.93 18.07
CA MET A 437 19.61 -69.90 18.00
C MET A 437 19.82 -71.12 18.93
N ASP A 438 20.93 -71.85 18.77
CA ASP A 438 21.22 -73.00 19.66
C ASP A 438 22.45 -72.66 20.49
N MET B 1 29.82 -21.25 10.66
CA MET B 1 28.52 -20.76 11.08
C MET B 1 28.66 -19.74 12.20
N ARG B 2 29.06 -18.54 11.82
CA ARG B 2 29.31 -17.49 12.78
C ARG B 2 28.36 -16.30 12.59
N GLU B 3 28.55 -15.54 11.52
CA GLU B 3 27.82 -14.34 11.29
C GLU B 3 26.45 -14.49 10.71
N ILE B 4 25.53 -13.67 11.20
CA ILE B 4 24.21 -13.52 10.65
C ILE B 4 24.13 -12.09 10.08
N VAL B 5 23.52 -11.93 8.89
CA VAL B 5 23.27 -10.61 8.33
C VAL B 5 21.78 -10.32 8.51
N HIS B 6 21.45 -9.27 9.24
CA HIS B 6 20.07 -8.89 9.52
C HIS B 6 19.58 -7.78 8.57
N ILE B 7 18.37 -7.92 8.02
CA ILE B 7 17.78 -6.92 7.14
C ILE B 7 16.39 -6.61 7.67
N GLN B 8 16.05 -5.32 7.74
CA GLN B 8 14.73 -4.90 8.16
C GLN B 8 14.12 -4.03 7.03
N ALA B 9 12.90 -4.36 6.57
CA ALA B 9 12.28 -3.67 5.44
C ALA B 9 10.87 -3.12 5.72
N GLY B 10 10.64 -1.86 5.35
CA GLY B 10 9.35 -1.22 5.57
C GLY B 10 9.18 -0.75 7.00
N GLN B 11 8.04 -0.09 7.31
CA GLN B 11 7.78 0.45 8.64
C GLN B 11 7.78 -0.60 9.73
N CYS B 12 6.95 -1.66 9.59
CA CYS B 12 6.86 -2.71 10.59
C CYS B 12 8.21 -3.40 10.79
N GLY B 13 8.86 -3.79 9.69
CA GLY B 13 10.16 -4.44 9.73
C GLY B 13 11.22 -3.64 10.47
N ASN B 14 11.26 -2.33 10.23
CA ASN B 14 12.20 -1.44 10.92
C ASN B 14 11.83 -1.17 12.38
N GLN B 15 10.54 -1.15 12.69
CA GLN B 15 10.08 -0.94 14.06
C GLN B 15 10.36 -2.16 14.98
N ILE B 16 10.02 -3.38 14.53
CA ILE B 16 10.31 -4.58 15.31
C ILE B 16 11.83 -4.88 15.29
N GLY B 17 12.51 -4.53 14.20
CA GLY B 17 13.95 -4.71 14.09
C GLY B 17 14.71 -3.80 15.03
N ALA B 18 14.33 -2.50 15.12
CA ALA B 18 14.99 -1.59 16.06
C ALA B 18 14.80 -2.09 17.50
N LYS B 19 13.58 -2.59 17.83
CA LYS B 19 13.27 -3.16 19.13
C LYS B 19 14.10 -4.43 19.45
N PHE B 20 14.35 -5.30 18.44
CA PHE B 20 15.20 -6.48 18.55
C PHE B 20 16.62 -6.02 18.88
N TRP B 21 17.15 -5.04 18.15
CA TRP B 21 18.50 -4.55 18.41
C TRP B 21 18.63 -3.91 19.77
N GLU B 22 17.59 -3.21 20.23
CA GLU B 22 17.60 -2.60 21.55
C GLU B 22 17.59 -3.65 22.70
N ILE B 23 16.76 -4.74 22.62
CA ILE B 23 16.71 -5.79 23.64
C ILE B 23 18.00 -6.60 23.71
N ILE B 24 18.52 -7.08 22.55
CA ILE B 24 19.72 -7.91 22.56
C ILE B 24 20.95 -7.08 22.91
N SER B 25 20.95 -5.76 22.67
CA SER B 25 22.07 -4.91 23.07
C SER B 25 22.11 -4.85 24.59
N ASP B 26 20.96 -4.64 25.23
CA ASP B 26 20.88 -4.62 26.69
C ASP B 26 21.34 -5.95 27.30
N GLU B 27 20.91 -7.09 26.71
CA GLU B 27 21.28 -8.43 27.18
C GLU B 27 22.77 -8.71 27.04
N HIS B 28 23.37 -8.21 25.98
CA HIS B 28 24.80 -8.37 25.73
C HIS B 28 25.67 -7.25 26.36
N GLY B 29 25.06 -6.33 27.11
CA GLY B 29 25.76 -5.25 27.78
C GLY B 29 26.31 -4.17 26.88
N ILE B 30 25.67 -3.96 25.73
CA ILE B 30 26.08 -2.96 24.75
C ILE B 30 25.21 -1.70 24.87
N ASP B 31 25.85 -0.53 25.10
CA ASP B 31 25.12 0.73 25.22
C ASP B 31 24.79 1.36 23.83
N ALA B 32 24.05 2.49 23.81
CA ALA B 32 23.62 3.18 22.59
C ALA B 32 24.77 3.65 21.67
N THR B 33 26.00 3.77 22.22
CA THR B 33 27.17 4.15 21.43
C THR B 33 27.96 2.92 20.89
N GLY B 34 27.52 1.70 21.21
CA GLY B 34 28.19 0.48 20.80
C GLY B 34 29.27 0.02 21.77
N ALA B 35 29.36 0.63 22.95
CA ALA B 35 30.38 0.27 23.92
C ALA B 35 29.93 -0.86 24.85
N TYR B 36 30.84 -1.80 25.13
CA TYR B 36 30.52 -2.91 26.03
C TYR B 36 30.79 -2.51 27.48
N HIS B 37 29.77 -2.63 28.32
CA HIS B 37 29.87 -2.30 29.74
C HIS B 37 29.14 -3.37 30.59
N GLY B 38 29.30 -4.63 30.23
CA GLY B 38 28.70 -5.72 31.00
C GLY B 38 29.61 -6.25 32.08
N ASP B 39 29.20 -7.35 32.72
CA ASP B 39 30.01 -8.00 33.75
C ASP B 39 29.99 -9.54 33.64
N SER B 40 29.69 -10.07 32.44
CA SER B 40 29.72 -11.50 32.17
C SER B 40 30.40 -11.81 30.85
N ASP B 41 31.19 -12.89 30.83
CA ASP B 41 31.89 -13.33 29.62
C ASP B 41 30.93 -14.04 28.65
N LEU B 42 29.80 -14.58 29.15
CA LEU B 42 28.77 -15.20 28.30
C LEU B 42 28.15 -14.17 27.34
N GLN B 43 28.19 -12.87 27.73
CA GLN B 43 27.67 -11.77 26.93
C GLN B 43 28.51 -11.53 25.68
N LEU B 44 29.82 -11.75 25.74
CA LEU B 44 30.68 -11.51 24.58
C LEU B 44 31.12 -12.74 23.83
N GLU B 45 30.95 -13.95 24.41
CA GLU B 45 31.40 -15.19 23.79
C GLU B 45 30.97 -15.34 22.32
N ARG B 46 29.68 -15.09 22.03
CA ARG B 46 29.17 -15.18 20.68
C ARG B 46 28.64 -13.83 20.16
N ILE B 47 29.26 -12.71 20.58
CA ILE B 47 28.85 -11.36 20.16
C ILE B 47 28.95 -11.18 18.64
N ASN B 48 29.92 -11.87 18.00
CA ASN B 48 30.15 -11.76 16.56
C ASN B 48 29.05 -12.33 15.68
N VAL B 49 28.09 -13.08 16.24
CA VAL B 49 26.98 -13.63 15.48
C VAL B 49 26.12 -12.46 14.92
N TYR B 50 25.93 -11.41 15.72
CA TYR B 50 25.13 -10.27 15.33
C TYR B 50 25.90 -8.94 15.20
N TYR B 51 27.06 -8.79 15.86
CA TYR B 51 27.79 -7.53 15.84
C TYR B 51 29.18 -7.64 15.24
N ASN B 52 29.59 -6.59 14.53
CA ASN B 52 30.93 -6.44 14.01
C ASN B 52 31.70 -5.64 15.07
N GLU B 53 33.01 -5.87 15.17
CA GLU B 53 33.83 -5.08 16.08
C GLU B 53 34.48 -3.99 15.25
N ALA B 54 34.16 -2.73 15.55
CA ALA B 54 34.71 -1.56 14.87
C ALA B 54 35.98 -1.01 15.63
N SER B 55 36.63 0.06 15.12
CA SER B 55 37.80 0.64 15.77
C SER B 55 37.45 1.20 17.15
N GLY B 56 38.26 0.86 18.14
CA GLY B 56 38.07 1.34 19.50
C GLY B 56 37.16 0.52 20.40
N GLY B 57 37.10 -0.79 20.17
CA GLY B 57 36.30 -1.68 21.00
C GLY B 57 34.79 -1.53 20.92
N LYS B 58 34.28 -0.77 19.94
CA LYS B 58 32.85 -0.60 19.77
C LYS B 58 32.26 -1.71 18.89
N TYR B 59 31.01 -2.08 19.15
CA TYR B 59 30.28 -3.12 18.46
C TYR B 59 29.19 -2.50 17.61
N VAL B 60 29.12 -2.87 16.33
CA VAL B 60 28.14 -2.31 15.42
C VAL B 60 27.27 -3.42 14.81
N PRO B 61 25.94 -3.33 15.01
CA PRO B 61 25.03 -4.36 14.45
C PRO B 61 25.26 -4.64 12.96
N ARG B 62 25.24 -5.91 12.57
CA ARG B 62 25.39 -6.28 11.15
C ARG B 62 24.00 -6.22 10.55
N ALA B 63 23.45 -5.01 10.51
CA ALA B 63 22.08 -4.77 10.10
C ALA B 63 21.99 -3.81 8.95
N VAL B 64 21.11 -4.11 8.00
CA VAL B 64 20.81 -3.26 6.85
C VAL B 64 19.37 -2.79 7.04
N LEU B 65 19.14 -1.48 7.01
CA LEU B 65 17.82 -0.88 7.25
C LEU B 65 17.29 -0.38 5.91
N VAL B 66 16.16 -0.92 5.46
CA VAL B 66 15.57 -0.64 4.15
C VAL B 66 14.13 -0.10 4.17
N ASP B 67 13.87 0.87 3.31
CA ASP B 67 12.52 1.35 3.08
C ASP B 67 12.45 2.09 1.75
N LEU B 68 11.28 2.13 1.12
CA LEU B 68 11.07 2.91 -0.10
C LEU B 68 10.67 4.37 0.22
N GLU B 69 10.67 4.73 1.50
CA GLU B 69 10.25 6.00 2.03
C GLU B 69 11.25 6.41 3.19
N PRO B 70 11.66 7.68 3.29
CA PRO B 70 12.68 8.06 4.30
C PRO B 70 12.23 8.29 5.75
N GLY B 71 10.94 8.52 5.99
CA GLY B 71 10.47 8.85 7.33
C GLY B 71 10.81 7.82 8.39
N THR B 72 10.71 6.54 8.02
CA THR B 72 11.01 5.42 8.89
C THR B 72 12.48 5.41 9.31
N MET B 73 13.36 5.74 8.37
CA MET B 73 14.79 5.79 8.59
C MET B 73 15.14 6.87 9.62
N ASP B 74 14.52 8.05 9.46
CA ASP B 74 14.70 9.17 10.37
C ASP B 74 14.24 8.80 11.77
N SER B 75 13.06 8.15 11.89
CA SER B 75 12.52 7.75 13.19
C SER B 75 13.38 6.67 13.87
N VAL B 76 14.04 5.80 13.10
CA VAL B 76 14.94 4.79 13.69
C VAL B 76 16.20 5.49 14.18
N ARG B 77 16.83 6.34 13.33
CA ARG B 77 18.03 7.12 13.68
C ARG B 77 17.82 7.94 14.95
N SER B 78 16.60 8.49 15.12
CA SER B 78 16.16 9.31 16.26
C SER B 78 15.77 8.49 17.50
N GLY B 79 15.53 7.20 17.33
CA GLY B 79 15.13 6.31 18.41
C GLY B 79 16.25 6.03 19.40
N PRO B 80 15.93 5.40 20.54
CA PRO B 80 16.95 5.16 21.58
C PRO B 80 18.32 4.64 21.09
N PHE B 81 18.36 3.51 20.35
CA PHE B 81 19.63 2.95 19.88
C PHE B 81 19.95 3.30 18.42
N GLY B 82 19.37 4.38 17.91
CA GLY B 82 19.52 4.80 16.52
C GLY B 82 20.94 5.07 16.04
N GLN B 83 21.79 5.58 16.95
CA GLN B 83 23.18 5.90 16.66
C GLN B 83 24.11 4.69 16.58
N ILE B 84 23.67 3.51 17.06
CA ILE B 84 24.47 2.29 17.03
C ILE B 84 24.64 1.75 15.59
N PHE B 85 23.70 2.02 14.70
CA PHE B 85 23.73 1.50 13.34
C PHE B 85 24.75 2.16 12.44
N ARG B 86 25.29 1.40 11.49
CA ARG B 86 26.25 1.89 10.51
C ARG B 86 25.50 2.85 9.58
N PRO B 87 25.89 4.14 9.52
CA PRO B 87 25.13 5.11 8.71
C PRO B 87 24.93 4.75 7.23
N ASP B 88 25.96 4.16 6.60
CA ASP B 88 25.89 3.74 5.20
C ASP B 88 25.02 2.49 4.98
N ASN B 89 24.52 1.86 6.06
CA ASN B 89 23.64 0.69 5.98
C ASN B 89 22.15 1.06 5.90
N PHE B 90 21.83 2.37 5.94
CA PHE B 90 20.46 2.85 5.80
C PHE B 90 20.26 3.04 4.30
N VAL B 91 19.43 2.21 3.66
CA VAL B 91 19.18 2.30 2.22
C VAL B 91 17.73 2.63 2.02
N PHE B 92 17.44 3.80 1.46
CA PHE B 92 16.05 4.18 1.27
C PHE B 92 15.78 4.93 -0.02
N GLY B 93 14.58 4.74 -0.52
CA GLY B 93 14.10 5.44 -1.69
C GLY B 93 13.32 6.68 -1.26
N GLN B 94 12.66 7.33 -2.21
CA GLN B 94 11.89 8.54 -1.90
C GLN B 94 10.40 8.43 -2.21
N SER B 95 10.03 7.53 -3.13
CA SER B 95 8.67 7.36 -3.64
C SER B 95 7.65 6.66 -2.73
N GLY B 96 8.06 5.57 -2.09
CA GLY B 96 7.13 4.74 -1.31
C GLY B 96 6.50 3.67 -2.21
N ALA B 97 5.85 2.65 -1.62
CA ALA B 97 5.20 1.61 -2.45
C ALA B 97 3.66 1.75 -2.60
N GLY B 98 3.08 2.74 -1.93
CA GLY B 98 1.65 3.02 -1.97
C GLY B 98 0.78 1.87 -1.52
N ASN B 99 1.32 1.09 -0.56
CA ASN B 99 0.67 -0.08 0.04
C ASN B 99 0.38 -1.19 -1.00
N ASN B 100 1.13 -1.20 -2.10
CA ASN B 100 0.92 -2.11 -3.21
C ASN B 100 2.09 -3.08 -3.40
N TRP B 101 1.86 -4.40 -3.14
CA TRP B 101 2.84 -5.47 -3.27
C TRP B 101 3.52 -5.42 -4.63
N ALA B 102 2.76 -5.14 -5.70
CA ALA B 102 3.27 -5.07 -7.07
C ALA B 102 4.28 -3.94 -7.30
N LYS B 103 4.10 -2.78 -6.63
CA LYS B 103 5.05 -1.68 -6.74
C LYS B 103 6.34 -2.05 -5.99
N GLY B 104 6.21 -2.69 -4.82
CA GLY B 104 7.36 -3.12 -4.02
C GLY B 104 8.15 -4.22 -4.70
N HIS B 105 7.46 -5.18 -5.32
CA HIS B 105 8.09 -6.34 -5.92
C HIS B 105 8.60 -6.12 -7.34
N TYR B 106 7.88 -5.35 -8.15
CA TYR B 106 8.23 -5.19 -9.56
C TYR B 106 8.65 -3.81 -10.03
N THR B 107 8.11 -2.73 -9.47
CA THR B 107 8.40 -1.39 -10.01
C THR B 107 9.43 -0.62 -9.13
N GLU B 108 8.98 0.14 -8.11
CA GLU B 108 9.82 0.95 -7.25
C GLU B 108 10.82 0.15 -6.45
N GLY B 109 10.42 -1.05 -6.01
CA GLY B 109 11.28 -1.93 -5.23
C GLY B 109 12.41 -2.44 -6.07
N ALA B 110 12.11 -2.80 -7.32
CA ALA B 110 13.14 -3.26 -8.25
C ALA B 110 14.18 -2.18 -8.52
N GLU B 111 13.78 -0.90 -8.45
CA GLU B 111 14.70 0.22 -8.68
C GLU B 111 15.66 0.43 -7.49
N LEU B 112 15.26 0.03 -6.26
CA LEU B 112 16.07 0.20 -5.06
C LEU B 112 16.84 -1.09 -4.64
N VAL B 113 16.38 -2.26 -5.10
CA VAL B 113 16.90 -3.56 -4.70
C VAL B 113 18.43 -3.70 -4.90
N ASP B 114 19.02 -3.17 -5.98
CA ASP B 114 20.46 -3.29 -6.19
C ASP B 114 21.29 -2.47 -5.17
N SER B 115 20.78 -1.31 -4.72
CA SER B 115 21.43 -0.51 -3.68
C SER B 115 21.46 -1.30 -2.36
N VAL B 116 20.39 -2.08 -2.07
CA VAL B 116 20.31 -2.91 -0.88
C VAL B 116 21.30 -4.06 -0.98
N LEU B 117 21.31 -4.79 -2.11
CA LEU B 117 22.25 -5.90 -2.32
C LEU B 117 23.71 -5.46 -2.24
N ASP B 118 24.05 -4.22 -2.64
CA ASP B 118 25.44 -3.76 -2.51
C ASP B 118 25.87 -3.63 -1.03
N VAL B 119 24.95 -3.17 -0.17
CA VAL B 119 25.19 -3.05 1.28
C VAL B 119 25.20 -4.42 1.95
N VAL B 120 24.27 -5.34 1.59
CA VAL B 120 24.31 -6.67 2.22
C VAL B 120 25.53 -7.44 1.70
N ARG B 121 25.99 -7.20 0.45
CA ARG B 121 27.18 -7.86 -0.09
C ARG B 121 28.43 -7.41 0.65
N LYS B 122 28.51 -6.12 1.03
CA LYS B 122 29.66 -5.62 1.79
C LYS B 122 29.71 -6.29 3.17
N GLU B 123 28.52 -6.47 3.81
CA GLU B 123 28.44 -7.14 5.11
C GLU B 123 28.80 -8.61 4.97
N ALA B 124 28.27 -9.29 3.94
CA ALA B 124 28.53 -10.70 3.66
C ALA B 124 29.99 -10.99 3.34
N GLU B 125 30.62 -10.20 2.44
CA GLU B 125 32.03 -10.45 2.07
C GLU B 125 32.98 -10.31 3.26
N SER B 126 32.60 -9.48 4.23
CA SER B 126 33.37 -9.26 5.45
C SER B 126 33.28 -10.44 6.44
N CYS B 127 32.34 -11.38 6.23
CA CYS B 127 32.14 -12.52 7.10
C CYS B 127 33.17 -13.62 6.94
N ASP B 128 33.69 -14.11 8.05
CA ASP B 128 34.61 -15.23 8.08
C ASP B 128 33.80 -16.52 7.76
N CYS B 129 32.61 -16.66 8.34
CA CYS B 129 31.76 -17.81 8.06
C CYS B 129 30.27 -17.45 8.18
N LEU B 130 29.72 -16.92 7.10
CA LEU B 130 28.35 -16.47 7.03
C LEU B 130 27.30 -17.62 7.20
N GLN B 131 26.46 -17.53 8.23
CA GLN B 131 25.38 -18.52 8.46
C GLN B 131 24.26 -18.30 7.46
N GLY B 132 23.90 -17.03 7.28
CA GLY B 132 22.80 -16.65 6.42
C GLY B 132 22.20 -15.33 6.84
N PHE B 133 20.93 -15.15 6.47
CA PHE B 133 20.20 -13.91 6.57
C PHE B 133 18.94 -14.02 7.41
N GLN B 134 18.65 -12.94 8.13
CA GLN B 134 17.50 -12.79 9.01
C GLN B 134 16.73 -11.53 8.52
N LEU B 135 15.45 -11.66 8.13
CA LEU B 135 14.69 -10.50 7.63
C LEU B 135 13.47 -10.25 8.52
N THR B 136 13.28 -8.99 8.99
CA THR B 136 12.06 -8.62 9.70
C THR B 136 11.24 -7.77 8.74
N HIS B 137 9.95 -8.09 8.59
CA HIS B 137 9.07 -7.35 7.68
C HIS B 137 7.62 -7.69 7.97
N SER B 138 6.68 -6.89 7.45
CA SER B 138 5.28 -7.24 7.52
C SER B 138 4.89 -7.81 6.14
N LEU B 139 3.82 -8.60 6.11
CA LEU B 139 3.27 -9.13 4.85
C LEU B 139 2.12 -8.27 4.27
N GLY B 140 1.57 -7.32 5.04
CA GLY B 140 0.44 -6.53 4.60
C GLY B 140 0.65 -5.28 3.75
N GLY B 141 1.84 -4.68 3.78
CA GLY B 141 2.08 -3.46 3.01
C GLY B 141 2.70 -3.70 1.63
N GLY B 142 3.37 -2.68 1.11
CA GLY B 142 4.03 -2.75 -0.18
C GLY B 142 5.52 -3.01 -0.11
N THR B 143 6.24 -2.31 0.81
CA THR B 143 7.70 -2.41 0.92
C THR B 143 8.14 -3.69 1.63
N GLY B 144 7.74 -3.89 2.88
CA GLY B 144 8.12 -5.09 3.64
C GLY B 144 7.71 -6.35 2.93
N SER B 145 6.51 -6.35 2.40
CA SER B 145 5.96 -7.50 1.72
C SER B 145 6.46 -7.70 0.29
N GLY B 146 6.23 -6.74 -0.60
CA GLY B 146 6.67 -6.87 -1.99
C GLY B 146 8.16 -6.77 -2.18
N MET B 147 8.77 -5.71 -1.64
CA MET B 147 10.21 -5.53 -1.79
C MET B 147 10.99 -6.51 -0.94
N GLY B 148 10.47 -6.83 0.26
CA GLY B 148 11.08 -7.80 1.17
C GLY B 148 11.19 -9.17 0.52
N THR B 149 10.12 -9.62 -0.19
CA THR B 149 10.16 -10.92 -0.89
C THR B 149 11.02 -10.86 -2.14
N LEU B 150 11.12 -9.68 -2.79
CA LEU B 150 11.99 -9.52 -3.95
C LEU B 150 13.46 -9.69 -3.49
N LEU B 151 13.82 -9.08 -2.35
CA LEU B 151 15.14 -9.17 -1.73
C LEU B 151 15.47 -10.61 -1.42
N ILE B 152 14.50 -11.37 -0.87
CA ILE B 152 14.73 -12.76 -0.51
C ILE B 152 15.14 -13.59 -1.72
N SER B 153 14.40 -13.47 -2.85
CA SER B 153 14.74 -14.24 -4.05
C SER B 153 16.03 -13.80 -4.67
N LYS B 154 16.37 -12.49 -4.61
CA LYS B 154 17.64 -12.01 -5.15
C LYS B 154 18.78 -12.55 -4.30
N ILE B 155 18.60 -12.60 -2.95
CA ILE B 155 19.59 -13.12 -1.99
C ILE B 155 19.72 -14.65 -2.17
N ARG B 156 18.61 -15.34 -2.45
CA ARG B 156 18.59 -16.77 -2.73
C ARG B 156 19.45 -17.08 -3.97
N GLU B 157 19.41 -16.21 -4.98
CA GLU B 157 20.17 -16.38 -6.21
C GLU B 157 21.70 -16.22 -5.99
N GLU B 158 22.12 -15.21 -5.19
CA GLU B 158 23.52 -14.92 -4.92
C GLU B 158 24.13 -15.77 -3.78
N TYR B 159 23.31 -16.21 -2.82
CA TYR B 159 23.76 -17.02 -1.69
C TYR B 159 22.85 -18.25 -1.59
N PRO B 160 22.84 -19.15 -2.60
CA PRO B 160 21.94 -20.31 -2.57
C PRO B 160 22.21 -21.32 -1.45
N ASP B 161 23.43 -21.34 -0.93
CA ASP B 161 23.85 -22.26 0.12
C ASP B 161 23.73 -21.68 1.53
N ARG B 162 23.13 -20.49 1.69
CA ARG B 162 22.98 -19.89 3.02
C ARG B 162 21.54 -20.05 3.54
N ILE B 163 21.38 -19.96 4.87
CA ILE B 163 20.05 -20.07 5.46
C ILE B 163 19.31 -18.74 5.34
N MET B 164 18.05 -18.78 4.87
CA MET B 164 17.19 -17.61 4.76
C MET B 164 16.08 -17.75 5.80
N ASN B 165 16.11 -16.84 6.78
CA ASN B 165 15.21 -16.83 7.92
C ASN B 165 14.39 -15.52 7.97
N THR B 166 13.07 -15.59 8.20
CA THR B 166 12.25 -14.39 8.31
C THR B 166 11.40 -14.35 9.59
N TYR B 167 11.10 -13.13 10.02
CA TYR B 167 10.18 -12.77 11.09
C TYR B 167 9.15 -11.99 10.29
N SER B 168 8.04 -12.65 9.95
CA SER B 168 7.00 -12.15 9.07
C SER B 168 5.75 -11.81 9.83
N VAL B 169 5.40 -10.51 9.83
CA VAL B 169 4.24 -10.01 10.54
C VAL B 169 3.01 -10.12 9.67
N VAL B 170 2.07 -10.98 10.09
CA VAL B 170 0.82 -11.26 9.40
C VAL B 170 -0.24 -10.20 9.76
N PRO B 171 -0.91 -9.62 8.73
CA PRO B 171 -1.90 -8.59 9.00
C PRO B 171 -3.19 -9.11 9.63
N SER B 172 -3.88 -8.19 10.30
CA SER B 172 -5.15 -8.44 10.95
C SER B 172 -6.05 -7.21 10.82
N PRO B 173 -7.34 -7.42 10.51
CA PRO B 173 -8.27 -6.27 10.44
C PRO B 173 -8.40 -5.52 11.78
N LYS B 174 -7.99 -6.16 12.90
CA LYS B 174 -8.03 -5.60 14.26
C LYS B 174 -7.05 -4.44 14.45
N VAL B 175 -5.96 -4.41 13.66
CA VAL B 175 -4.94 -3.36 13.67
C VAL B 175 -4.34 -3.22 12.25
N SER B 176 -5.14 -2.64 11.38
CA SER B 176 -4.83 -2.56 9.96
C SER B 176 -4.38 -1.19 9.45
N ASP B 177 -3.45 -1.18 8.47
CA ASP B 177 -2.98 0.06 7.85
C ASP B 177 -3.52 0.27 6.44
N THR B 178 -3.85 -0.81 5.72
CA THR B 178 -4.35 -0.69 4.35
C THR B 178 -5.46 -1.72 4.04
N VAL B 179 -6.35 -1.38 3.11
CA VAL B 179 -7.49 -2.17 2.64
C VAL B 179 -7.06 -3.39 1.81
N VAL B 180 -5.83 -3.40 1.26
CA VAL B 180 -5.40 -4.49 0.38
C VAL B 180 -4.44 -5.50 1.04
N GLU B 181 -4.38 -5.50 2.39
CA GLU B 181 -3.56 -6.41 3.17
C GLU B 181 -3.74 -7.89 2.79
N PRO B 182 -4.96 -8.46 2.59
CA PRO B 182 -5.05 -9.89 2.21
C PRO B 182 -4.39 -10.24 0.88
N TYR B 183 -4.34 -9.29 -0.06
CA TYR B 183 -3.64 -9.52 -1.33
C TYR B 183 -2.15 -9.53 -1.11
N ASN B 184 -1.65 -8.50 -0.43
CA ASN B 184 -0.22 -8.33 -0.19
C ASN B 184 0.32 -9.50 0.62
N ALA B 185 -0.47 -10.02 1.60
CA ALA B 185 -0.07 -11.15 2.44
C ALA B 185 -0.06 -12.46 1.64
N THR B 186 -1.06 -12.70 0.76
CA THR B 186 -1.11 -13.95 -0.03
C THR B 186 0.00 -14.01 -1.05
N LEU B 187 0.27 -12.89 -1.73
CA LEU B 187 1.36 -12.85 -2.72
C LEU B 187 2.71 -13.09 -2.04
N SER B 188 2.88 -12.65 -0.78
CA SER B 188 4.12 -12.86 -0.01
C SER B 188 4.28 -14.27 0.52
N VAL B 189 3.18 -14.91 1.00
CA VAL B 189 3.22 -16.31 1.48
C VAL B 189 3.70 -17.22 0.35
N HIS B 190 3.20 -16.98 -0.87
CA HIS B 190 3.60 -17.72 -2.08
C HIS B 190 5.14 -17.69 -2.24
N GLN B 191 5.75 -16.50 -2.08
CA GLN B 191 7.19 -16.29 -2.15
C GLN B 191 7.92 -17.00 -0.99
N LEU B 192 7.41 -16.88 0.24
CA LEU B 192 8.02 -17.46 1.45
C LEU B 192 8.03 -18.98 1.43
N VAL B 193 6.95 -19.61 0.92
CA VAL B 193 6.85 -21.05 0.80
C VAL B 193 8.01 -21.59 -0.08
N GLU B 194 8.33 -20.87 -1.15
CA GLU B 194 9.34 -21.29 -2.09
C GLU B 194 10.76 -20.84 -1.77
N ASN B 195 10.95 -19.72 -1.04
CA ASN B 195 12.31 -19.18 -0.88
C ASN B 195 12.88 -19.01 0.53
N THR B 196 12.15 -19.34 1.60
CA THR B 196 12.75 -19.25 2.93
C THR B 196 12.96 -20.65 3.49
N ASP B 197 13.89 -20.76 4.44
CA ASP B 197 14.18 -22.01 5.13
C ASP B 197 13.44 -22.08 6.47
N GLU B 198 13.24 -20.92 7.13
CA GLU B 198 12.55 -20.81 8.41
C GLU B 198 11.79 -19.49 8.43
N THR B 199 10.48 -19.51 8.72
CA THR B 199 9.70 -18.29 8.85
C THR B 199 8.95 -18.31 10.18
N TYR B 200 9.17 -17.31 11.03
CA TYR B 200 8.43 -17.16 12.28
C TYR B 200 7.19 -16.32 11.95
N CYS B 201 6.02 -16.91 12.15
CA CYS B 201 4.76 -16.23 11.87
C CYS B 201 4.37 -15.38 13.06
N ILE B 202 4.58 -14.05 12.97
CA ILE B 202 4.22 -13.12 14.02
C ILE B 202 2.87 -12.52 13.61
N ASP B 203 1.79 -13.02 14.19
CA ASP B 203 0.44 -12.59 13.85
C ASP B 203 -0.05 -11.36 14.65
N ASN B 204 -0.38 -10.26 13.96
CA ASN B 204 -0.94 -9.08 14.64
C ASN B 204 -2.30 -9.40 15.30
N GLU B 205 -3.04 -10.41 14.78
CA GLU B 205 -4.32 -10.81 15.35
C GLU B 205 -4.08 -11.36 16.76
N ALA B 206 -3.06 -12.24 16.90
CA ALA B 206 -2.68 -12.84 18.18
C ALA B 206 -2.13 -11.80 19.14
N LEU B 207 -1.25 -10.89 18.64
CA LEU B 207 -0.67 -9.87 19.51
C LEU B 207 -1.76 -8.93 20.04
N TYR B 208 -2.68 -8.48 19.17
CA TYR B 208 -3.80 -7.63 19.57
C TYR B 208 -4.64 -8.34 20.65
N ASP B 209 -4.99 -9.62 20.43
CA ASP B 209 -5.77 -10.43 21.37
C ASP B 209 -5.09 -10.63 22.71
N ILE B 210 -3.74 -10.81 22.75
CA ILE B 210 -3.04 -10.93 24.03
C ILE B 210 -3.14 -9.60 24.79
N CYS B 211 -2.90 -8.48 24.09
CA CYS B 211 -2.97 -7.17 24.73
C CYS B 211 -4.38 -6.86 25.23
N PHE B 212 -5.40 -7.15 24.43
CA PHE B 212 -6.77 -6.85 24.81
C PHE B 212 -7.31 -7.80 25.88
N ARG B 213 -7.27 -9.11 25.62
CA ARG B 213 -7.81 -10.11 26.54
C ARG B 213 -6.98 -10.37 27.80
N THR B 214 -5.67 -10.60 27.65
CA THR B 214 -4.83 -10.96 28.79
C THR B 214 -4.25 -9.74 29.53
N LEU B 215 -3.63 -8.80 28.80
CA LEU B 215 -3.01 -7.63 29.41
C LEU B 215 -4.02 -6.53 29.79
N LYS B 216 -5.30 -6.70 29.39
CA LYS B 216 -6.42 -5.81 29.64
C LYS B 216 -6.16 -4.39 29.16
N LEU B 217 -5.51 -4.26 28.01
CA LEU B 217 -5.27 -2.96 27.40
C LEU B 217 -6.47 -2.75 26.46
N THR B 218 -7.40 -1.85 26.82
CA THR B 218 -8.59 -1.57 26.04
C THR B 218 -8.26 -1.15 24.61
N THR B 219 -7.22 -0.30 24.44
CA THR B 219 -6.80 0.08 23.10
C THR B 219 -5.31 -0.13 22.91
N PRO B 220 -4.91 -1.33 22.50
CA PRO B 220 -3.48 -1.59 22.27
C PRO B 220 -2.87 -0.78 21.12
N THR B 221 -1.62 -0.39 21.28
CA THR B 221 -0.89 0.35 20.27
C THR B 221 0.23 -0.55 19.71
N TYR B 222 0.92 -0.12 18.64
CA TYR B 222 2.05 -0.86 18.11
C TYR B 222 3.15 -1.04 19.17
N GLY B 223 3.29 -0.09 20.10
CA GLY B 223 4.25 -0.20 21.19
C GLY B 223 3.96 -1.40 22.08
N ASP B 224 2.66 -1.64 22.37
CA ASP B 224 2.21 -2.77 23.18
C ASP B 224 2.44 -4.08 22.42
N LEU B 225 2.16 -4.09 21.11
CA LEU B 225 2.32 -5.27 20.26
C LEU B 225 3.81 -5.62 20.13
N ASN B 226 4.66 -4.61 19.87
CA ASN B 226 6.11 -4.75 19.69
C ASN B 226 6.86 -5.13 20.94
N HIS B 227 6.26 -4.94 22.12
CA HIS B 227 6.89 -5.37 23.36
C HIS B 227 6.83 -6.91 23.42
N LEU B 228 5.73 -7.51 22.96
CA LEU B 228 5.60 -8.97 22.94
C LEU B 228 6.55 -9.54 21.88
N VAL B 229 6.67 -8.88 20.71
CA VAL B 229 7.53 -9.31 19.62
C VAL B 229 9.00 -9.27 20.05
N SER B 230 9.41 -8.20 20.77
CA SER B 230 10.81 -8.07 21.15
C SER B 230 11.22 -9.15 22.15
N LEU B 231 10.32 -9.51 23.08
CA LEU B 231 10.59 -10.59 24.02
C LEU B 231 10.63 -11.93 23.31
N THR B 232 9.75 -12.13 22.32
CA THR B 232 9.70 -13.36 21.53
C THR B 232 10.97 -13.53 20.72
N MET B 233 11.42 -12.49 20.02
CA MET B 233 12.63 -12.53 19.19
C MET B 233 13.89 -12.72 20.03
N SER B 234 13.93 -12.13 21.23
CA SER B 234 15.03 -12.35 22.16
C SER B 234 15.04 -13.86 22.58
N GLY B 235 13.86 -14.42 22.80
CA GLY B 235 13.69 -15.82 23.16
C GLY B 235 14.08 -16.80 22.08
N VAL B 236 13.63 -16.58 20.82
CA VAL B 236 13.93 -17.50 19.71
C VAL B 236 15.39 -17.45 19.28
N THR B 237 16.09 -16.32 19.50
CA THR B 237 17.50 -16.20 19.12
C THR B 237 18.48 -16.58 20.21
N THR B 238 18.02 -16.87 21.43
CA THR B 238 18.85 -17.22 22.60
C THR B 238 19.98 -18.20 22.28
N CYS B 239 19.67 -19.29 21.54
CA CYS B 239 20.65 -20.32 21.22
C CYS B 239 21.65 -19.92 20.14
N LEU B 240 21.34 -18.89 19.35
CA LEU B 240 22.26 -18.37 18.37
C LEU B 240 23.29 -17.43 19.01
N ARG B 241 22.94 -16.78 20.16
CA ARG B 241 23.72 -15.72 20.81
C ARG B 241 24.54 -16.10 22.03
N PHE B 242 24.18 -17.19 22.70
CA PHE B 242 24.88 -17.59 23.93
C PHE B 242 25.45 -19.01 23.76
N PRO B 243 26.53 -19.35 24.49
CA PRO B 243 27.07 -20.72 24.36
C PRO B 243 26.06 -21.79 24.76
N GLY B 244 26.00 -22.86 23.97
CA GLY B 244 25.05 -23.94 24.17
C GLY B 244 25.18 -25.04 23.14
N GLN B 245 24.57 -26.19 23.42
CA GLN B 245 24.64 -27.39 22.59
C GLN B 245 23.63 -27.47 21.46
N LEU B 246 22.40 -27.07 21.74
CA LEU B 246 21.26 -27.23 20.87
C LEU B 246 20.95 -26.05 19.99
N ASN B 247 20.63 -26.32 18.70
CA ASN B 247 20.22 -25.34 17.69
C ASN B 247 21.09 -24.08 17.71
N ALA B 248 22.40 -24.27 17.92
CA ALA B 248 23.39 -23.20 18.05
C ALA B 248 23.59 -22.35 16.79
N ASP B 249 23.07 -22.81 15.65
CA ASP B 249 23.18 -22.07 14.40
C ASP B 249 21.93 -22.28 13.54
N LEU B 250 21.73 -21.40 12.54
CA LEU B 250 20.53 -21.43 11.68
C LEU B 250 20.29 -22.76 10.92
N ARG B 251 21.35 -23.46 10.48
CA ARG B 251 21.20 -24.73 9.76
C ARG B 251 20.87 -25.89 10.71
N LYS B 252 21.52 -25.95 11.90
CA LYS B 252 21.17 -26.98 12.88
C LYS B 252 19.71 -26.82 13.36
N LEU B 253 19.24 -25.57 13.49
CA LEU B 253 17.85 -25.31 13.87
C LEU B 253 16.92 -25.82 12.77
N ALA B 254 17.21 -25.49 11.49
CA ALA B 254 16.40 -25.92 10.35
C ALA B 254 16.32 -27.45 10.23
N VAL B 255 17.46 -28.15 10.40
CA VAL B 255 17.51 -29.61 10.35
C VAL B 255 16.64 -30.22 11.46
N ASN B 256 16.60 -29.61 12.65
CA ASN B 256 15.79 -30.11 13.76
C ASN B 256 14.32 -29.76 13.64
N MET B 257 14.01 -28.65 12.98
CA MET B 257 12.66 -28.14 12.93
C MET B 257 11.87 -28.44 11.69
N VAL B 258 12.52 -28.65 10.55
CA VAL B 258 11.84 -28.74 9.26
C VAL B 258 11.89 -30.15 8.63
N PRO B 259 10.85 -30.96 8.85
CA PRO B 259 10.84 -32.31 8.26
C PRO B 259 10.50 -32.38 6.77
N PHE B 260 9.82 -31.39 6.25
CA PHE B 260 9.39 -31.29 4.85
C PHE B 260 9.69 -29.86 4.42
N PRO B 261 10.28 -29.67 3.23
CA PRO B 261 10.75 -28.32 2.86
C PRO B 261 9.73 -27.19 2.93
N ARG B 262 8.50 -27.42 2.51
CA ARG B 262 7.50 -26.33 2.52
C ARG B 262 6.96 -26.03 3.92
N LEU B 263 7.07 -27.00 4.86
CA LEU B 263 6.54 -26.85 6.21
C LEU B 263 7.57 -26.24 7.11
N HIS B 264 7.86 -24.97 6.86
CA HIS B 264 8.87 -24.25 7.60
C HIS B 264 8.32 -22.97 8.26
N PHE B 265 7.02 -22.98 8.61
CA PHE B 265 6.35 -21.82 9.23
C PHE B 265 6.13 -22.13 10.69
N PHE B 266 6.76 -21.34 11.56
CA PHE B 266 6.74 -21.57 12.99
C PHE B 266 5.79 -20.69 13.73
N MET B 267 5.21 -21.29 14.75
CA MET B 267 4.24 -20.70 15.66
C MET B 267 5.04 -20.43 16.93
N PRO B 268 5.46 -19.18 17.17
CA PRO B 268 6.22 -18.90 18.40
C PRO B 268 5.28 -18.76 19.62
N GLY B 269 5.79 -19.18 20.77
CA GLY B 269 5.09 -19.11 22.05
C GLY B 269 5.96 -18.45 23.09
N PHE B 270 5.36 -17.73 24.04
CA PHE B 270 6.13 -17.06 25.08
C PHE B 270 5.37 -17.00 26.40
N ALA B 271 6.10 -17.18 27.50
CA ALA B 271 5.57 -17.05 28.85
C ALA B 271 6.68 -16.45 29.71
N PRO B 272 6.39 -15.49 30.61
CA PRO B 272 5.07 -14.91 30.91
C PRO B 272 4.68 -13.82 29.91
N LEU B 273 3.37 -13.53 29.82
CA LEU B 273 2.90 -12.46 28.95
C LEU B 273 2.89 -11.19 29.78
N THR B 274 3.63 -10.18 29.34
CA THR B 274 3.76 -8.93 30.08
C THR B 274 3.45 -7.71 29.24
N SER B 275 3.08 -6.63 29.93
CA SER B 275 2.86 -5.33 29.34
C SER B 275 4.14 -4.49 29.63
N ARG B 276 4.30 -3.35 28.95
CA ARG B 276 5.46 -2.47 29.15
C ARG B 276 5.50 -1.83 30.56
N GLY B 277 4.40 -1.89 31.30
CA GLY B 277 4.31 -1.29 32.63
C GLY B 277 4.33 -2.24 33.83
N SER B 278 4.46 -3.57 33.59
CA SER B 278 4.49 -4.57 34.67
C SER B 278 5.62 -4.33 35.68
N TYR B 281 2.45 -8.73 38.07
CA TYR B 281 2.91 -10.07 38.47
C TYR B 281 4.37 -10.06 38.96
N ARG B 282 4.81 -11.17 39.61
CA ARG B 282 6.17 -11.29 40.12
C ARG B 282 6.50 -12.74 40.58
N ALA B 283 6.21 -13.78 39.74
CA ALA B 283 6.50 -15.16 40.16
C ALA B 283 6.84 -16.15 38.95
N LEU B 284 5.89 -17.00 38.41
CA LEU B 284 6.07 -17.99 37.34
C LEU B 284 7.09 -19.11 37.69
N THR B 285 6.58 -20.33 37.98
CA THR B 285 7.39 -21.51 38.29
C THR B 285 7.64 -22.37 37.03
N VAL B 286 8.54 -23.37 37.11
CA VAL B 286 8.86 -24.27 36.00
C VAL B 286 7.59 -25.01 35.48
N PRO B 287 6.76 -25.66 36.33
CA PRO B 287 5.55 -26.32 35.80
C PRO B 287 4.60 -25.36 35.09
N GLU B 288 4.47 -24.13 35.63
CA GLU B 288 3.63 -23.07 35.05
C GLU B 288 4.14 -22.68 33.65
N LEU B 289 5.48 -22.55 33.48
CA LEU B 289 6.09 -22.21 32.19
C LEU B 289 5.87 -23.30 31.13
N THR B 290 6.04 -24.58 31.52
CA THR B 290 5.87 -25.68 30.58
C THR B 290 4.43 -25.83 30.09
N GLN B 291 3.45 -25.51 30.94
CA GLN B 291 2.02 -25.60 30.60
C GLN B 291 1.61 -24.67 29.45
N GLN B 292 2.25 -23.50 29.35
CA GLN B 292 1.95 -22.50 28.33
C GLN B 292 2.25 -22.92 26.89
N MET B 293 2.93 -24.06 26.71
CA MET B 293 3.25 -24.62 25.41
C MET B 293 1.99 -25.01 24.62
N PHE B 294 0.93 -25.44 25.31
CA PHE B 294 -0.33 -25.80 24.68
C PHE B 294 -1.40 -24.74 24.82
N ASP B 295 -1.04 -23.56 25.34
CA ASP B 295 -1.98 -22.50 25.59
C ASP B 295 -2.04 -21.56 24.39
N ALA B 296 -3.21 -21.53 23.75
CA ALA B 296 -3.48 -20.66 22.61
C ALA B 296 -3.22 -19.18 22.98
N LYS B 297 -3.50 -18.81 24.26
CA LYS B 297 -3.30 -17.48 24.82
C LYS B 297 -1.85 -17.00 24.81
N ASN B 298 -0.89 -17.94 24.76
CA ASN B 298 0.56 -17.66 24.77
C ASN B 298 1.23 -17.72 23.39
N MET B 299 0.44 -18.03 22.34
CA MET B 299 0.94 -18.11 20.99
C MET B 299 0.95 -16.75 20.27
N MET B 300 2.03 -16.47 19.55
CA MET B 300 2.21 -15.25 18.78
C MET B 300 1.62 -15.37 17.36
N ALA B 301 1.05 -16.52 17.00
CA ALA B 301 0.32 -16.82 15.77
C ALA B 301 -1.10 -17.15 16.27
N ALA B 302 -2.15 -16.63 15.60
CA ALA B 302 -3.52 -16.86 16.11
C ALA B 302 -4.08 -18.24 15.72
N CYS B 303 -3.46 -19.27 16.29
CA CYS B 303 -3.76 -20.67 16.11
C CYS B 303 -3.79 -21.32 17.49
N ASP B 304 -4.63 -22.34 17.63
CA ASP B 304 -4.69 -23.09 18.87
C ASP B 304 -3.83 -24.33 18.68
N PRO B 305 -2.74 -24.51 19.44
CA PRO B 305 -1.90 -25.71 19.28
C PRO B 305 -2.68 -27.03 19.53
N ARG B 306 -3.74 -26.97 20.35
CA ARG B 306 -4.57 -28.15 20.59
C ARG B 306 -5.54 -28.48 19.42
N HIS B 307 -5.55 -27.65 18.38
CA HIS B 307 -6.33 -27.89 17.18
C HIS B 307 -5.57 -28.74 16.14
N GLY B 308 -4.28 -28.96 16.36
CA GLY B 308 -3.41 -29.73 15.49
C GLY B 308 -2.41 -30.54 16.27
N ARG B 309 -1.29 -30.89 15.63
CA ARG B 309 -0.22 -31.68 16.24
C ARG B 309 1.11 -31.05 15.93
N TYR B 310 2.01 -31.09 16.90
CA TYR B 310 3.36 -30.61 16.75
C TYR B 310 4.20 -31.65 16.00
N LEU B 311 4.80 -31.24 14.89
CA LEU B 311 5.75 -32.05 14.13
C LEU B 311 7.06 -31.97 14.91
N THR B 312 7.47 -30.76 15.33
CA THR B 312 8.70 -30.51 16.10
C THR B 312 8.51 -29.30 17.02
N VAL B 313 9.26 -29.26 18.16
CA VAL B 313 9.24 -28.13 19.09
C VAL B 313 10.63 -27.88 19.67
N ALA B 314 11.02 -26.62 19.78
CA ALA B 314 12.23 -26.20 20.47
C ALA B 314 11.72 -25.39 21.69
N ALA B 315 12.07 -25.81 22.91
CA ALA B 315 11.61 -25.11 24.12
C ALA B 315 12.84 -24.46 24.79
N ILE B 316 12.83 -23.13 24.95
CA ILE B 316 13.94 -22.38 25.55
C ILE B 316 13.56 -21.74 26.86
N PHE B 317 14.20 -22.17 27.95
CA PHE B 317 13.94 -21.69 29.30
C PHE B 317 15.06 -20.77 29.73
N ARG B 318 14.72 -19.59 30.26
CA ARG B 318 15.73 -18.60 30.64
C ARG B 318 15.58 -18.11 32.08
N GLY B 319 16.72 -17.92 32.73
CA GLY B 319 16.76 -17.49 34.12
C GLY B 319 17.34 -18.55 35.03
N ARG B 320 17.39 -18.24 36.34
CA ARG B 320 17.93 -19.19 37.32
C ARG B 320 16.85 -20.20 37.73
N MET B 321 16.91 -21.39 37.15
CA MET B 321 15.97 -22.48 37.42
C MET B 321 16.69 -23.83 37.36
N SER B 322 16.11 -24.86 37.98
CA SER B 322 16.72 -26.18 37.97
C SER B 322 16.58 -26.86 36.61
N MET B 323 17.70 -27.27 36.02
CA MET B 323 17.70 -28.00 34.76
C MET B 323 16.98 -29.35 34.94
N LYS B 324 17.15 -29.99 36.12
CA LYS B 324 16.51 -31.23 36.51
C LYS B 324 14.97 -31.05 36.50
N GLU B 325 14.47 -29.96 37.11
CA GLU B 325 13.04 -29.66 37.15
C GLU B 325 12.48 -29.42 35.74
N VAL B 326 13.20 -28.64 34.91
CA VAL B 326 12.82 -28.39 33.52
C VAL B 326 12.73 -29.71 32.73
N ASP B 327 13.71 -30.61 32.92
CA ASP B 327 13.73 -31.90 32.23
C ASP B 327 12.54 -32.78 32.63
N GLU B 328 12.21 -32.82 33.93
CA GLU B 328 11.09 -33.57 34.47
C GLU B 328 9.76 -33.02 33.96
N GLN B 329 9.61 -31.69 33.98
CA GLN B 329 8.38 -31.04 33.52
C GLN B 329 8.16 -31.16 32.02
N MET B 330 9.24 -31.11 31.23
CA MET B 330 9.12 -31.27 29.77
C MET B 330 8.74 -32.70 29.38
N LEU B 331 9.19 -33.69 30.14
CA LEU B 331 8.83 -35.09 29.88
C LEU B 331 7.36 -35.32 30.20
N ASN B 332 6.91 -34.76 31.33
CA ASN B 332 5.53 -34.83 31.81
C ASN B 332 4.58 -34.13 30.83
N ILE B 333 4.95 -32.96 30.28
CA ILE B 333 4.08 -32.25 29.35
C ILE B 333 3.90 -33.05 28.04
N GLN B 334 4.94 -33.77 27.57
CA GLN B 334 4.85 -34.61 26.37
C GLN B 334 4.00 -35.87 26.63
N ASN B 335 4.24 -36.57 27.76
CA ASN B 335 3.55 -37.81 28.13
C ASN B 335 2.06 -37.58 28.36
N LYS B 336 1.71 -36.49 29.06
CA LYS B 336 0.32 -36.12 29.33
C LYS B 336 -0.41 -35.58 28.09
N ASN B 337 0.34 -35.11 27.08
CA ASN B 337 -0.24 -34.54 25.89
C ASN B 337 0.18 -35.23 24.61
N SER B 338 0.39 -36.55 24.67
CA SER B 338 0.84 -37.37 23.55
C SER B 338 -0.01 -37.23 22.28
N SER B 339 -1.31 -36.94 22.41
CA SER B 339 -2.24 -36.74 21.28
C SER B 339 -1.99 -35.45 20.49
N TYR B 340 -1.14 -34.55 20.99
CA TYR B 340 -0.84 -33.31 20.28
C TYR B 340 0.57 -33.28 19.68
N PHE B 341 1.26 -34.43 19.60
CA PHE B 341 2.57 -34.61 18.98
C PHE B 341 2.43 -35.73 17.97
N VAL B 342 3.02 -35.60 16.78
CA VAL B 342 2.98 -36.70 15.82
C VAL B 342 3.84 -37.84 16.35
N GLU B 343 3.31 -39.06 16.33
CA GLU B 343 4.00 -40.23 16.86
C GLU B 343 5.14 -40.72 15.95
N TRP B 344 5.13 -40.33 14.68
CA TRP B 344 6.13 -40.79 13.70
C TRP B 344 7.39 -39.90 13.61
N ILE B 345 7.55 -38.93 14.53
CA ILE B 345 8.79 -38.17 14.65
C ILE B 345 9.20 -38.35 16.12
N PRO B 346 9.94 -39.42 16.47
CA PRO B 346 10.30 -39.64 17.88
C PRO B 346 11.24 -38.56 18.41
N ASN B 347 11.11 -38.24 19.73
CA ASN B 347 11.94 -37.24 20.43
C ASN B 347 11.97 -35.94 19.66
N ASN B 348 10.78 -35.45 19.29
CA ASN B 348 10.65 -34.26 18.47
C ASN B 348 10.63 -32.93 19.24
N VAL B 349 10.81 -32.99 20.57
CA VAL B 349 10.85 -31.81 21.41
C VAL B 349 12.24 -31.69 22.01
N LYS B 350 12.96 -30.62 21.67
CA LYS B 350 14.32 -30.39 22.20
C LYS B 350 14.31 -29.19 23.14
N THR B 351 14.91 -29.33 24.31
CA THR B 351 14.92 -28.31 25.34
C THR B 351 16.29 -27.67 25.58
N ALA B 352 16.31 -26.38 25.85
CA ALA B 352 17.56 -25.66 26.16
C ALA B 352 17.29 -24.73 27.37
N VAL B 353 18.28 -24.58 28.25
CA VAL B 353 18.18 -23.72 29.42
C VAL B 353 19.35 -22.74 29.39
N CYS B 354 19.07 -21.42 29.48
CA CYS B 354 20.08 -20.36 29.49
C CYS B 354 19.97 -19.58 30.79
N ASP B 355 21.09 -19.34 31.48
CA ASP B 355 21.12 -18.61 32.75
C ASP B 355 20.68 -17.14 32.65
N ILE B 356 20.91 -16.49 31.50
CA ILE B 356 20.55 -15.09 31.29
C ILE B 356 19.10 -14.91 30.87
N PRO B 357 18.26 -14.35 31.75
CA PRO B 357 16.84 -14.15 31.38
C PRO B 357 16.68 -12.95 30.42
N PRO B 358 15.54 -12.82 29.71
CA PRO B 358 15.38 -11.66 28.82
C PRO B 358 15.32 -10.36 29.62
N ARG B 359 15.50 -9.24 28.91
CA ARG B 359 15.45 -7.92 29.55
C ARG B 359 14.11 -7.69 30.27
N GLY B 360 14.18 -7.39 31.57
CA GLY B 360 13.00 -7.11 32.38
C GLY B 360 12.36 -8.27 33.11
N LEU B 361 12.79 -9.51 32.81
CA LEU B 361 12.23 -10.69 33.47
C LEU B 361 13.29 -11.44 34.29
N LYS B 362 12.84 -12.28 35.24
CA LYS B 362 13.71 -13.14 36.02
C LYS B 362 13.64 -14.58 35.49
N MET B 363 12.49 -14.98 34.95
CA MET B 363 12.29 -16.29 34.37
C MET B 363 11.36 -16.25 33.16
N SER B 364 11.69 -16.99 32.11
CA SER B 364 10.90 -17.01 30.88
C SER B 364 10.95 -18.36 30.15
N ALA B 365 10.03 -18.55 29.21
CA ALA B 365 9.96 -19.72 28.37
C ALA B 365 9.57 -19.28 26.96
N THR B 366 10.23 -19.82 25.96
CA THR B 366 9.95 -19.52 24.57
C THR B 366 9.80 -20.85 23.83
N PHE B 367 8.75 -20.99 23.03
CA PHE B 367 8.50 -22.23 22.29
C PHE B 367 8.48 -21.98 20.81
N ILE B 368 9.30 -22.70 20.07
CA ILE B 368 9.32 -22.59 18.61
C ILE B 368 8.62 -23.86 18.16
N GLY B 369 7.39 -23.73 17.73
CA GLY B 369 6.61 -24.88 17.31
C GLY B 369 6.38 -25.00 15.83
N ASN B 370 6.56 -26.20 15.29
CA ASN B 370 6.22 -26.50 13.92
C ASN B 370 4.96 -27.34 14.10
N SER B 371 3.80 -26.69 14.14
CA SER B 371 2.52 -27.32 14.38
C SER B 371 1.64 -27.30 13.16
N THR B 372 0.90 -28.38 12.92
CA THR B 372 -0.07 -28.44 11.85
C THR B 372 -1.26 -27.44 12.07
N ALA B 373 -1.42 -26.90 13.31
CA ALA B 373 -2.46 -25.89 13.60
C ALA B 373 -2.21 -24.53 12.92
N ILE B 374 -0.96 -24.29 12.42
CA ILE B 374 -0.62 -23.07 11.68
C ILE B 374 -1.49 -22.92 10.43
N GLN B 375 -2.10 -24.02 9.93
CA GLN B 375 -3.00 -23.99 8.79
C GLN B 375 -4.20 -23.02 9.06
N GLU B 376 -4.57 -22.79 10.34
CA GLU B 376 -5.66 -21.87 10.69
C GLU B 376 -5.29 -20.42 10.35
N LEU B 377 -4.02 -20.05 10.48
CA LEU B 377 -3.55 -18.73 10.13
C LEU B 377 -3.67 -18.54 8.60
N PHE B 378 -3.25 -19.55 7.81
CA PHE B 378 -3.30 -19.50 6.35
C PHE B 378 -4.74 -19.53 5.82
N LYS B 379 -5.63 -20.30 6.45
CA LYS B 379 -7.05 -20.33 6.08
C LYS B 379 -7.69 -18.95 6.30
N ARG B 380 -7.36 -18.28 7.43
CA ARG B 380 -7.88 -16.94 7.73
C ARG B 380 -7.46 -15.92 6.64
N ILE B 381 -6.19 -15.93 6.22
CA ILE B 381 -5.70 -15.05 5.16
C ILE B 381 -6.42 -15.38 3.84
N SER B 382 -6.53 -16.68 3.53
CA SER B 382 -7.20 -17.19 2.34
C SER B 382 -8.67 -16.78 2.24
N GLU B 383 -9.42 -16.80 3.36
CA GLU B 383 -10.84 -16.41 3.36
C GLU B 383 -10.95 -14.91 3.07
N GLN B 384 -10.05 -14.10 3.67
CA GLN B 384 -10.04 -12.65 3.45
C GLN B 384 -9.66 -12.32 2.01
N PHE B 385 -8.69 -13.07 1.46
CA PHE B 385 -8.26 -12.95 0.07
C PHE B 385 -9.43 -13.23 -0.90
N THR B 386 -10.12 -14.38 -0.73
CA THR B 386 -11.21 -14.82 -1.59
C THR B 386 -12.38 -13.85 -1.55
N ALA B 387 -12.67 -13.27 -0.38
CA ALA B 387 -13.78 -12.33 -0.29
C ALA B 387 -13.53 -11.11 -1.20
N MET B 388 -12.25 -10.70 -1.35
CA MET B 388 -11.91 -9.58 -2.22
C MET B 388 -11.77 -10.03 -3.68
N PHE B 389 -11.00 -11.10 -3.92
CA PHE B 389 -10.67 -11.63 -5.24
C PHE B 389 -11.88 -12.09 -6.04
N ARG B 390 -12.88 -12.66 -5.36
CA ARG B 390 -14.13 -13.11 -5.95
C ARG B 390 -14.82 -11.95 -6.71
N ARG B 391 -14.71 -10.74 -6.16
CA ARG B 391 -15.27 -9.53 -6.76
C ARG B 391 -14.23 -8.71 -7.57
N LYS B 392 -12.98 -9.18 -7.65
CA LYS B 392 -11.85 -8.52 -8.31
C LYS B 392 -11.64 -7.09 -7.78
N ALA B 393 -11.97 -6.87 -6.49
CA ALA B 393 -11.86 -5.56 -5.84
C ALA B 393 -10.41 -5.14 -5.70
N PHE B 394 -10.08 -3.91 -6.05
CA PHE B 394 -8.73 -3.32 -5.98
C PHE B 394 -7.72 -3.96 -6.90
N LEU B 395 -8.14 -4.86 -7.80
CA LEU B 395 -7.24 -5.58 -8.70
C LEU B 395 -6.55 -4.72 -9.76
N HIS B 396 -7.19 -3.63 -10.19
CA HIS B 396 -6.60 -2.76 -11.20
C HIS B 396 -5.32 -2.09 -10.75
N TRP B 397 -5.11 -1.94 -9.43
CA TRP B 397 -3.86 -1.36 -8.93
C TRP B 397 -2.67 -2.31 -9.11
N TYR B 398 -2.91 -3.62 -9.23
CA TYR B 398 -1.87 -4.64 -9.38
C TYR B 398 -1.67 -4.93 -10.85
N THR B 399 -2.77 -5.06 -11.61
CA THR B 399 -2.67 -5.29 -13.05
C THR B 399 -2.13 -4.05 -13.78
N GLY B 400 -2.38 -2.85 -13.22
CA GLY B 400 -1.82 -1.60 -13.72
C GLY B 400 -0.30 -1.57 -13.61
N GLU B 401 0.29 -2.34 -12.67
CA GLU B 401 1.75 -2.48 -12.50
C GLU B 401 2.38 -3.59 -13.39
N GLY B 402 1.57 -4.19 -14.27
CA GLY B 402 1.99 -5.21 -15.21
C GLY B 402 1.66 -6.63 -14.79
N MET B 403 1.08 -6.82 -13.58
CA MET B 403 0.75 -8.15 -13.09
C MET B 403 -0.42 -8.75 -13.82
N ASP B 404 -0.43 -10.08 -13.89
CA ASP B 404 -1.55 -10.80 -14.49
C ASP B 404 -2.38 -11.35 -13.36
N GLU B 405 -3.68 -11.56 -13.64
CA GLU B 405 -4.63 -12.15 -12.71
C GLU B 405 -4.19 -13.58 -12.29
N MET B 406 -3.49 -14.29 -13.20
CA MET B 406 -2.97 -15.64 -13.00
C MET B 406 -2.03 -15.74 -11.80
N GLU B 407 -1.24 -14.69 -11.51
CA GLU B 407 -0.35 -14.63 -10.34
C GLU B 407 -1.13 -14.72 -9.03
N PHE B 408 -2.30 -14.11 -8.99
CA PHE B 408 -3.19 -14.14 -7.82
C PHE B 408 -3.76 -15.53 -7.61
N THR B 409 -4.29 -16.15 -8.68
CA THR B 409 -4.83 -17.52 -8.63
C THR B 409 -3.72 -18.51 -8.22
N GLU B 410 -2.49 -18.34 -8.73
CA GLU B 410 -1.37 -19.19 -8.40
C GLU B 410 -0.95 -19.04 -6.94
N ALA B 411 -0.85 -17.80 -6.44
CA ALA B 411 -0.49 -17.55 -5.04
C ALA B 411 -1.57 -18.16 -4.10
N GLU B 412 -2.85 -18.02 -4.47
CA GLU B 412 -3.98 -18.55 -3.71
C GLU B 412 -3.94 -20.10 -3.66
N SER B 413 -3.69 -20.76 -4.82
CA SER B 413 -3.56 -22.21 -4.94
C SER B 413 -2.39 -22.74 -4.10
N ASN B 414 -1.23 -22.07 -4.17
CA ASN B 414 -0.04 -22.51 -3.43
C ASN B 414 -0.29 -22.45 -1.93
N MET B 415 -0.97 -21.41 -1.47
CA MET B 415 -1.31 -21.24 -0.06
C MET B 415 -2.34 -22.27 0.39
N ASN B 416 -3.33 -22.60 -0.45
CA ASN B 416 -4.33 -23.63 -0.13
C ASN B 416 -3.67 -25.02 -0.12
N ASP B 417 -2.67 -25.26 -1.01
CA ASP B 417 -1.92 -26.52 -1.05
C ASP B 417 -1.11 -26.69 0.23
N LEU B 418 -0.53 -25.60 0.74
CA LEU B 418 0.21 -25.57 2.00
C LEU B 418 -0.70 -25.99 3.15
N VAL B 419 -1.94 -25.46 3.20
CA VAL B 419 -2.96 -25.82 4.20
C VAL B 419 -3.26 -27.32 4.09
N SER B 420 -3.48 -27.79 2.86
CA SER B 420 -3.76 -29.19 2.56
C SER B 420 -2.58 -30.16 2.95
N GLU B 421 -1.36 -29.64 2.87
CA GLU B 421 -0.18 -30.39 3.28
C GLU B 421 -0.18 -30.55 4.81
N TYR B 422 -0.37 -29.45 5.54
CA TYR B 422 -0.40 -29.51 7.01
C TYR B 422 -1.46 -30.44 7.49
N GLN B 423 -2.63 -30.44 6.81
CA GLN B 423 -3.76 -31.30 7.15
C GLN B 423 -3.41 -32.77 6.92
N GLN B 424 -2.69 -33.06 5.84
CA GLN B 424 -2.26 -34.41 5.48
C GLN B 424 -1.39 -34.99 6.63
N TYR B 425 -0.39 -34.25 7.11
CA TYR B 425 0.47 -34.74 8.20
C TYR B 425 -0.21 -34.75 9.55
N GLN B 426 -1.22 -33.90 9.75
CA GLN B 426 -2.00 -33.89 10.97
C GLN B 426 -2.78 -35.19 11.11
N GLU B 427 -3.37 -35.67 9.99
CA GLU B 427 -4.18 -36.89 9.93
C GLU B 427 -3.35 -38.17 9.81
N ALA B 428 -2.06 -38.07 9.41
CA ALA B 428 -1.19 -39.23 9.24
C ALA B 428 -0.96 -40.06 10.51
N THR B 429 -1.05 -41.37 10.38
CA THR B 429 -0.83 -42.27 11.50
C THR B 429 0.48 -43.04 11.31
N ALA B 430 1.06 -43.56 12.39
CA ALA B 430 2.28 -44.37 12.30
C ALA B 430 1.98 -45.72 11.61
N ASP B 431 0.78 -46.26 11.81
CA ASP B 431 0.35 -47.50 11.18
C ASP B 431 -0.24 -47.25 9.77
N GLU B 432 0.65 -47.04 8.76
CA GLU B 432 0.25 -46.79 7.38
C GLU B 432 -0.42 -48.02 6.74
N MET C 1 11.73 15.99 -4.68
CA MET C 1 11.16 15.06 -3.71
CA MET C 1 11.12 14.96 -3.85
C MET C 1 9.62 15.10 -3.68
N ARG C 2 8.93 14.01 -4.03
CA ARG C 2 7.49 13.82 -3.90
C ARG C 2 6.60 15.05 -4.25
N GLU C 3 6.93 15.79 -5.31
CA GLU C 3 6.19 16.99 -5.69
C GLU C 3 4.77 16.77 -6.19
N CYS C 4 3.89 17.71 -5.90
CA CYS C 4 2.51 17.70 -6.36
C CYS C 4 2.26 19.00 -7.12
N ILE C 5 1.78 18.92 -8.38
CA ILE C 5 1.46 20.10 -9.18
C ILE C 5 -0.05 20.41 -9.09
N SER C 6 -0.41 21.63 -8.65
CA SER C 6 -1.82 22.04 -8.54
C SER C 6 -2.28 22.82 -9.77
N ILE C 7 -3.42 22.46 -10.32
CA ILE C 7 -3.99 23.15 -11.45
C ILE C 7 -5.39 23.67 -11.04
N HIS C 8 -5.59 24.99 -11.02
CA HIS C 8 -6.84 25.62 -10.63
C HIS C 8 -7.50 26.20 -11.88
N VAL C 9 -8.66 25.63 -12.29
CA VAL C 9 -9.38 25.94 -13.54
C VAL C 9 -10.74 26.65 -13.35
N GLY C 10 -10.94 27.77 -14.05
CA GLY C 10 -12.18 28.53 -13.99
C GLY C 10 -12.35 29.31 -12.70
N GLN C 11 -13.46 30.04 -12.58
CA GLN C 11 -13.73 30.84 -11.37
C GLN C 11 -13.68 30.03 -10.07
N ALA C 12 -14.43 28.91 -9.99
CA ALA C 12 -14.46 28.11 -8.78
C ALA C 12 -13.08 27.57 -8.41
N GLY C 13 -12.37 26.98 -9.39
CA GLY C 13 -11.04 26.43 -9.19
C GLY C 13 -10.02 27.45 -8.75
N VAL C 14 -10.05 28.64 -9.37
CA VAL C 14 -9.15 29.75 -9.04
C VAL C 14 -9.47 30.36 -7.67
N GLN C 15 -10.76 30.58 -7.37
CA GLN C 15 -11.14 31.18 -6.08
C GLN C 15 -10.86 30.23 -4.92
N ILE C 16 -11.04 28.92 -5.13
CA ILE C 16 -10.69 27.92 -4.12
C ILE C 16 -9.15 27.86 -3.95
N GLY C 17 -8.41 28.03 -5.05
CA GLY C 17 -6.94 28.11 -5.03
C GLY C 17 -6.42 29.30 -4.26
N ASN C 18 -7.13 30.42 -4.31
CA ASN C 18 -6.76 31.62 -3.52
C ASN C 18 -6.81 31.30 -2.04
N ALA C 19 -7.90 30.64 -1.63
CA ALA C 19 -8.12 30.25 -0.25
C ALA C 19 -7.12 29.18 0.20
N CYS C 20 -6.83 28.17 -0.65
CA CYS C 20 -5.88 27.11 -0.30
CA CYS C 20 -5.91 27.14 -0.18
C CYS C 20 -4.46 27.62 -0.16
N TRP C 21 -3.97 28.38 -1.17
CA TRP C 21 -2.59 28.87 -1.14
C TRP C 21 -2.37 29.91 -0.03
N GLU C 22 -3.40 30.70 0.32
CA GLU C 22 -3.32 31.61 1.46
C GLU C 22 -3.14 30.80 2.75
N LEU C 23 -3.92 29.73 2.89
CA LEU C 23 -3.87 28.89 4.06
C LEU C 23 -2.55 28.13 4.18
N TYR C 24 -2.00 27.59 3.06
CA TYR C 24 -0.71 26.90 3.07
C TYR C 24 0.40 27.86 3.53
N CYS C 25 0.37 29.11 3.05
CA CYS C 25 1.36 30.11 3.44
C CYS C 25 1.30 30.37 4.95
N LEU C 26 0.10 30.51 5.51
CA LEU C 26 -0.09 30.69 6.94
C LEU C 26 0.41 29.45 7.73
N GLU C 27 0.15 28.25 7.21
CA GLU C 27 0.55 26.99 7.85
C GLU C 27 2.04 26.73 7.83
N HIS C 28 2.73 27.19 6.78
CA HIS C 28 4.17 26.97 6.68
C HIS C 28 5.03 28.18 7.06
N GLY C 29 4.39 29.29 7.42
CA GLY C 29 5.11 30.51 7.77
C GLY C 29 5.71 31.22 6.57
N ILE C 30 5.10 31.05 5.40
CA ILE C 30 5.55 31.72 4.18
C ILE C 30 4.79 33.05 4.10
N GLN C 31 5.53 34.15 3.95
CA GLN C 31 4.98 35.48 3.83
C GLN C 31 4.40 35.67 2.42
N PRO C 32 3.51 36.67 2.22
CA PRO C 32 2.92 36.86 0.88
C PRO C 32 3.92 37.10 -0.24
N ASP C 33 5.14 37.55 0.10
CA ASP C 33 6.19 37.76 -0.89
C ASP C 33 7.04 36.49 -1.21
N GLY C 34 6.65 35.35 -0.65
CA GLY C 34 7.38 34.11 -0.85
C GLY C 34 8.51 33.86 0.13
N GLN C 35 8.81 34.81 0.99
CA GLN C 35 9.89 34.66 1.97
C GLN C 35 9.44 33.85 3.18
N MET C 36 10.38 33.15 3.82
CA MET C 36 10.09 32.31 4.95
C MET C 36 11.27 32.41 5.95
N PRO C 37 11.05 33.00 7.13
CA PRO C 37 12.16 33.20 8.09
C PRO C 37 12.70 31.94 8.76
N SER C 38 14.02 31.67 8.59
CA SER C 38 14.76 30.53 9.15
C SER C 38 13.96 29.20 9.18
N GLY C 45 14.05 21.52 10.89
CA GLY C 45 12.66 21.87 10.57
C GLY C 45 11.98 20.88 9.64
N ASP C 46 10.65 20.99 9.49
CA ASP C 46 9.91 20.09 8.60
C ASP C 46 9.98 20.72 7.24
N ASP C 47 10.69 20.08 6.31
CA ASP C 47 10.83 20.62 4.96
C ASP C 47 9.89 19.95 3.94
N SER C 48 8.84 19.27 4.41
CA SER C 48 7.87 18.59 3.56
C SER C 48 7.05 19.56 2.67
N PHE C 49 6.94 20.84 3.06
CA PHE C 49 6.24 21.84 2.26
C PHE C 49 6.85 21.97 0.83
N ASN C 50 8.11 21.49 0.64
CA ASN C 50 8.79 21.44 -0.65
C ASN C 50 8.04 20.62 -1.70
N THR C 51 7.10 19.77 -1.28
CA THR C 51 6.25 19.04 -2.23
C THR C 51 5.30 20.01 -2.96
N PHE C 52 4.91 21.13 -2.31
CA PHE C 52 4.00 22.12 -2.87
C PHE C 52 4.66 23.46 -3.24
N PHE C 53 5.87 23.70 -2.75
CA PHE C 53 6.57 24.94 -3.04
C PHE C 53 7.99 24.68 -3.50
N SER C 54 8.38 25.27 -4.63
CA SER C 54 9.75 25.21 -5.09
C SER C 54 10.50 26.40 -4.46
N GLU C 55 11.83 26.40 -4.55
CA GLU C 55 12.62 27.48 -3.97
C GLU C 55 13.53 28.06 -5.03
N THR C 56 13.66 29.40 -5.05
CA THR C 56 14.52 30.12 -5.99
C THR C 56 15.91 30.40 -5.33
N GLY C 57 16.89 30.86 -6.10
CA GLY C 57 18.22 31.16 -5.57
C GLY C 57 18.23 32.21 -4.47
N ALA C 58 17.21 33.09 -4.48
CA ALA C 58 17.06 34.14 -3.48
C ALA C 58 16.26 33.71 -2.22
N GLY C 59 16.04 32.41 -2.04
CA GLY C 59 15.33 31.87 -0.90
C GLY C 59 13.82 32.03 -0.90
N LYS C 60 13.23 32.42 -2.02
CA LYS C 60 11.78 32.62 -2.10
C LYS C 60 11.10 31.29 -2.50
N HIS C 61 9.97 31.01 -1.86
CA HIS C 61 9.18 29.81 -2.02
C HIS C 61 8.02 30.10 -2.95
N VAL C 62 7.92 29.33 -4.04
CA VAL C 62 6.92 29.55 -5.09
C VAL C 62 6.03 28.35 -5.28
N PRO C 63 4.69 28.57 -5.23
CA PRO C 63 3.76 27.43 -5.43
C PRO C 63 4.01 26.64 -6.73
N ARG C 64 3.90 25.32 -6.64
CA ARG C 64 3.98 24.46 -7.83
C ARG C 64 2.54 24.42 -8.32
N ALA C 65 2.09 25.52 -8.92
CA ALA C 65 0.72 25.66 -9.33
C ALA C 65 0.52 26.48 -10.59
N VAL C 66 -0.56 26.18 -11.32
CA VAL C 66 -0.99 26.96 -12.48
C VAL C 66 -2.46 27.36 -12.22
N PHE C 67 -2.79 28.64 -12.44
CA PHE C 67 -4.14 29.17 -12.32
C PHE C 67 -4.56 29.51 -13.74
N VAL C 68 -5.66 28.91 -14.21
CA VAL C 68 -6.14 29.11 -15.58
C VAL C 68 -7.61 29.49 -15.61
N ASP C 69 -7.95 30.46 -16.43
CA ASP C 69 -9.33 30.84 -16.70
C ASP C 69 -9.42 31.39 -18.13
N LEU C 70 -10.56 31.20 -18.79
CA LEU C 70 -10.71 31.69 -20.17
C LEU C 70 -11.04 33.21 -20.26
N GLU C 71 -11.43 33.82 -19.13
CA GLU C 71 -11.74 35.24 -18.89
C GLU C 71 -10.69 35.74 -17.85
N PRO C 72 -10.22 37.00 -17.88
CA PRO C 72 -9.14 37.40 -16.95
C PRO C 72 -9.53 37.94 -15.57
N THR C 73 -10.79 38.29 -15.35
CA THR C 73 -11.30 38.96 -14.16
C THR C 73 -10.91 38.33 -12.81
N VAL C 74 -11.16 37.05 -12.63
CA VAL C 74 -10.90 36.35 -11.36
C VAL C 74 -9.38 36.20 -11.10
N VAL C 75 -8.62 35.79 -12.10
CA VAL C 75 -7.17 35.65 -12.00
C VAL C 75 -6.49 37.01 -11.82
N ASP C 76 -7.10 38.10 -12.36
CA ASP C 76 -6.60 39.46 -12.20
C ASP C 76 -6.58 39.88 -10.73
N GLU C 77 -7.50 39.37 -9.92
CA GLU C 77 -7.53 39.62 -8.50
C GLU C 77 -6.29 38.99 -7.81
N VAL C 78 -5.83 37.81 -8.28
CA VAL C 78 -4.62 37.16 -7.77
C VAL C 78 -3.43 38.02 -8.19
N ARG C 79 -3.38 38.41 -9.50
CA ARG C 79 -2.31 39.20 -10.10
C ARG C 79 -2.08 40.55 -9.45
N THR C 80 -3.13 41.13 -8.85
CA THR C 80 -3.03 42.44 -8.22
C THR C 80 -3.22 42.45 -6.70
N GLY C 81 -3.55 41.30 -6.12
CA GLY C 81 -3.81 41.19 -4.69
C GLY C 81 -2.61 41.02 -3.78
N THR C 82 -2.88 40.59 -2.54
CA THR C 82 -1.92 40.39 -1.46
C THR C 82 -0.77 39.43 -1.82
N TYR C 83 -1.09 38.38 -2.59
CA TYR C 83 -0.17 37.32 -2.99
C TYR C 83 0.34 37.44 -4.42
N ARG C 84 0.33 38.66 -4.97
CA ARG C 84 0.81 38.90 -6.34
C ARG C 84 2.31 38.62 -6.54
N GLN C 85 3.10 38.70 -5.46
CA GLN C 85 4.54 38.38 -5.52
C GLN C 85 4.83 36.91 -5.26
N LEU C 86 3.86 36.16 -4.72
CA LEU C 86 3.98 34.74 -4.41
C LEU C 86 4.09 33.91 -5.70
N PHE C 87 3.28 34.24 -6.71
CA PHE C 87 3.31 33.53 -7.99
C PHE C 87 4.02 34.34 -9.04
N HIS C 88 4.79 33.66 -9.90
CA HIS C 88 5.42 34.31 -11.04
C HIS C 88 4.29 34.57 -12.06
N PRO C 89 4.34 35.68 -12.80
CA PRO C 89 3.22 35.98 -13.72
C PRO C 89 2.90 34.90 -14.76
N GLU C 90 3.89 34.12 -15.20
CA GLU C 90 3.71 33.08 -16.20
C GLU C 90 2.86 31.89 -15.73
N GLN C 91 2.66 31.72 -14.40
CA GLN C 91 1.83 30.63 -13.92
C GLN C 91 0.35 31.06 -13.69
N LEU C 92 0.02 32.34 -13.96
CA LEU C 92 -1.35 32.86 -13.90
C LEU C 92 -1.76 33.13 -15.36
N ILE C 93 -2.50 32.18 -15.96
CA ILE C 93 -2.85 32.20 -17.38
C ILE C 93 -4.32 32.47 -17.65
N THR C 94 -4.63 33.45 -18.51
CA THR C 94 -6.01 33.77 -18.88
C THR C 94 -6.15 34.15 -20.35
N GLY C 95 -7.32 33.91 -20.89
CA GLY C 95 -7.67 34.34 -22.24
C GLY C 95 -8.46 35.64 -22.16
N LYS C 96 -9.23 35.96 -23.20
CA LYS C 96 -10.02 37.19 -23.20
C LYS C 96 -11.50 36.95 -23.03
N GLU C 97 -12.01 35.85 -23.60
CA GLU C 97 -13.45 35.55 -23.65
C GLU C 97 -13.70 34.23 -22.94
N ASP C 98 -14.73 34.15 -22.09
CA ASP C 98 -14.97 32.93 -21.35
C ASP C 98 -15.76 31.88 -22.19
N ALA C 99 -16.09 30.75 -21.59
CA ALA C 99 -16.83 29.69 -22.26
C ALA C 99 -18.34 29.86 -22.19
N ALA C 100 -18.84 31.01 -21.66
CA ALA C 100 -20.27 31.34 -21.58
C ALA C 100 -21.17 30.20 -21.06
N ASN C 101 -20.73 29.50 -20.00
CA ASN C 101 -21.45 28.39 -19.36
C ASN C 101 -21.72 27.23 -20.31
N ASN C 102 -20.84 27.08 -21.32
CA ASN C 102 -21.00 26.09 -22.36
C ASN C 102 -19.75 25.20 -22.39
N TYR C 103 -19.94 23.90 -22.11
CA TYR C 103 -18.88 22.91 -22.18
C TYR C 103 -18.17 22.93 -23.56
N ALA C 104 -18.94 23.04 -24.64
CA ALA C 104 -18.43 23.00 -26.01
C ALA C 104 -17.42 24.14 -26.27
N ARG C 105 -17.64 25.32 -25.68
CA ARG C 105 -16.73 26.44 -25.81
C ARG C 105 -15.47 26.25 -24.98
N GLY C 106 -15.59 25.60 -23.81
CA GLY C 106 -14.42 25.34 -22.98
C GLY C 106 -13.54 24.26 -23.59
N HIS C 107 -14.18 23.22 -24.12
CA HIS C 107 -13.46 22.08 -24.66
C HIS C 107 -12.93 22.35 -26.04
N TYR C 108 -13.74 22.99 -26.89
CA TYR C 108 -13.33 23.18 -28.27
C TYR C 108 -13.05 24.64 -28.66
N THR C 109 -14.08 25.40 -29.03
CA THR C 109 -13.98 26.75 -29.54
C THR C 109 -12.97 27.67 -28.81
N ILE C 110 -13.12 27.90 -27.51
CA ILE C 110 -12.29 28.84 -26.77
C ILE C 110 -11.06 28.18 -26.10
N GLY C 111 -11.25 26.99 -25.52
CA GLY C 111 -10.19 26.26 -24.82
C GLY C 111 -9.01 25.85 -25.67
N LYS C 112 -9.26 25.39 -26.91
CA LYS C 112 -8.20 24.98 -27.85
C LYS C 112 -7.20 26.10 -28.15
N GLU C 113 -7.56 27.35 -27.93
CA GLU C 113 -6.69 28.49 -28.19
C GLU C 113 -5.67 28.70 -27.09
N ILE C 114 -5.93 28.25 -25.87
CA ILE C 114 -5.03 28.48 -24.75
C ILE C 114 -4.42 27.20 -24.14
N VAL C 115 -4.89 26.02 -24.57
CA VAL C 115 -4.47 24.74 -24.01
C VAL C 115 -2.94 24.47 -24.16
N ASP C 116 -2.33 24.80 -25.31
CA ASP C 116 -0.90 24.57 -25.52
C ASP C 116 -0.04 25.39 -24.57
N LEU C 117 -0.46 26.63 -24.29
CA LEU C 117 0.22 27.53 -23.37
C LEU C 117 0.16 26.98 -21.92
N VAL C 118 -1.00 26.48 -21.50
CA VAL C 118 -1.17 25.87 -20.17
C VAL C 118 -0.28 24.62 -20.01
N LEU C 119 -0.28 23.75 -21.02
CA LEU C 119 0.55 22.56 -21.03
C LEU C 119 2.03 22.89 -21.00
N ASP C 120 2.42 23.98 -21.69
CA ASP C 120 3.80 24.44 -21.72
C ASP C 120 4.24 24.85 -20.31
N ARG C 121 3.37 25.54 -19.57
CA ARG C 121 3.65 25.96 -18.21
C ARG C 121 3.71 24.76 -17.25
N ILE C 122 2.83 23.76 -17.43
CA ILE C 122 2.85 22.56 -16.59
C ILE C 122 4.14 21.76 -16.88
N ARG C 123 4.58 21.70 -18.15
CA ARG C 123 5.83 21.05 -18.56
C ARG C 123 7.03 21.72 -17.87
N LYS C 124 6.99 23.05 -17.73
CA LYS C 124 8.09 23.76 -17.04
C LYS C 124 8.07 23.47 -15.54
N LEU C 125 6.87 23.25 -14.95
CA LEU C 125 6.77 22.90 -13.52
C LEU C 125 7.21 21.45 -13.29
N ALA C 126 6.88 20.55 -14.23
CA ALA C 126 7.24 19.12 -14.15
C ALA C 126 8.77 18.96 -14.27
N ASP C 127 9.42 19.83 -15.08
CA ASP C 127 10.88 19.87 -15.25
C ASP C 127 11.61 20.16 -13.92
N GLN C 128 10.94 20.86 -12.99
CA GLN C 128 11.50 21.18 -11.67
C GLN C 128 11.19 20.10 -10.62
N CYS C 129 10.61 18.97 -11.02
CA CYS C 129 10.26 17.90 -10.11
C CYS C 129 11.21 16.74 -10.29
N THR C 130 11.78 16.27 -9.18
CA THR C 130 12.65 15.10 -9.17
C THR C 130 11.85 13.82 -8.85
N GLY C 131 10.69 13.95 -8.21
CA GLY C 131 9.82 12.82 -7.88
C GLY C 131 8.36 13.19 -7.99
N LEU C 132 7.93 13.70 -9.16
CA LEU C 132 6.55 14.10 -9.40
C LEU C 132 5.53 12.99 -9.04
N GLN C 133 4.64 13.24 -8.06
CA GLN C 133 3.60 12.28 -7.66
C GLN C 133 2.41 12.36 -8.65
N GLY C 134 2.12 13.57 -9.14
CA GLY C 134 1.05 13.82 -10.10
C GLY C 134 0.42 15.18 -9.98
N PHE C 135 -0.85 15.25 -10.35
CA PHE C 135 -1.61 16.48 -10.46
C PHE C 135 -2.86 16.54 -9.57
N LEU C 136 -3.12 17.73 -9.01
CA LEU C 136 -4.31 18.03 -8.25
C LEU C 136 -5.07 19.07 -9.07
N ILE C 137 -6.21 18.73 -9.64
CA ILE C 137 -7.00 19.63 -10.47
C ILE C 137 -8.27 20.12 -9.76
N PHE C 138 -8.39 21.44 -9.58
CA PHE C 138 -9.51 22.08 -8.90
C PHE C 138 -10.39 22.77 -9.93
N HIS C 139 -11.70 22.45 -9.96
CA HIS C 139 -12.63 23.00 -10.95
C HIS C 139 -14.09 22.78 -10.55
N SER C 140 -15.04 23.50 -11.15
CA SER C 140 -16.47 23.18 -10.92
C SER C 140 -16.89 22.22 -12.03
N PHE C 141 -18.00 21.53 -11.85
CA PHE C 141 -18.62 20.72 -12.90
C PHE C 141 -19.50 21.62 -13.81
N GLY C 142 -20.08 22.69 -13.25
CA GLY C 142 -21.05 23.55 -13.91
C GLY C 142 -20.64 24.62 -14.91
N GLY C 143 -19.48 25.24 -14.72
CA GLY C 143 -19.06 26.30 -15.64
C GLY C 143 -18.59 25.77 -16.97
N GLY C 144 -18.58 26.61 -17.98
CA GLY C 144 -18.06 26.22 -19.29
C GLY C 144 -16.57 25.94 -19.28
N THR C 145 -15.81 26.69 -18.45
CA THR C 145 -14.37 26.48 -18.33
C THR C 145 -14.09 25.30 -17.39
N GLY C 146 -14.74 25.31 -16.22
CA GLY C 146 -14.59 24.25 -15.24
C GLY C 146 -14.95 22.88 -15.80
N SER C 147 -15.96 22.82 -16.67
CA SER C 147 -16.36 21.56 -17.30
C SER C 147 -15.53 21.24 -18.58
N GLY C 148 -15.64 22.10 -19.60
CA GLY C 148 -15.01 21.91 -20.90
C GLY C 148 -13.51 22.04 -20.94
N PHE C 149 -12.93 23.09 -20.31
CA PHE C 149 -11.47 23.26 -20.36
C PHE C 149 -10.80 22.16 -19.51
N THR C 150 -11.40 21.79 -18.35
CA THR C 150 -10.83 20.72 -17.52
C THR C 150 -10.77 19.41 -18.26
N SER C 151 -11.86 19.04 -18.97
CA SER C 151 -11.90 17.78 -19.75
C SER C 151 -10.80 17.74 -20.82
N LEU C 152 -10.61 18.86 -21.52
CA LEU C 152 -9.61 19.01 -22.58
C LEU C 152 -8.23 18.89 -21.98
N LEU C 153 -7.98 19.56 -20.85
CA LEU C 153 -6.71 19.49 -20.14
C LEU C 153 -6.43 18.08 -19.61
N MET C 154 -7.44 17.38 -19.07
CA MET C 154 -7.29 16.01 -18.57
C MET C 154 -6.81 15.08 -19.67
N GLU C 155 -7.41 15.17 -20.87
CA GLU C 155 -7.09 14.35 -22.04
C GLU C 155 -5.67 14.62 -22.48
N ARG C 156 -5.25 15.92 -22.56
CA ARG C 156 -3.90 16.31 -22.94
C ARG C 156 -2.85 15.89 -21.92
N LEU C 157 -3.19 15.84 -20.63
CA LEU C 157 -2.30 15.39 -19.56
C LEU C 157 -2.06 13.87 -19.63
N SER C 158 -3.06 13.10 -20.06
CA SER C 158 -2.92 11.66 -20.25
C SER C 158 -1.98 11.36 -21.42
N VAL C 159 -2.01 12.18 -22.47
CA VAL C 159 -1.12 12.02 -23.62
C VAL C 159 0.32 12.36 -23.23
N ASP C 160 0.54 13.48 -22.52
CA ASP C 160 1.89 13.92 -22.12
C ASP C 160 2.50 13.21 -20.92
N TYR C 161 1.67 12.68 -20.01
CA TYR C 161 2.18 12.05 -18.80
C TYR C 161 1.66 10.63 -18.57
N GLY C 162 0.97 10.04 -19.54
CA GLY C 162 0.46 8.69 -19.41
C GLY C 162 -0.41 8.49 -18.19
N LYS C 163 -0.09 7.48 -17.40
CA LYS C 163 -0.85 7.11 -16.20
C LYS C 163 -0.44 7.85 -14.95
N LYS C 164 0.41 8.89 -15.04
CA LYS C 164 0.80 9.71 -13.87
C LYS C 164 -0.49 10.19 -13.13
N SER C 165 -0.54 10.02 -11.80
CA SER C 165 -1.75 10.28 -11.03
C SER C 165 -2.41 11.62 -11.25
N LYS C 166 -3.73 11.65 -11.50
CA LYS C 166 -4.49 12.88 -11.68
C LYS C 166 -5.69 12.80 -10.77
N LEU C 167 -5.70 13.62 -9.71
CA LEU C 167 -6.81 13.65 -8.76
C LEU C 167 -7.51 15.02 -8.84
N GLU C 168 -8.84 15.05 -8.68
CA GLU C 168 -9.66 16.25 -8.76
C GLU C 168 -10.27 16.69 -7.44
N PHE C 169 -10.60 17.99 -7.34
CA PHE C 169 -11.42 18.63 -6.32
C PHE C 169 -12.48 19.31 -7.16
N ALA C 170 -13.65 18.70 -7.24
CA ALA C 170 -14.70 19.14 -8.13
C ALA C 170 -15.92 19.70 -7.42
N ILE C 171 -16.41 20.86 -7.88
CA ILE C 171 -17.59 21.47 -7.28
C ILE C 171 -18.85 20.98 -7.98
N TYR C 172 -19.68 20.24 -7.24
CA TYR C 172 -20.97 19.73 -7.67
C TYR C 172 -22.01 20.89 -7.60
N PRO C 173 -22.82 21.06 -8.66
CA PRO C 173 -23.73 22.24 -8.72
C PRO C 173 -24.90 22.28 -7.71
N ALA C 174 -25.21 23.49 -7.19
CA ALA C 174 -26.34 23.69 -6.27
C ALA C 174 -27.18 24.88 -6.68
N PRO C 175 -28.53 24.72 -6.75
CA PRO C 175 -29.40 25.84 -7.16
C PRO C 175 -29.29 27.15 -6.38
N GLN C 176 -28.99 27.08 -5.07
CA GLN C 176 -28.88 28.28 -4.20
C GLN C 176 -27.85 29.28 -4.68
N VAL C 177 -26.78 28.79 -5.32
CA VAL C 177 -25.68 29.61 -5.80
C VAL C 177 -25.33 29.34 -7.31
N SER C 178 -26.12 28.47 -7.98
CA SER C 178 -25.99 28.08 -9.38
C SER C 178 -25.98 29.30 -10.27
N THR C 179 -25.15 29.27 -11.31
CA THR C 179 -25.05 30.40 -12.24
C THR C 179 -25.73 30.09 -13.59
N ALA C 180 -26.00 28.80 -13.90
CA ALA C 180 -26.58 28.45 -15.18
C ALA C 180 -27.58 27.29 -15.16
N VAL C 181 -28.58 27.36 -16.04
CA VAL C 181 -29.61 26.34 -16.23
C VAL C 181 -29.00 25.05 -16.81
N VAL C 182 -27.99 25.20 -17.68
CA VAL C 182 -27.33 24.08 -18.36
C VAL C 182 -26.26 23.35 -17.55
N GLU C 183 -26.09 23.66 -16.24
CA GLU C 183 -25.09 22.97 -15.40
C GLU C 183 -25.24 21.44 -15.42
N PRO C 184 -26.45 20.83 -15.43
CA PRO C 184 -26.53 19.35 -15.54
C PRO C 184 -25.90 18.83 -16.85
N TYR C 185 -26.08 19.56 -17.99
CA TYR C 185 -25.45 19.13 -19.24
C TYR C 185 -23.90 19.16 -19.13
N ASN C 186 -23.35 20.30 -18.66
CA ASN C 186 -21.91 20.54 -18.49
C ASN C 186 -21.28 19.48 -17.55
N SER C 187 -21.98 19.12 -16.44
CA SER C 187 -21.56 18.10 -15.47
C SER C 187 -21.51 16.72 -16.10
N ILE C 188 -22.53 16.32 -16.90
CA ILE C 188 -22.57 14.97 -17.51
C ILE C 188 -21.51 14.85 -18.59
N LEU C 189 -21.36 15.86 -19.45
CA LEU C 189 -20.38 15.83 -20.52
C LEU C 189 -18.94 15.78 -19.97
N THR C 190 -18.67 16.55 -18.90
CA THR C 190 -17.34 16.56 -18.32
C THR C 190 -17.05 15.23 -17.60
N THR C 191 -18.04 14.67 -16.90
CA THR C 191 -17.87 13.40 -16.21
C THR C 191 -17.57 12.29 -17.22
N HIS C 192 -18.31 12.25 -18.34
CA HIS C 192 -18.08 11.25 -19.36
C HIS C 192 -16.67 11.35 -19.95
N THR C 193 -16.21 12.55 -20.31
CA THR C 193 -14.89 12.76 -20.91
C THR C 193 -13.76 12.48 -19.96
N THR C 194 -13.92 12.89 -18.71
CA THR C 194 -12.91 12.80 -17.67
C THR C 194 -12.79 11.43 -17.00
N LEU C 195 -13.88 10.64 -16.93
CA LEU C 195 -13.95 9.33 -16.26
C LEU C 195 -12.71 8.45 -16.43
N GLU C 196 -12.29 8.18 -17.68
CA GLU C 196 -11.13 7.33 -17.93
C GLU C 196 -9.75 8.02 -17.71
N HIS C 197 -9.71 9.34 -17.53
CA HIS C 197 -8.45 10.07 -17.33
C HIS C 197 -8.15 10.44 -15.87
N SER C 198 -9.16 10.41 -15.01
CA SER C 198 -9.02 10.76 -13.61
C SER C 198 -8.85 9.51 -12.77
N ASP C 199 -8.04 9.60 -11.74
CA ASP C 199 -7.79 8.47 -10.85
C ASP C 199 -8.67 8.52 -9.60
N CYS C 200 -9.02 9.73 -9.15
CA CYS C 200 -9.77 9.94 -7.93
C CYS C 200 -10.30 11.36 -7.93
N ALA C 201 -11.60 11.56 -7.69
CA ALA C 201 -12.21 12.89 -7.68
C ALA C 201 -12.94 13.14 -6.40
N PHE C 202 -12.56 14.18 -5.68
CA PHE C 202 -13.22 14.55 -4.42
C PHE C 202 -14.27 15.60 -4.68
N MET C 203 -15.56 15.19 -4.75
CA MET C 203 -16.65 16.11 -5.04
C MET C 203 -17.08 16.88 -3.79
N VAL C 204 -17.40 18.16 -3.97
CA VAL C 204 -17.90 19.06 -2.94
C VAL C 204 -19.16 19.67 -3.49
N ASP C 205 -20.26 19.41 -2.86
CA ASP C 205 -21.57 19.94 -3.21
C ASP C 205 -21.70 21.32 -2.56
N ASN C 206 -22.03 22.34 -3.36
CA ASN C 206 -22.20 23.70 -2.85
C ASN C 206 -23.41 23.89 -1.86
N GLU C 207 -24.46 23.07 -2.00
CA GLU C 207 -25.62 23.15 -1.10
C GLU C 207 -25.25 22.65 0.30
N ALA C 208 -24.43 21.60 0.37
CA ALA C 208 -23.97 21.05 1.64
C ALA C 208 -23.09 22.07 2.37
N ILE C 209 -22.11 22.68 1.67
CA ILE C 209 -21.24 23.69 2.31
C ILE C 209 -22.08 24.92 2.70
N TYR C 210 -23.07 25.28 1.87
CA TYR C 210 -23.97 26.40 2.13
C TYR C 210 -24.73 26.15 3.44
N ASP C 211 -25.29 24.94 3.59
CA ASP C 211 -26.05 24.59 4.79
C ASP C 211 -25.17 24.47 6.04
N ILE C 212 -23.92 23.99 5.88
CA ILE C 212 -22.98 23.93 7.02
C ILE C 212 -22.67 25.36 7.51
N CYS C 213 -22.49 26.31 6.58
CA CYS C 213 -22.22 27.70 6.91
C CYS C 213 -23.40 28.33 7.66
N ARG C 214 -24.64 28.01 7.26
CA ARG C 214 -25.85 28.51 7.90
C ARG C 214 -26.04 27.90 9.29
N ARG C 215 -26.03 26.56 9.38
CA ARG C 215 -26.24 25.84 10.61
C ARG C 215 -25.09 25.99 11.64
N ASN C 216 -23.88 25.55 11.28
CA ASN C 216 -22.72 25.53 12.16
C ASN C 216 -22.03 26.89 12.38
N LEU C 217 -22.08 27.80 11.40
CA LEU C 217 -21.36 29.08 11.55
C LEU C 217 -22.26 30.32 11.77
N ASP C 218 -23.59 30.11 11.79
CA ASP C 218 -24.62 31.13 12.00
C ASP C 218 -24.59 32.26 10.96
N ILE C 219 -24.25 31.92 9.70
CA ILE C 219 -24.22 32.89 8.60
C ILE C 219 -25.55 32.82 7.84
N GLU C 220 -26.36 33.90 7.93
CA GLU C 220 -27.68 34.01 7.30
C GLU C 220 -27.70 33.68 5.81
N ARG C 221 -26.91 34.40 5.00
CA ARG C 221 -26.83 34.17 3.56
C ARG C 221 -25.34 34.03 3.19
N PRO C 222 -24.81 32.79 3.25
CA PRO C 222 -23.38 32.58 2.92
C PRO C 222 -22.98 32.97 1.49
N THR C 223 -21.84 33.64 1.35
CA THR C 223 -21.27 34.06 0.08
C THR C 223 -20.15 33.07 -0.36
N TYR C 224 -19.57 33.23 -1.58
CA TYR C 224 -18.44 32.41 -2.02
C TYR C 224 -17.26 32.54 -1.06
N THR C 225 -17.07 33.73 -0.43
CA THR C 225 -15.97 33.93 0.54
C THR C 225 -16.14 33.00 1.73
N ASN C 226 -17.38 32.81 2.21
CA ASN C 226 -17.69 31.93 3.33
C ASN C 226 -17.49 30.48 2.90
N LEU C 227 -18.03 30.09 1.73
CA LEU C 227 -17.92 28.73 1.22
C LEU C 227 -16.48 28.32 0.95
N ASN C 228 -15.71 29.21 0.31
CA ASN C 228 -14.30 29.00 -0.09
C ASN C 228 -13.33 28.90 1.05
N ARG C 229 -13.58 29.63 2.13
CA ARG C 229 -12.71 29.55 3.31
C ARG C 229 -12.89 28.18 3.99
N LEU C 230 -14.13 27.66 4.00
CA LEU C 230 -14.41 26.35 4.54
C LEU C 230 -13.83 25.30 3.59
N ILE C 231 -13.98 25.46 2.25
CA ILE C 231 -13.40 24.53 1.28
C ILE C 231 -11.87 24.48 1.39
N GLY C 232 -11.23 25.62 1.62
CA GLY C 232 -9.80 25.70 1.82
C GLY C 232 -9.32 24.87 2.99
N GLN C 233 -10.10 24.86 4.06
CA GLN C 233 -9.88 24.08 5.28
C GLN C 233 -9.89 22.56 4.93
N ILE C 234 -10.86 22.12 4.12
CA ILE C 234 -10.96 20.73 3.68
C ILE C 234 -9.78 20.38 2.76
N VAL C 235 -9.47 21.24 1.79
CA VAL C 235 -8.36 20.99 0.87
C VAL C 235 -7.03 20.90 1.64
N SER C 236 -6.83 21.81 2.59
CA SER C 236 -5.63 21.81 3.44
C SER C 236 -5.50 20.52 4.22
N SER C 237 -6.63 19.97 4.69
CA SER C 237 -6.65 18.71 5.43
C SER C 237 -6.26 17.54 4.52
N ILE C 238 -6.73 17.53 3.27
CA ILE C 238 -6.41 16.48 2.31
C ILE C 238 -4.94 16.52 1.89
N THR C 239 -4.36 17.72 1.82
CA THR C 239 -2.96 17.89 1.41
C THR C 239 -1.96 18.01 2.55
N ALA C 240 -2.43 18.06 3.82
CA ALA C 240 -1.56 18.16 5.01
C ALA C 240 -0.60 16.99 5.15
N SER C 241 -1.03 15.77 4.77
CA SER C 241 -0.21 14.56 4.82
C SER C 241 0.97 14.60 3.82
N LEU C 242 0.81 15.36 2.74
CA LEU C 242 1.82 15.53 1.70
C LEU C 242 2.75 16.72 2.07
N ARG C 243 2.20 17.77 2.70
CA ARG C 243 2.95 18.98 3.03
C ARG C 243 3.63 18.98 4.39
N PHE C 244 3.28 18.04 5.24
CA PHE C 244 3.89 17.84 6.54
C PHE C 244 4.25 16.36 6.69
N ASP C 245 5.13 16.08 7.65
CA ASP C 245 5.51 14.71 7.98
C ASP C 245 5.01 14.45 9.39
N GLY C 246 3.84 13.83 9.49
CA GLY C 246 3.25 13.53 10.79
C GLY C 246 3.48 12.10 11.22
N ALA C 247 2.74 11.65 12.25
CA ALA C 247 2.85 10.29 12.78
C ALA C 247 2.50 9.22 11.71
N LEU C 248 1.49 9.52 10.87
CA LEU C 248 1.04 8.63 9.81
C LEU C 248 0.79 9.47 8.55
N ASN C 249 1.46 9.15 7.46
CA ASN C 249 1.29 9.94 6.23
C ASN C 249 0.61 9.14 5.13
N VAL C 250 -0.05 9.84 4.21
CA VAL C 250 -0.70 9.24 3.07
C VAL C 250 -0.38 10.07 1.83
N ASP C 251 0.27 9.46 0.83
CA ASP C 251 0.65 10.17 -0.39
C ASP C 251 -0.42 10.03 -1.50
N LEU C 252 -0.19 10.59 -2.71
CA LEU C 252 -1.17 10.51 -3.78
C LEU C 252 -1.50 9.08 -4.14
N THR C 253 -0.49 8.20 -4.19
CA THR C 253 -0.63 6.79 -4.51
C THR C 253 -1.46 6.05 -3.47
N GLU C 254 -1.21 6.32 -2.17
CA GLU C 254 -1.95 5.68 -1.09
C GLU C 254 -3.42 6.07 -1.12
N PHE C 255 -3.77 7.34 -1.48
CA PHE C 255 -5.18 7.74 -1.59
C PHE C 255 -5.88 6.86 -2.63
N GLN C 256 -5.28 6.75 -3.81
CA GLN C 256 -5.81 5.94 -4.90
C GLN C 256 -6.04 4.45 -4.51
N THR C 257 -4.99 3.76 -4.04
CA THR C 257 -4.99 2.36 -3.66
C THR C 257 -6.02 2.03 -2.57
N ASN C 258 -6.14 2.88 -1.57
CA ASN C 258 -7.07 2.63 -0.49
C ASN C 258 -8.48 3.07 -0.80
N LEU C 259 -8.68 4.14 -1.55
CA LEU C 259 -10.04 4.65 -1.80
C LEU C 259 -10.74 4.16 -3.06
N VAL C 260 -10.01 3.64 -4.05
CA VAL C 260 -10.64 3.30 -5.34
C VAL C 260 -10.59 1.80 -5.66
N PRO C 261 -11.68 1.06 -5.38
CA PRO C 261 -11.63 -0.40 -5.63
C PRO C 261 -11.75 -0.80 -7.09
N TYR C 262 -12.36 0.04 -7.91
CA TYR C 262 -12.59 -0.19 -9.35
C TYR C 262 -12.31 1.14 -10.04
N PRO C 263 -11.74 1.13 -11.25
CA PRO C 263 -11.35 2.42 -11.89
C PRO C 263 -12.45 3.49 -12.00
N ARG C 264 -13.69 3.10 -12.35
CA ARG C 264 -14.78 4.09 -12.49
C ARG C 264 -15.36 4.55 -11.15
N ILE C 265 -15.19 3.73 -10.10
CA ILE C 265 -15.74 3.99 -8.76
C ILE C 265 -14.71 4.80 -8.01
N HIS C 266 -14.49 6.06 -8.47
CA HIS C 266 -13.42 6.88 -7.92
C HIS C 266 -13.89 8.20 -7.30
N PHE C 267 -15.09 8.22 -6.73
CA PHE C 267 -15.65 9.45 -6.17
C PHE C 267 -15.88 9.37 -4.66
N PRO C 268 -14.83 9.58 -3.83
CA PRO C 268 -15.05 9.55 -2.37
C PRO C 268 -15.86 10.74 -1.86
N LEU C 269 -16.64 10.55 -0.84
CA LEU C 269 -17.44 11.55 -0.15
C LEU C 269 -16.52 12.23 0.88
N VAL C 270 -16.54 13.54 0.97
CA VAL C 270 -15.73 14.27 1.96
C VAL C 270 -16.60 14.68 3.16
N THR C 271 -16.11 14.42 4.37
CA THR C 271 -16.79 14.83 5.60
C THR C 271 -15.74 15.54 6.46
N TYR C 272 -16.13 16.61 7.14
CA TYR C 272 -15.18 17.38 7.94
C TYR C 272 -15.75 17.77 9.29
N ALA C 273 -14.91 17.70 10.33
CA ALA C 273 -15.31 18.09 11.68
C ALA C 273 -14.10 18.47 12.54
N PRO C 274 -14.24 19.41 13.48
CA PRO C 274 -15.46 20.19 13.79
C PRO C 274 -15.50 21.53 13.06
N VAL C 275 -16.72 22.01 12.77
CA VAL C 275 -16.94 23.32 12.13
C VAL C 275 -17.61 24.17 13.19
N ILE C 276 -16.85 25.01 13.88
CA ILE C 276 -17.36 25.84 14.97
C ILE C 276 -17.23 27.32 14.64
N SER C 277 -18.26 28.10 15.02
CA SER C 277 -18.28 29.54 14.82
C SER C 277 -17.20 30.23 15.64
N ALA C 278 -16.52 31.23 15.04
CA ALA C 278 -15.51 32.02 15.71
C ALA C 278 -16.08 32.75 16.96
N GLU C 279 -17.42 32.78 17.12
CA GLU C 279 -18.09 33.31 18.32
C GLU C 279 -18.13 32.13 19.37
N LYS C 280 -19.21 32.05 20.19
CA LYS C 280 -19.49 31.00 21.17
C LYS C 280 -18.55 31.01 22.42
N ALA C 281 -17.23 30.72 22.24
CA ALA C 281 -16.19 30.65 23.28
C ALA C 281 -16.32 29.43 24.20
N TYR C 282 -17.56 29.07 24.59
CA TYR C 282 -17.86 27.92 25.45
C TYR C 282 -18.00 26.63 24.62
N HIS C 283 -17.18 26.50 23.56
CA HIS C 283 -17.22 25.36 22.67
C HIS C 283 -16.71 24.05 23.27
N GLU C 284 -16.01 24.08 24.45
CA GLU C 284 -15.43 22.89 25.11
C GLU C 284 -14.70 21.96 24.10
N GLN C 285 -13.37 21.75 24.23
CA GLN C 285 -12.65 20.98 23.19
C GLN C 285 -13.18 19.57 22.96
N LEU C 286 -13.52 19.30 21.68
CA LEU C 286 -14.03 18.02 21.21
C LEU C 286 -12.91 16.98 21.15
N SER C 287 -13.20 15.78 21.67
CA SER C 287 -12.26 14.65 21.69
C SER C 287 -12.12 14.00 20.31
N VAL C 288 -11.15 13.06 20.18
CA VAL C 288 -10.95 12.30 18.95
C VAL C 288 -12.20 11.45 18.65
N ALA C 289 -12.80 10.85 19.69
CA ALA C 289 -14.01 10.05 19.53
C ALA C 289 -15.16 10.89 18.99
N GLU C 290 -15.40 12.10 19.59
CA GLU C 290 -16.44 13.03 19.16
C GLU C 290 -16.27 13.50 17.72
N ILE C 291 -15.05 13.89 17.31
CA ILE C 291 -14.84 14.34 15.93
C ILE C 291 -14.93 13.17 14.92
N THR C 292 -14.61 11.94 15.36
CA THR C 292 -14.70 10.75 14.51
C THR C 292 -16.18 10.40 14.29
N ASN C 293 -16.98 10.44 15.36
CA ASN C 293 -18.42 10.17 15.29
C ASN C 293 -19.11 11.17 14.34
N ALA C 294 -18.70 12.45 14.39
CA ALA C 294 -19.24 13.51 13.55
C ALA C 294 -19.04 13.22 12.05
N CYS C 295 -18.03 12.45 11.67
CA CYS C 295 -17.78 12.12 10.26
C CYS C 295 -18.86 11.23 9.63
N PHE C 296 -19.52 10.43 10.43
CA PHE C 296 -20.59 9.58 9.93
C PHE C 296 -21.98 10.18 10.11
N GLU C 297 -22.05 11.47 10.49
CA GLU C 297 -23.29 12.22 10.58
C GLU C 297 -23.50 12.97 9.26
N PRO C 298 -24.65 12.72 8.60
CA PRO C 298 -24.94 13.39 7.31
C PRO C 298 -24.80 14.90 7.27
N ALA C 299 -25.09 15.61 8.38
CA ALA C 299 -25.00 17.08 8.44
C ALA C 299 -23.59 17.63 8.25
N ASN C 300 -22.54 16.79 8.41
CA ASN C 300 -21.15 17.23 8.26
C ASN C 300 -20.54 16.89 6.88
N GLN C 301 -21.30 16.23 6.00
CA GLN C 301 -20.87 15.86 4.66
C GLN C 301 -20.78 17.02 3.70
N MET C 302 -19.85 16.95 2.78
CA MET C 302 -19.65 17.94 1.75
C MET C 302 -20.55 17.67 0.54
N VAL C 303 -21.22 16.51 0.42
CA VAL C 303 -22.14 16.15 -0.66
C VAL C 303 -23.45 15.69 -0.01
N LYS C 304 -24.59 16.18 -0.50
CA LYS C 304 -25.87 15.75 0.01
C LYS C 304 -26.23 14.39 -0.54
N CYS C 305 -26.28 13.40 0.34
CA CYS C 305 -26.61 12.00 0.08
C CYS C 305 -26.76 11.31 1.43
N ASP C 306 -27.44 10.16 1.43
CA ASP C 306 -27.71 9.43 2.65
C ASP C 306 -26.89 8.15 2.71
N PRO C 307 -25.82 8.12 3.54
CA PRO C 307 -24.99 6.90 3.64
C PRO C 307 -25.71 5.70 4.22
N ARG C 308 -26.83 5.92 4.93
CA ARG C 308 -27.62 4.81 5.45
C ARG C 308 -28.25 4.02 4.27
N HIS C 309 -28.54 4.70 3.13
CA HIS C 309 -29.06 4.08 1.90
C HIS C 309 -27.95 3.40 1.04
N GLY C 310 -26.72 3.35 1.54
CA GLY C 310 -25.62 2.78 0.80
C GLY C 310 -24.68 1.96 1.66
N LYS C 311 -23.54 1.61 1.08
CA LYS C 311 -22.53 0.82 1.77
C LYS C 311 -21.17 1.43 1.53
N TYR C 312 -20.33 1.43 2.57
CA TYR C 312 -18.97 1.92 2.50
C TYR C 312 -18.08 0.87 1.89
N MET C 313 -17.15 1.28 1.04
CA MET C 313 -16.17 0.35 0.47
C MET C 313 -14.75 0.71 0.92
N ALA C 314 -14.55 1.94 1.43
CA ALA C 314 -13.27 2.44 1.89
C ALA C 314 -13.45 3.74 2.65
N CYS C 315 -12.72 3.90 3.74
CA CYS C 315 -12.73 5.10 4.57
C CYS C 315 -11.30 5.49 4.90
N CYS C 316 -10.94 6.69 4.55
CA CYS C 316 -9.64 7.28 4.85
C CYS C 316 -9.87 8.41 5.86
N MET C 317 -9.20 8.35 6.99
CA MET C 317 -9.34 9.33 8.05
C MET C 317 -8.09 10.17 8.10
N LEU C 318 -8.21 11.47 7.89
CA LEU C 318 -7.07 12.37 7.95
C LEU C 318 -7.18 13.29 9.16
N TYR C 319 -6.49 12.96 10.24
CA TYR C 319 -6.51 13.72 11.48
C TYR C 319 -5.43 14.77 11.49
N ARG C 320 -5.64 15.86 12.24
CA ARG C 320 -4.62 16.88 12.41
C ARG C 320 -4.76 17.59 13.74
N GLY C 321 -3.62 17.88 14.34
CA GLY C 321 -3.54 18.55 15.63
C GLY C 321 -3.14 17.64 16.77
N ASP C 322 -3.69 17.90 17.97
CA ASP C 322 -3.44 17.13 19.20
C ASP C 322 -4.16 15.77 19.13
N VAL C 323 -3.63 14.84 18.32
CA VAL C 323 -4.20 13.53 18.06
C VAL C 323 -3.14 12.44 18.21
N VAL C 324 -3.44 11.43 19.01
CA VAL C 324 -2.56 10.29 19.27
C VAL C 324 -3.14 8.98 18.67
N PRO C 325 -2.30 8.14 18.05
CA PRO C 325 -2.80 6.90 17.42
C PRO C 325 -3.69 6.01 18.28
N LYS C 326 -3.40 5.90 19.58
CA LYS C 326 -4.23 5.13 20.50
C LYS C 326 -5.68 5.65 20.52
N ASP C 327 -5.86 6.99 20.55
CA ASP C 327 -7.19 7.58 20.59
C ASP C 327 -7.95 7.39 19.27
N VAL C 328 -7.24 7.37 18.15
CA VAL C 328 -7.81 7.13 16.83
C VAL C 328 -8.30 5.68 16.69
N ASN C 329 -7.48 4.70 17.10
CA ASN C 329 -7.85 3.29 17.04
C ASN C 329 -9.05 2.98 17.91
N ALA C 330 -9.14 3.60 19.10
CA ALA C 330 -10.27 3.42 20.00
C ALA C 330 -11.55 3.96 19.36
N ALA C 331 -11.44 5.11 18.67
CA ALA C 331 -12.57 5.74 18.01
C ALA C 331 -13.04 4.91 16.81
N ILE C 332 -12.12 4.42 15.96
CA ILE C 332 -12.45 3.58 14.81
C ILE C 332 -13.03 2.22 15.25
N ALA C 333 -12.57 1.67 16.40
CA ALA C 333 -13.10 0.42 16.92
C ALA C 333 -14.58 0.57 17.26
N THR C 334 -14.97 1.72 17.88
CA THR C 334 -16.40 1.91 18.19
C THR C 334 -17.23 2.08 16.91
N ILE C 335 -16.64 2.66 15.85
CA ILE C 335 -17.26 2.84 14.53
C ILE C 335 -17.47 1.48 13.82
N LYS C 336 -16.57 0.52 14.05
CA LYS C 336 -16.69 -0.83 13.51
C LYS C 336 -17.88 -1.61 14.15
N THR C 337 -18.29 -1.22 15.37
CA THR C 337 -19.42 -1.86 16.05
C THR C 337 -20.78 -1.19 15.75
N LYS C 338 -20.81 -0.24 14.80
CA LYS C 338 -22.03 0.44 14.45
C LYS C 338 -22.72 -0.23 13.27
N ARG C 339 -23.81 -0.91 13.61
CA ARG C 339 -24.73 -1.62 12.74
C ARG C 339 -25.29 -0.70 11.65
N THR C 340 -25.53 0.58 11.98
CA THR C 340 -26.03 1.59 11.06
C THR C 340 -24.97 2.07 10.04
N ILE C 341 -23.68 1.69 10.23
CA ILE C 341 -22.58 2.02 9.32
C ILE C 341 -22.20 0.71 8.63
N GLN C 342 -22.77 0.46 7.45
CA GLN C 342 -22.57 -0.79 6.74
C GLN C 342 -21.50 -0.73 5.66
N PHE C 343 -20.66 -1.79 5.60
CA PHE C 343 -19.60 -1.95 4.60
C PHE C 343 -19.97 -3.05 3.62
N VAL C 344 -19.43 -3.00 2.38
CA VAL C 344 -19.65 -4.06 1.40
C VAL C 344 -18.98 -5.36 1.94
N ASP C 345 -19.56 -6.52 1.66
CA ASP C 345 -19.03 -7.78 2.20
C ASP C 345 -17.66 -8.16 1.62
N TRP C 346 -17.26 -7.57 0.47
CA TRP C 346 -15.94 -7.84 -0.11
C TRP C 346 -14.83 -6.94 0.45
N CYS C 347 -15.09 -6.27 1.56
CA CYS C 347 -14.09 -5.43 2.17
C CYS C 347 -13.82 -5.83 3.62
N PRO C 348 -12.80 -6.66 3.87
CA PRO C 348 -12.51 -7.11 5.24
C PRO C 348 -12.20 -5.96 6.21
N THR C 349 -11.54 -4.91 5.73
CA THR C 349 -11.21 -3.72 6.53
C THR C 349 -11.02 -2.54 5.59
N GLY C 350 -11.77 -1.47 5.81
CA GLY C 350 -11.70 -0.31 4.93
C GLY C 350 -11.32 0.97 5.63
N PHE C 351 -10.21 0.97 6.38
CA PHE C 351 -9.77 2.14 7.11
C PHE C 351 -8.29 2.46 6.90
N LYS C 352 -8.01 3.62 6.30
CA LYS C 352 -6.66 4.15 6.09
C LYS C 352 -6.55 5.38 6.97
N VAL C 353 -5.61 5.42 7.93
CA VAL C 353 -5.50 6.53 8.86
C VAL C 353 -4.23 7.34 8.61
N GLY C 354 -4.35 8.66 8.72
CA GLY C 354 -3.24 9.59 8.60
C GLY C 354 -3.34 10.59 9.73
N ILE C 355 -2.23 10.86 10.43
CA ILE C 355 -2.21 11.80 11.55
C ILE C 355 -1.09 12.82 11.40
N ASN C 356 -1.44 14.11 11.49
CA ASN C 356 -0.45 15.19 11.43
C ASN C 356 -0.54 16.01 12.71
N TYR C 357 0.60 16.49 13.20
CA TYR C 357 0.65 17.20 14.47
C TYR C 357 0.11 18.64 14.43
N GLN C 358 0.09 19.25 13.23
CA GLN C 358 -0.31 20.64 12.99
C GLN C 358 -1.80 20.89 13.05
N PRO C 359 -2.29 21.59 14.10
CA PRO C 359 -3.72 21.87 14.20
C PRO C 359 -4.26 22.74 13.08
N PRO C 360 -5.58 22.68 12.81
CA PRO C 360 -6.14 23.51 11.74
C PRO C 360 -6.03 25.00 12.01
N THR C 361 -5.25 25.61 11.15
CA THR C 361 -4.97 27.03 11.10
C THR C 361 -6.18 27.71 10.48
N VAL C 362 -6.58 28.83 11.05
CA VAL C 362 -7.70 29.58 10.51
C VAL C 362 -7.22 30.95 10.02
N VAL C 363 -7.83 31.44 8.93
CA VAL C 363 -7.49 32.72 8.35
C VAL C 363 -7.92 33.80 9.33
N PRO C 364 -7.01 34.73 9.70
CA PRO C 364 -7.38 35.81 10.63
C PRO C 364 -8.58 36.62 10.12
N GLY C 365 -9.57 36.78 10.97
CA GLY C 365 -10.81 37.47 10.64
C GLY C 365 -11.85 36.61 9.96
N GLY C 366 -11.60 35.29 9.88
CA GLY C 366 -12.53 34.34 9.26
C GLY C 366 -13.68 33.95 10.16
N ASP C 367 -14.55 33.06 9.66
CA ASP C 367 -15.74 32.60 10.38
C ASP C 367 -15.51 31.39 11.31
N LEU C 368 -14.41 30.66 11.10
CA LEU C 368 -14.09 29.44 11.85
C LEU C 368 -13.26 29.67 13.11
N ALA C 369 -13.62 28.96 14.17
CA ALA C 369 -12.91 28.98 15.43
C ALA C 369 -11.63 28.13 15.39
N LYS C 370 -10.69 28.44 16.28
CA LYS C 370 -9.43 27.74 16.46
C LYS C 370 -9.75 26.46 17.25
N VAL C 371 -9.47 25.29 16.66
CA VAL C 371 -9.71 24.02 17.34
C VAL C 371 -8.38 23.27 17.58
N GLN C 372 -8.31 22.46 18.65
CA GLN C 372 -7.11 21.70 19.02
C GLN C 372 -6.89 20.50 18.10
N ARG C 373 -7.98 19.93 17.57
CA ARG C 373 -7.91 18.77 16.68
C ARG C 373 -9.08 18.74 15.72
N ALA C 374 -8.83 18.27 14.51
CA ALA C 374 -9.84 18.18 13.46
C ALA C 374 -9.58 16.92 12.59
N VAL C 375 -10.57 16.52 11.80
CA VAL C 375 -10.47 15.34 10.96
C VAL C 375 -11.23 15.51 9.66
N CYS C 376 -10.66 14.96 8.59
CA CYS C 376 -11.31 14.95 7.30
C CYS C 376 -11.41 13.51 6.84
N MET C 377 -12.64 13.05 6.62
CA MET C 377 -12.86 11.70 6.17
C MET C 377 -13.12 11.69 4.68
N LEU C 378 -12.44 10.78 3.97
CA LEU C 378 -12.63 10.55 2.56
C LEU C 378 -13.23 9.14 2.50
N SER C 379 -14.52 9.02 2.16
CA SER C 379 -15.16 7.71 2.15
C SER C 379 -15.79 7.34 0.83
N ASN C 380 -15.48 6.16 0.32
CA ASN C 380 -16.10 5.69 -0.91
C ASN C 380 -17.37 4.96 -0.51
N THR C 381 -18.51 5.58 -0.77
CA THR C 381 -19.81 5.00 -0.40
C THR C 381 -20.66 4.89 -1.66
N THR C 382 -21.43 3.81 -1.80
CA THR C 382 -22.34 3.68 -2.93
C THR C 382 -23.51 4.70 -2.84
N ALA C 383 -23.65 5.41 -1.68
CA ALA C 383 -24.67 6.46 -1.45
C ALA C 383 -24.42 7.67 -2.35
N ILE C 384 -23.15 7.91 -2.74
CA ILE C 384 -22.81 9.02 -3.63
C ILE C 384 -23.51 8.88 -4.99
N ALA C 385 -24.01 7.69 -5.37
CA ALA C 385 -24.77 7.48 -6.59
C ALA C 385 -26.08 8.28 -6.60
N GLU C 386 -26.58 8.72 -5.41
CA GLU C 386 -27.76 9.58 -5.26
C GLU C 386 -27.52 10.94 -5.90
N ALA C 387 -26.30 11.48 -5.79
CA ALA C 387 -25.92 12.75 -6.38
C ALA C 387 -25.93 12.62 -7.90
N TRP C 388 -25.43 11.49 -8.45
CA TRP C 388 -25.43 11.26 -9.89
C TRP C 388 -26.84 11.10 -10.40
N ALA C 389 -27.70 10.40 -9.66
CA ALA C 389 -29.09 10.19 -10.04
C ALA C 389 -29.85 11.52 -10.14
N ARG C 390 -29.59 12.42 -9.20
CA ARG C 390 -30.21 13.74 -9.10
C ARG C 390 -29.85 14.56 -10.35
N LEU C 391 -28.55 14.55 -10.71
CA LEU C 391 -27.97 15.23 -11.85
C LEU C 391 -28.52 14.62 -13.16
N ASP C 392 -28.52 13.28 -13.26
CA ASP C 392 -28.98 12.56 -14.45
C ASP C 392 -30.44 12.82 -14.76
N HIS C 393 -31.28 12.95 -13.73
CA HIS C 393 -32.69 13.23 -13.90
C HIS C 393 -32.96 14.62 -14.50
N LYS C 394 -32.21 15.63 -14.03
CA LYS C 394 -32.29 17.00 -14.53
C LYS C 394 -31.86 17.03 -15.99
N PHE C 395 -30.81 16.25 -16.35
CA PHE C 395 -30.29 16.10 -17.71
C PHE C 395 -31.41 15.56 -18.60
N ASP C 396 -32.08 14.47 -18.16
CA ASP C 396 -33.14 13.79 -18.90
C ASP C 396 -34.34 14.66 -19.16
N LEU C 397 -34.75 15.47 -18.15
CA LEU C 397 -35.90 16.37 -18.29
C LEU C 397 -35.66 17.35 -19.45
N MET C 398 -34.48 17.99 -19.47
CA MET C 398 -34.13 18.95 -20.51
C MET C 398 -33.85 18.30 -21.87
N TYR C 399 -33.04 17.21 -21.87
CA TYR C 399 -32.63 16.51 -23.09
C TYR C 399 -33.79 15.85 -23.83
N ALA C 400 -34.85 15.41 -23.12
CA ALA C 400 -36.03 14.86 -23.80
C ALA C 400 -36.65 15.88 -24.78
N LYS C 401 -36.51 17.17 -24.49
CA LYS C 401 -37.00 18.23 -25.37
C LYS C 401 -35.90 18.84 -26.25
N ARG C 402 -34.65 18.42 -26.10
CA ARG C 402 -33.47 18.97 -26.77
C ARG C 402 -33.29 20.46 -26.37
N ALA C 403 -33.73 20.83 -25.15
CA ALA C 403 -33.66 22.21 -24.65
C ALA C 403 -32.20 22.60 -24.46
N PHE C 404 -31.81 23.77 -25.01
CA PHE C 404 -30.47 24.34 -24.94
C PHE C 404 -29.40 23.62 -25.76
N VAL C 405 -29.73 22.45 -26.36
CA VAL C 405 -28.79 21.62 -27.12
C VAL C 405 -28.22 22.38 -28.33
N HIS C 406 -28.99 23.28 -28.93
CA HIS C 406 -28.54 24.07 -30.07
C HIS C 406 -27.28 24.91 -29.76
N TRP C 407 -27.05 25.27 -28.49
CA TRP C 407 -25.89 26.03 -28.09
C TRP C 407 -24.60 25.20 -28.22
N TYR C 408 -24.69 23.89 -27.97
CA TYR C 408 -23.57 22.97 -28.04
C TYR C 408 -23.35 22.54 -29.48
N VAL C 409 -24.44 22.26 -30.21
CA VAL C 409 -24.41 21.86 -31.62
C VAL C 409 -23.82 22.98 -32.48
N GLY C 410 -24.17 24.24 -32.17
CA GLY C 410 -23.64 25.42 -32.86
C GLY C 410 -22.13 25.56 -32.74
N GLU C 411 -21.55 24.96 -31.68
CA GLU C 411 -20.10 24.98 -31.45
C GLU C 411 -19.36 23.77 -32.04
N GLY C 412 -20.06 22.92 -32.79
CA GLY C 412 -19.47 21.76 -33.45
C GLY C 412 -19.72 20.43 -32.79
N MET C 413 -20.40 20.44 -31.64
CA MET C 413 -20.73 19.21 -30.94
C MET C 413 -21.86 18.51 -31.65
N GLU C 414 -21.94 17.20 -31.50
CA GLU C 414 -23.00 16.40 -32.10
C GLU C 414 -23.92 15.91 -31.01
N GLU C 415 -25.18 15.67 -31.35
CA GLU C 415 -26.17 15.14 -30.41
C GLU C 415 -25.76 13.76 -29.86
N GLY C 416 -25.03 12.97 -30.66
CA GLY C 416 -24.52 11.66 -30.28
C GLY C 416 -23.60 11.70 -29.08
N GLU C 417 -22.92 12.82 -28.86
CA GLU C 417 -22.06 13.00 -27.69
C GLU C 417 -22.89 13.13 -26.41
N PHE C 418 -24.11 13.70 -26.49
CA PHE C 418 -24.99 13.83 -25.34
C PHE C 418 -25.50 12.44 -24.94
N SER C 419 -25.90 11.62 -25.94
CA SER C 419 -26.39 10.26 -25.73
C SER C 419 -25.28 9.39 -25.13
N GLU C 420 -24.06 9.47 -25.69
CA GLU C 420 -22.93 8.71 -25.21
C GLU C 420 -22.59 9.08 -23.77
N ALA C 421 -22.50 10.39 -23.46
CA ALA C 421 -22.19 10.84 -22.12
C ALA C 421 -23.25 10.35 -21.10
N ARG C 422 -24.54 10.47 -21.45
CA ARG C 422 -25.65 10.02 -20.60
C ARG C 422 -25.67 8.50 -20.40
N GLU C 423 -25.38 7.72 -21.47
CA GLU C 423 -25.31 6.26 -21.40
C GLU C 423 -24.14 5.83 -20.50
N ASP C 424 -23.03 6.58 -20.52
CA ASP C 424 -21.88 6.31 -19.68
C ASP C 424 -22.24 6.54 -18.21
N LEU C 425 -23.00 7.61 -17.93
CA LEU C 425 -23.44 7.89 -16.57
C LEU C 425 -24.50 6.91 -16.09
N ALA C 426 -25.30 6.34 -17.02
CA ALA C 426 -26.29 5.31 -16.70
C ALA C 426 -25.55 4.03 -16.29
N ALA C 427 -24.43 3.72 -16.99
CA ALA C 427 -23.57 2.57 -16.67
C ALA C 427 -22.92 2.78 -15.31
N LEU C 428 -22.50 3.99 -14.99
CA LEU C 428 -21.92 4.33 -13.68
C LEU C 428 -22.93 4.10 -12.58
N GLU C 429 -24.18 4.48 -12.79
CA GLU C 429 -25.25 4.27 -11.80
C GLU C 429 -25.43 2.75 -11.56
N LYS C 430 -25.46 1.93 -12.64
CA LYS C 430 -25.60 0.50 -12.49
C LYS C 430 -24.36 -0.11 -11.81
N ASP C 431 -23.16 0.48 -12.04
CA ASP C 431 -21.90 0.03 -11.44
C ASP C 431 -21.96 0.20 -9.92
N TYR C 432 -22.56 1.29 -9.41
CA TYR C 432 -22.72 1.51 -7.96
C TYR C 432 -23.70 0.53 -7.34
N GLU C 433 -24.74 0.16 -8.09
CA GLU C 433 -25.74 -0.81 -7.68
C GLU C 433 -25.10 -2.24 -7.57
N GLU C 434 -24.31 -2.64 -8.60
CA GLU C 434 -23.64 -3.95 -8.68
C GLU C 434 -22.58 -4.11 -7.60
N VAL C 435 -21.80 -3.07 -7.38
CA VAL C 435 -20.72 -3.02 -6.41
C VAL C 435 -21.23 -3.06 -4.96
N GLY C 436 -22.44 -2.55 -4.72
CA GLY C 436 -23.04 -2.59 -3.39
C GLY C 436 -23.80 -3.88 -3.10
N MET C 437 -23.88 -4.78 -4.08
CA MET C 437 -24.53 -6.06 -3.90
C MET C 437 -23.68 -7.00 -3.10
N ASP C 438 -24.34 -7.90 -2.36
CA ASP C 438 -23.63 -8.91 -1.59
C ASP C 438 -23.14 -10.01 -2.53
N SER C 439 -22.08 -10.70 -2.14
CA SER C 439 -21.48 -11.75 -2.93
C SER C 439 -22.25 -13.08 -2.78
N GLY C 440 -22.27 -13.87 -3.85
CA GLY C 440 -22.97 -15.15 -3.85
C GLY C 440 -22.25 -16.24 -3.06
N MET D 1 -15.53 39.52 -23.48
CA MET D 1 -16.91 40.01 -23.42
C MET D 1 -16.97 41.33 -22.66
N ARG D 2 -16.49 42.38 -23.30
CA ARG D 2 -16.49 43.69 -22.70
C ARG D 2 -17.46 44.64 -23.42
N GLU D 3 -17.11 45.11 -24.61
CA GLU D 3 -17.84 46.15 -25.29
C GLU D 3 -19.10 45.74 -26.04
N ILE D 4 -20.15 46.57 -25.92
CA ILE D 4 -21.39 46.44 -26.65
C ILE D 4 -21.47 47.63 -27.63
N VAL D 5 -21.91 47.39 -28.87
CA VAL D 5 -22.10 48.46 -29.85
C VAL D 5 -23.61 48.66 -29.97
N HIS D 6 -24.08 49.87 -29.64
CA HIS D 6 -25.50 50.20 -29.66
C HIS D 6 -25.88 50.94 -30.96
N ILE D 7 -26.98 50.55 -31.57
CA ILE D 7 -27.50 51.20 -32.77
C ILE D 7 -28.98 51.57 -32.52
N GLN D 8 -29.38 52.81 -32.85
CA GLN D 8 -30.78 53.23 -32.70
C GLN D 8 -31.25 53.71 -34.07
N ALA D 9 -32.36 53.13 -34.59
CA ALA D 9 -32.83 53.42 -35.93
C ALA D 9 -34.28 53.90 -35.98
N GLY D 10 -34.52 54.96 -36.76
CA GLY D 10 -35.86 55.54 -36.91
C GLY D 10 -36.27 56.41 -35.75
N GLN D 11 -37.45 57.00 -35.81
CA GLN D 11 -37.93 57.89 -34.75
C GLN D 11 -38.05 57.20 -33.41
N CYS D 12 -38.82 56.12 -33.33
CA CYS D 12 -38.98 55.39 -32.08
C CYS D 12 -37.65 54.91 -31.49
N GLY D 13 -36.83 54.25 -32.32
CA GLY D 13 -35.53 53.76 -31.92
C GLY D 13 -34.62 54.83 -31.34
N ASN D 14 -34.60 56.02 -31.96
CA ASN D 14 -33.80 57.13 -31.48
C ASN D 14 -34.39 57.83 -30.22
N GLN D 15 -35.71 57.81 -30.08
CA GLN D 15 -36.37 58.40 -28.92
C GLN D 15 -36.19 57.52 -27.68
N ILE D 16 -36.37 56.20 -27.81
CA ILE D 16 -36.11 55.29 -26.68
C ILE D 16 -34.59 55.12 -26.45
N GLY D 17 -33.78 55.24 -27.50
CA GLY D 17 -32.34 55.14 -27.40
C GLY D 17 -31.73 56.32 -26.68
N ALA D 18 -32.21 57.54 -26.96
CA ALA D 18 -31.70 58.73 -26.28
C ALA D 18 -32.05 58.65 -24.79
N LYS D 19 -33.27 58.17 -24.48
CA LYS D 19 -33.75 57.97 -23.11
C LYS D 19 -32.92 56.94 -22.35
N PHE D 20 -32.51 55.82 -23.02
CA PHE D 20 -31.64 54.79 -22.45
C PHE D 20 -30.30 55.42 -22.09
N TRP D 21 -29.70 56.18 -23.02
CA TRP D 21 -28.42 56.82 -22.77
C TRP D 21 -28.48 57.84 -21.64
N GLU D 22 -29.59 58.60 -21.54
CA GLU D 22 -29.74 59.55 -20.46
C GLU D 22 -29.89 58.85 -19.05
N ILE D 23 -30.69 57.75 -18.93
CA ILE D 23 -30.85 57.03 -17.65
C ILE D 23 -29.55 56.36 -17.19
N ILE D 24 -28.88 55.61 -18.08
CA ILE D 24 -27.67 54.92 -17.68
C ILE D 24 -26.52 55.89 -17.44
N SER D 25 -26.53 57.08 -18.08
CA SER D 25 -25.49 58.08 -17.81
C SER D 25 -25.65 58.58 -16.39
N ASP D 26 -26.90 58.90 -15.98
CA ASP D 26 -27.17 59.35 -14.61
C ASP D 26 -26.75 58.26 -13.59
N GLU D 27 -27.06 56.99 -13.85
CA GLU D 27 -26.72 55.88 -12.97
C GLU D 27 -25.22 55.67 -12.84
N HIS D 28 -24.49 55.88 -13.93
CA HIS D 28 -23.04 55.76 -13.93
C HIS D 28 -22.30 57.06 -13.55
N GLY D 29 -23.04 58.12 -13.20
CA GLY D 29 -22.47 59.41 -12.81
C GLY D 29 -21.83 60.21 -13.92
N ILE D 30 -22.31 60.03 -15.15
CA ILE D 30 -21.81 60.73 -16.32
C ILE D 30 -22.72 61.87 -16.69
N ASP D 31 -22.18 63.12 -16.74
CA ASP D 31 -22.96 64.31 -17.08
C ASP D 31 -23.13 64.47 -18.61
N ALA D 32 -23.93 65.47 -19.04
CA ALA D 32 -24.22 65.73 -20.46
C ALA D 32 -22.98 66.01 -21.33
N THR D 33 -21.84 66.39 -20.72
CA THR D 33 -20.59 66.62 -21.45
C THR D 33 -19.67 65.36 -21.51
N GLY D 34 -20.10 64.26 -20.89
CA GLY D 34 -19.33 63.02 -20.83
C GLY D 34 -18.37 62.94 -19.67
N ALA D 35 -18.45 63.87 -18.72
CA ALA D 35 -17.55 63.89 -17.57
C ALA D 35 -18.08 63.04 -16.42
N TYR D 36 -17.18 62.29 -15.76
CA TYR D 36 -17.58 61.47 -14.62
C TYR D 36 -17.51 62.29 -13.34
N HIS D 37 -18.63 62.36 -12.64
CA HIS D 37 -18.73 63.09 -11.36
C HIS D 37 -19.51 62.25 -10.34
N GLY D 38 -19.30 60.94 -10.41
CA GLY D 38 -19.93 60.01 -9.50
C GLY D 38 -19.23 59.99 -8.16
N ASP D 39 -19.53 58.99 -7.40
CA ASP D 39 -19.02 58.83 -6.04
C ASP D 39 -18.55 57.39 -5.76
N SER D 40 -19.12 56.43 -6.48
CA SER D 40 -18.91 55.03 -6.30
C SER D 40 -18.04 54.41 -7.40
N ASP D 41 -17.21 53.45 -7.00
CA ASP D 41 -16.34 52.73 -7.92
C ASP D 41 -17.12 51.68 -8.74
N LEU D 42 -18.29 51.22 -8.24
CA LEU D 42 -19.17 50.31 -8.97
C LEU D 42 -19.71 50.97 -10.25
N GLN D 43 -19.77 52.31 -10.29
CA GLN D 43 -20.22 53.09 -11.43
C GLN D 43 -19.25 53.02 -12.60
N LEU D 44 -17.93 52.91 -12.31
CA LEU D 44 -16.94 52.89 -13.38
C LEU D 44 -16.36 51.51 -13.66
N GLU D 45 -16.56 50.52 -12.77
CA GLU D 45 -15.98 49.19 -12.94
C GLU D 45 -16.23 48.59 -14.32
N ARG D 46 -17.47 48.65 -14.80
CA ARG D 46 -17.83 48.14 -16.13
C ARG D 46 -18.34 49.24 -17.07
N ILE D 47 -17.83 50.47 -16.92
CA ILE D 47 -18.21 51.61 -17.75
C ILE D 47 -17.89 51.40 -19.24
N ASN D 48 -16.85 50.59 -19.54
CA ASN D 48 -16.41 50.29 -20.89
C ASN D 48 -17.37 49.40 -21.68
N VAL D 49 -18.35 48.78 -21.05
CA VAL D 49 -19.34 47.95 -21.73
C VAL D 49 -20.15 48.82 -22.71
N TYR D 50 -20.48 50.05 -22.31
CA TYR D 50 -21.26 50.96 -23.15
C TYR D 50 -20.52 52.23 -23.60
N TYR D 51 -19.47 52.66 -22.87
CA TYR D 51 -18.77 53.90 -23.20
C TYR D 51 -17.31 53.72 -23.57
N ASN D 52 -16.85 54.55 -24.50
CA ASN D 52 -15.45 54.63 -24.88
C ASN D 52 -14.85 55.75 -24.02
N GLU D 53 -13.57 55.67 -23.69
CA GLU D 53 -12.91 56.75 -22.98
C GLU D 53 -12.18 57.60 -24.02
N ALA D 54 -12.61 58.85 -24.19
CA ALA D 54 -12.04 59.81 -25.13
C ALA D 54 -10.92 60.66 -24.46
N SER D 55 -10.25 61.58 -25.21
CA SER D 55 -9.20 62.43 -24.66
C SER D 55 -9.76 63.36 -23.56
N GLY D 56 -9.05 63.38 -22.44
CA GLY D 56 -9.42 64.22 -21.31
C GLY D 56 -10.38 63.62 -20.29
N GLY D 57 -10.36 62.30 -20.13
CA GLY D 57 -11.21 61.61 -19.15
C GLY D 57 -12.71 61.62 -19.41
N LYS D 58 -13.13 62.02 -20.62
CA LYS D 58 -14.54 62.03 -20.98
C LYS D 58 -14.96 60.66 -21.53
N TYR D 59 -16.22 60.30 -21.31
CA TYR D 59 -16.81 59.05 -21.74
C TYR D 59 -17.81 59.31 -22.86
N VAL D 60 -17.69 58.59 -23.97
CA VAL D 60 -18.55 58.78 -25.12
C VAL D 60 -19.29 57.48 -25.46
N PRO D 61 -20.64 57.53 -25.46
CA PRO D 61 -21.43 56.33 -25.79
C PRO D 61 -21.00 55.65 -27.08
N ARG D 62 -20.89 54.31 -27.06
CA ARG D 62 -20.55 53.57 -28.26
C ARG D 62 -21.90 53.33 -28.92
N ALA D 63 -22.44 54.43 -29.50
CA ALA D 63 -23.76 54.44 -30.11
C ALA D 63 -23.73 55.05 -31.51
N VAL D 64 -24.47 54.43 -32.41
CA VAL D 64 -24.63 54.89 -33.77
C VAL D 64 -26.10 55.28 -33.90
N LEU D 65 -26.37 56.53 -34.36
CA LEU D 65 -27.72 57.08 -34.46
C LEU D 65 -28.11 57.13 -35.94
N VAL D 66 -29.15 56.40 -36.33
CA VAL D 66 -29.56 56.23 -37.73
C VAL D 66 -31.01 56.64 -38.01
N ASP D 67 -31.25 57.33 -39.13
CA ASP D 67 -32.59 57.62 -39.60
C ASP D 67 -32.59 58.01 -41.06
N LEU D 68 -33.64 57.62 -41.80
CA LEU D 68 -33.79 58.04 -43.18
C LEU D 68 -34.30 59.50 -43.27
N GLU D 69 -34.85 60.06 -42.16
CA GLU D 69 -35.36 61.41 -42.00
C GLU D 69 -34.35 62.20 -41.15
N PRO D 70 -34.02 63.45 -41.51
CA PRO D 70 -32.97 64.17 -40.76
C PRO D 70 -33.44 65.04 -39.59
N GLY D 71 -34.73 65.04 -39.28
CA GLY D 71 -35.30 65.80 -38.19
C GLY D 71 -35.09 65.14 -36.83
N THR D 72 -35.08 63.79 -36.81
CA THR D 72 -34.88 63.00 -35.61
C THR D 72 -33.49 63.27 -35.03
N MET D 73 -32.48 63.39 -35.91
CA MET D 73 -31.10 63.68 -35.50
CA MET D 73 -31.12 63.64 -35.48
C MET D 73 -31.00 64.98 -34.79
N ASP D 74 -31.63 66.02 -35.37
CA ASP D 74 -31.62 67.37 -34.83
C ASP D 74 -32.28 67.37 -33.44
N SER D 75 -33.43 66.67 -33.31
CA SER D 75 -34.13 66.60 -32.03
C SER D 75 -33.34 65.83 -30.95
N VAL D 76 -32.52 64.82 -31.37
CA VAL D 76 -31.70 64.10 -30.41
C VAL D 76 -30.53 64.99 -29.97
N ARG D 77 -29.83 65.63 -30.94
CA ARG D 77 -28.73 66.57 -30.67
C ARG D 77 -29.17 67.69 -29.72
N SER D 78 -30.43 68.16 -29.86
CA SER D 78 -31.06 69.21 -29.04
C SER D 78 -31.58 68.72 -27.69
N GLY D 79 -31.74 67.41 -27.54
CA GLY D 79 -32.28 66.83 -26.33
C GLY D 79 -31.32 66.81 -25.17
N PRO D 80 -31.81 66.33 -24.00
CA PRO D 80 -30.91 66.17 -22.85
C PRO D 80 -29.96 65.01 -23.16
N PHE D 81 -28.65 65.31 -23.06
CA PHE D 81 -27.54 64.41 -23.38
C PHE D 81 -27.23 64.35 -24.89
N GLY D 82 -27.84 65.21 -25.71
CA GLY D 82 -27.56 65.24 -27.14
C GLY D 82 -26.09 65.47 -27.50
N GLN D 83 -25.39 66.30 -26.69
CA GLN D 83 -23.99 66.62 -26.92
C GLN D 83 -23.01 65.51 -26.54
N ILE D 84 -23.46 64.49 -25.78
CA ILE D 84 -22.60 63.37 -25.36
C ILE D 84 -22.21 62.45 -26.54
N PHE D 85 -23.04 62.39 -27.58
CA PHE D 85 -22.81 61.51 -28.71
C PHE D 85 -21.69 61.96 -29.63
N ARG D 86 -21.00 60.99 -30.23
CA ARG D 86 -19.93 61.26 -31.18
C ARG D 86 -20.57 61.85 -32.44
N PRO D 87 -20.21 63.10 -32.82
CA PRO D 87 -20.88 63.75 -33.97
C PRO D 87 -20.87 62.95 -35.29
N ASP D 88 -19.75 62.28 -35.59
CA ASP D 88 -19.62 61.46 -36.80
C ASP D 88 -20.42 60.15 -36.75
N ASN D 89 -21.04 59.82 -35.60
CA ASN D 89 -21.86 58.63 -35.43
C ASN D 89 -23.34 58.85 -35.79
N PHE D 90 -23.71 60.10 -36.17
CA PHE D 90 -25.06 60.44 -36.60
C PHE D 90 -25.06 60.17 -38.10
N VAL D 91 -25.79 59.16 -38.57
CA VAL D 91 -25.87 58.81 -39.99
C VAL D 91 -27.32 58.98 -40.42
N PHE D 92 -27.58 59.96 -41.30
CA PHE D 92 -28.94 60.29 -41.67
CA PHE D 92 -28.94 60.30 -41.69
C PHE D 92 -29.14 60.48 -43.19
N GLY D 93 -30.30 60.05 -43.67
CA GLY D 93 -30.69 60.24 -45.06
C GLY D 93 -31.55 61.50 -45.16
N GLN D 94 -32.17 61.75 -46.31
CA GLN D 94 -33.02 62.95 -46.46
C GLN D 94 -34.50 62.65 -46.75
N SER D 95 -34.78 61.45 -47.29
CA SER D 95 -36.09 61.07 -47.78
C SER D 95 -37.17 60.65 -46.77
N GLY D 96 -36.88 59.73 -45.84
CA GLY D 96 -37.91 59.20 -44.95
C GLY D 96 -38.60 57.99 -45.59
N ALA D 97 -38.82 56.90 -44.86
CA ALA D 97 -39.30 55.62 -45.43
C ALA D 97 -40.83 55.49 -45.66
N GLY D 98 -41.56 56.53 -45.31
CA GLY D 98 -43.01 56.62 -45.50
C GLY D 98 -43.81 55.51 -44.86
N ASN D 99 -43.37 55.04 -43.69
CA ASN D 99 -43.95 53.93 -42.91
C ASN D 99 -44.08 52.67 -43.74
N ASN D 100 -43.10 52.44 -44.59
CA ASN D 100 -43.07 51.33 -45.51
C ASN D 100 -41.81 50.50 -45.23
N TRP D 101 -42.01 49.24 -44.80
CA TRP D 101 -40.91 48.32 -44.50
C TRP D 101 -40.05 48.07 -45.75
N ALA D 102 -40.66 47.97 -46.94
CA ALA D 102 -39.93 47.74 -48.20
C ALA D 102 -38.97 48.89 -48.55
N LYS D 103 -39.38 50.15 -48.28
CA LYS D 103 -38.50 51.27 -48.56
C LYS D 103 -37.28 51.21 -47.62
N GLY D 104 -37.52 50.89 -46.37
CA GLY D 104 -36.45 50.78 -45.39
C GLY D 104 -35.52 49.60 -45.63
N HIS D 105 -36.08 48.44 -46.01
CA HIS D 105 -35.29 47.23 -46.19
C HIS D 105 -34.62 47.10 -47.53
N TYR D 106 -35.29 47.54 -48.61
CA TYR D 106 -34.76 47.34 -49.95
C TYR D 106 -34.38 48.56 -50.75
N THR D 107 -35.06 49.71 -50.58
CA THR D 107 -34.80 50.86 -51.43
C THR D 107 -33.93 51.93 -50.71
N GLU D 108 -34.54 52.92 -50.02
CA GLU D 108 -33.84 54.03 -49.38
C GLU D 108 -32.90 53.56 -48.31
N GLY D 109 -33.31 52.57 -47.52
CA GLY D 109 -32.49 52.01 -46.47
C GLY D 109 -31.24 51.36 -47.00
N ALA D 110 -31.36 50.60 -48.12
CA ALA D 110 -30.21 49.97 -48.77
C ALA D 110 -29.21 51.01 -49.30
N GLU D 111 -29.68 52.21 -49.64
CA GLU D 111 -28.80 53.29 -50.12
C GLU D 111 -28.01 53.93 -48.97
N LEU D 112 -28.52 53.86 -47.73
CA LEU D 112 -27.89 54.47 -46.55
C LEU D 112 -27.11 53.43 -45.71
N VAL D 113 -27.40 52.13 -45.86
CA VAL D 113 -26.84 51.07 -45.05
C VAL D 113 -25.30 51.04 -45.05
N ASP D 114 -24.63 51.32 -46.17
CA ASP D 114 -23.15 51.31 -46.20
C ASP D 114 -22.52 52.47 -45.37
N SER D 115 -23.17 53.64 -45.31
CA SER D 115 -22.72 54.75 -44.46
C SER D 115 -22.82 54.35 -42.98
N VAL D 116 -23.85 53.56 -42.61
CA VAL D 116 -24.04 53.08 -41.24
C VAL D 116 -22.97 52.04 -40.91
N LEU D 117 -22.76 51.05 -41.80
CA LEU D 117 -21.75 50.00 -41.59
C LEU D 117 -20.35 50.59 -41.44
N ASP D 118 -20.04 51.72 -42.11
CA ASP D 118 -18.76 52.44 -42.00
C ASP D 118 -18.50 52.78 -40.53
N VAL D 119 -19.49 53.41 -39.90
CA VAL D 119 -19.48 53.86 -38.52
C VAL D 119 -19.53 52.69 -37.50
N VAL D 120 -20.38 51.65 -37.72
CA VAL D 120 -20.42 50.54 -36.76
C VAL D 120 -19.13 49.71 -36.87
N ARG D 121 -18.54 49.55 -38.07
CA ARG D 121 -17.28 48.82 -38.19
C ARG D 121 -16.18 49.52 -37.42
N LYS D 122 -16.09 50.87 -37.50
CA LYS D 122 -15.09 51.62 -36.77
C LYS D 122 -15.23 51.39 -35.27
N GLU D 123 -16.48 51.38 -34.75
CA GLU D 123 -16.74 51.14 -33.33
C GLU D 123 -16.36 49.72 -32.93
N ALA D 124 -16.82 48.73 -33.71
CA ALA D 124 -16.59 47.31 -33.49
C ALA D 124 -15.13 46.91 -33.58
N GLU D 125 -14.39 47.45 -34.55
CA GLU D 125 -12.97 47.10 -34.71
C GLU D 125 -12.09 47.66 -33.60
N SER D 126 -12.51 48.77 -32.98
CA SER D 126 -11.83 49.43 -31.88
C SER D 126 -11.97 48.65 -30.55
N CYS D 127 -12.90 47.69 -30.47
CA CYS D 127 -13.12 46.91 -29.26
C CYS D 127 -12.04 45.90 -28.95
N ASP D 128 -11.65 45.84 -27.67
CA ASP D 128 -10.69 44.87 -27.16
C ASP D 128 -11.36 43.48 -27.16
N CYS D 129 -12.63 43.39 -26.74
CA CYS D 129 -13.36 42.13 -26.76
C CYS D 129 -14.86 42.38 -26.95
N LEU D 130 -15.26 42.50 -28.21
CA LEU D 130 -16.63 42.81 -28.58
C LEU D 130 -17.65 41.72 -28.20
N GLN D 131 -18.66 42.06 -27.37
CA GLN D 131 -19.73 41.13 -26.98
C GLN D 131 -20.70 40.95 -28.14
N GLY D 132 -21.05 42.06 -28.76
CA GLY D 132 -22.03 42.09 -29.83
C GLY D 132 -22.73 43.43 -29.94
N PHE D 133 -23.94 43.38 -30.50
CA PHE D 133 -24.72 44.54 -30.87
C PHE D 133 -26.09 44.60 -30.19
N GLN D 134 -26.55 45.81 -29.90
CA GLN D 134 -27.82 46.12 -29.25
C GLN D 134 -28.55 47.11 -30.19
N LEU D 135 -29.76 46.78 -30.66
CA LEU D 135 -30.51 47.69 -31.54
C LEU D 135 -31.85 48.12 -30.90
N THR D 136 -32.14 49.43 -30.88
CA THR D 136 -33.46 49.90 -30.45
C THR D 136 -34.19 50.36 -31.71
N HIS D 137 -35.43 49.93 -31.90
CA HIS D 137 -36.21 50.28 -33.07
C HIS D 137 -37.69 49.93 -32.86
N SER D 138 -38.58 50.46 -33.73
CA SER D 138 -39.97 50.02 -33.71
C SER D 138 -40.14 49.01 -34.89
N LEU D 139 -41.18 48.17 -34.80
CA LEU D 139 -41.53 47.22 -35.86
C LEU D 139 -42.63 47.74 -36.79
N GLY D 140 -43.30 48.83 -36.42
CA GLY D 140 -44.43 49.34 -37.17
C GLY D 140 -44.18 50.36 -38.25
N GLY D 141 -43.02 51.03 -38.26
CA GLY D 141 -42.73 52.02 -39.29
C GLY D 141 -41.93 51.46 -40.45
N GLY D 142 -41.13 52.28 -41.09
CA GLY D 142 -40.32 51.85 -42.22
C GLY D 142 -38.82 51.79 -41.96
N THR D 143 -38.26 52.80 -41.26
CA THR D 143 -36.82 52.85 -41.01
C THR D 143 -36.39 51.88 -39.92
N GLY D 144 -36.95 52.03 -38.72
CA GLY D 144 -36.63 51.15 -37.61
C GLY D 144 -36.89 49.70 -37.93
N SER D 145 -38.03 49.42 -38.57
CA SER D 145 -38.37 48.03 -38.89
C SER D 145 -37.65 47.48 -40.12
N GLY D 146 -37.80 48.14 -41.27
CA GLY D 146 -37.18 47.66 -42.50
C GLY D 146 -35.68 47.83 -42.53
N MET D 147 -35.19 49.06 -42.28
CA MET D 147 -33.75 49.31 -42.32
C MET D 147 -33.05 48.70 -41.12
N GLY D 148 -33.71 48.70 -39.97
CA GLY D 148 -33.19 48.08 -38.76
C GLY D 148 -32.92 46.59 -38.96
N THR D 149 -33.85 45.86 -39.60
CA THR D 149 -33.67 44.44 -39.88
C THR D 149 -32.63 44.20 -40.98
N LEU D 150 -32.49 45.16 -41.93
CA LEU D 150 -31.48 45.06 -42.98
C LEU D 150 -30.09 45.16 -42.33
N LEU D 151 -29.92 46.10 -41.39
CA LEU D 151 -28.69 46.31 -40.63
C LEU D 151 -28.30 45.07 -39.85
N ILE D 152 -29.31 44.40 -39.23
CA ILE D 152 -29.07 43.18 -38.47
C ILE D 152 -28.43 42.10 -39.33
N SER D 153 -28.96 41.84 -40.52
CA SER D 153 -28.41 40.81 -41.37
C SER D 153 -27.04 41.19 -41.94
N LYS D 154 -26.80 42.50 -42.17
CA LYS D 154 -25.50 42.93 -42.70
C LYS D 154 -24.42 42.79 -41.61
N ILE D 155 -24.73 43.23 -40.38
CA ILE D 155 -23.82 43.14 -39.24
C ILE D 155 -23.56 41.66 -38.89
N ARG D 156 -24.59 40.80 -38.96
CA ARG D 156 -24.50 39.35 -38.73
C ARG D 156 -23.51 38.70 -39.73
N GLU D 157 -23.58 39.10 -41.00
CA GLU D 157 -22.69 38.60 -42.04
C GLU D 157 -21.23 38.90 -41.70
N GLU D 158 -20.93 40.09 -41.19
CA GLU D 158 -19.57 40.54 -40.85
C GLU D 158 -19.08 40.08 -39.46
N TYR D 159 -20.00 39.88 -38.53
CA TYR D 159 -19.71 39.47 -37.15
C TYR D 159 -20.60 38.27 -36.79
N PRO D 160 -20.45 37.12 -37.49
CA PRO D 160 -21.34 35.98 -37.23
C PRO D 160 -21.24 35.36 -35.83
N ASP D 161 -20.11 35.55 -35.17
CA ASP D 161 -19.84 35.01 -33.84
C ASP D 161 -20.17 35.98 -32.68
N ARG D 162 -20.82 37.13 -32.95
CA ARG D 162 -21.18 38.06 -31.88
C ARG D 162 -22.69 37.98 -31.60
N ILE D 163 -23.11 38.37 -30.39
CA ILE D 163 -24.51 38.33 -30.01
C ILE D 163 -25.26 39.52 -30.60
N MET D 164 -26.45 39.25 -31.18
CA MET D 164 -27.32 40.25 -31.78
C MET D 164 -28.56 40.36 -30.89
N ASN D 165 -28.73 41.52 -30.25
CA ASN D 165 -29.79 41.79 -29.28
C ASN D 165 -30.65 42.99 -29.73
N THR D 166 -31.99 42.90 -29.63
CA THR D 166 -32.87 44.00 -29.99
C THR D 166 -33.89 44.36 -28.88
N TYR D 167 -34.30 45.63 -28.88
CA TYR D 167 -35.37 46.22 -28.10
C TYR D 167 -36.31 46.66 -29.20
N SER D 168 -37.34 45.84 -29.44
CA SER D 168 -38.28 45.97 -30.53
C SER D 168 -39.65 46.44 -30.07
N VAL D 169 -40.05 47.64 -30.51
CA VAL D 169 -41.33 48.21 -30.14
C VAL D 169 -42.44 47.74 -31.08
N VAL D 170 -43.39 46.97 -30.53
CA VAL D 170 -44.52 46.37 -31.24
C VAL D 170 -45.68 47.41 -31.36
N PRO D 171 -46.23 47.56 -32.58
CA PRO D 171 -47.30 48.54 -32.78
C PRO D 171 -48.64 48.15 -32.17
N SER D 172 -49.46 49.15 -31.91
CA SER D 172 -50.79 48.98 -31.37
C SER D 172 -51.74 50.00 -31.98
N PRO D 173 -52.96 49.59 -32.34
CA PRO D 173 -53.95 50.57 -32.85
C PRO D 173 -54.30 51.69 -31.84
N LYS D 174 -53.98 51.47 -30.55
CA LYS D 174 -54.22 52.42 -29.45
C LYS D 174 -53.32 53.63 -29.51
N VAL D 175 -52.07 53.51 -30.04
CA VAL D 175 -51.18 54.69 -30.05
C VAL D 175 -50.95 55.22 -31.48
N SER D 176 -50.99 54.36 -32.50
CA SER D 176 -50.79 54.80 -33.87
C SER D 176 -51.87 54.29 -34.80
N ASP D 177 -52.43 55.19 -35.61
CA ASP D 177 -53.48 54.89 -36.56
C ASP D 177 -52.98 54.31 -37.91
N THR D 178 -51.65 54.29 -38.17
CA THR D 178 -51.11 53.76 -39.42
C THR D 178 -51.61 52.35 -39.71
N VAL D 179 -52.31 52.22 -40.81
CA VAL D 179 -53.00 51.00 -41.23
C VAL D 179 -52.07 49.87 -41.58
N VAL D 180 -50.88 50.15 -42.13
CA VAL D 180 -49.98 49.09 -42.56
C VAL D 180 -49.03 48.58 -41.46
N GLU D 181 -49.13 49.07 -40.19
CA GLU D 181 -48.32 48.57 -39.06
C GLU D 181 -48.33 47.06 -38.91
N PRO D 182 -49.47 46.34 -39.14
CA PRO D 182 -49.41 44.88 -39.09
C PRO D 182 -48.50 44.24 -40.15
N TYR D 183 -48.37 44.87 -41.33
CA TYR D 183 -47.49 44.35 -42.38
C TYR D 183 -46.04 44.56 -41.98
N ASN D 184 -45.69 45.79 -41.57
CA ASN D 184 -44.30 46.11 -41.21
C ASN D 184 -43.85 45.26 -40.01
N ALA D 185 -44.74 45.04 -39.05
CA ALA D 185 -44.42 44.24 -37.87
C ALA D 185 -44.21 42.76 -38.23
N THR D 186 -45.04 42.19 -39.13
CA THR D 186 -44.91 40.77 -39.52
C THR D 186 -43.66 40.55 -40.35
N LEU D 187 -43.34 41.47 -41.29
CA LEU D 187 -42.13 41.33 -42.10
C LEU D 187 -40.86 41.41 -41.23
N SER D 188 -40.90 42.20 -40.14
CA SER D 188 -39.78 42.35 -39.21
C SER D 188 -39.63 41.16 -38.29
N VAL D 189 -40.74 40.61 -37.76
CA VAL D 189 -40.70 39.42 -36.89
C VAL D 189 -40.03 38.27 -37.66
N HIS D 190 -40.36 38.10 -38.95
CA HIS D 190 -39.79 37.09 -39.82
C HIS D 190 -38.23 37.19 -39.81
N GLN D 191 -37.70 38.42 -39.94
CA GLN D 191 -36.28 38.71 -39.90
C GLN D 191 -35.68 38.43 -38.51
N LEU D 192 -36.36 38.89 -37.43
CA LEU D 192 -35.91 38.74 -36.04
C LEU D 192 -35.85 37.29 -35.60
N VAL D 193 -36.82 36.45 -36.03
CA VAL D 193 -36.87 35.03 -35.70
C VAL D 193 -35.59 34.35 -36.22
N GLU D 194 -35.14 34.73 -37.43
CA GLU D 194 -33.99 34.12 -38.06
C GLU D 194 -32.65 34.75 -37.73
N ASN D 195 -32.60 36.06 -37.37
CA ASN D 195 -31.29 36.71 -37.23
C ASN D 195 -30.91 37.32 -35.87
N THR D 196 -31.79 37.27 -34.84
CA THR D 196 -31.39 37.81 -33.54
C THR D 196 -31.24 36.67 -32.55
N ASP D 197 -30.46 36.93 -31.51
CA ASP D 197 -30.24 35.97 -30.44
C ASP D 197 -31.18 36.27 -29.28
N GLU D 198 -31.52 37.52 -29.05
CA GLU D 198 -32.44 37.93 -28.00
C GLU D 198 -33.21 39.17 -28.42
N THR D 199 -34.53 39.16 -28.26
CA THR D 199 -35.37 40.28 -28.59
C THR D 199 -36.31 40.61 -27.42
N TYR D 200 -36.24 41.83 -26.89
CA TYR D 200 -37.15 42.28 -25.84
C TYR D 200 -38.36 42.88 -26.54
N CYS D 201 -39.53 42.28 -26.33
CA CYS D 201 -40.76 42.76 -26.94
C CYS D 201 -41.35 43.88 -26.11
N ILE D 202 -41.17 45.14 -26.57
CA ILE D 202 -41.71 46.32 -25.90
C ILE D 202 -43.02 46.64 -26.64
N ASP D 203 -44.15 46.26 -26.06
CA ASP D 203 -45.45 46.44 -26.68
C ASP D 203 -46.09 47.81 -26.37
N ASN D 204 -46.39 48.61 -27.42
CA ASN D 204 -47.09 49.89 -27.21
C ASN D 204 -48.50 49.66 -26.64
N GLU D 205 -49.11 48.49 -26.88
CA GLU D 205 -50.44 48.16 -26.37
C GLU D 205 -50.37 48.11 -24.83
N ALA D 206 -49.34 47.42 -24.31
CA ALA D 206 -49.11 47.27 -22.88
C ALA D 206 -48.71 48.62 -22.25
N LEU D 207 -47.83 49.39 -22.93
CA LEU D 207 -47.39 50.69 -22.44
C LEU D 207 -48.55 51.66 -22.32
N TYR D 208 -49.41 51.72 -23.35
CA TYR D 208 -50.59 52.56 -23.36
C TYR D 208 -51.52 52.18 -22.21
N ASP D 209 -51.77 50.84 -22.04
CA ASP D 209 -52.65 50.32 -20.99
C ASP D 209 -52.16 50.63 -19.58
N ILE D 210 -50.83 50.59 -19.34
CA ILE D 210 -50.29 50.94 -18.03
C ILE D 210 -50.53 52.43 -17.76
N CYS D 211 -50.23 53.28 -18.76
CA CYS D 211 -50.42 54.72 -18.61
C CYS D 211 -51.89 55.08 -18.41
N PHE D 212 -52.79 54.45 -19.18
CA PHE D 212 -54.22 54.76 -19.09
C PHE D 212 -54.86 54.18 -17.83
N ARG D 213 -54.75 52.85 -17.63
CA ARG D 213 -55.38 52.18 -16.51
C ARG D 213 -54.73 52.40 -15.15
N THR D 214 -53.40 52.23 -15.05
CA THR D 214 -52.71 52.32 -13.77
C THR D 214 -52.26 53.75 -13.42
N LEU D 215 -51.58 54.44 -14.34
CA LEU D 215 -51.10 55.80 -14.09
C LEU D 215 -52.18 56.89 -14.22
N LYS D 216 -53.38 56.50 -14.70
CA LYS D 216 -54.56 57.34 -14.87
C LYS D 216 -54.29 58.54 -15.78
N LEU D 217 -53.49 58.34 -16.82
CA LEU D 217 -53.20 59.39 -17.79
C LEU D 217 -54.26 59.20 -18.89
N THR D 218 -55.23 60.12 -18.96
CA THR D 218 -56.33 60.03 -19.91
C THR D 218 -55.83 59.99 -21.35
N THR D 219 -54.82 60.79 -21.67
CA THR D 219 -54.24 60.78 -23.02
C THR D 219 -52.72 60.63 -22.95
N PRO D 220 -52.22 59.39 -22.87
CA PRO D 220 -50.75 59.19 -22.82
C PRO D 220 -50.01 59.67 -24.05
N THR D 221 -48.79 60.15 -23.88
CA THR D 221 -47.95 60.58 -24.99
C THR D 221 -46.74 59.62 -25.10
N TYR D 222 -45.92 59.75 -26.15
CA TYR D 222 -44.69 58.96 -26.27
C TYR D 222 -43.75 59.21 -25.09
N GLY D 223 -43.76 60.40 -24.50
CA GLY D 223 -42.96 60.69 -23.31
C GLY D 223 -43.36 59.83 -22.13
N ASP D 224 -44.68 59.61 -21.94
CA ASP D 224 -45.20 58.77 -20.87
C ASP D 224 -44.84 57.31 -21.14
N LEU D 225 -45.04 56.82 -22.38
CA LEU D 225 -44.73 55.43 -22.72
C LEU D 225 -43.20 55.14 -22.59
N ASN D 226 -42.37 56.08 -23.07
CA ASN D 226 -40.91 55.99 -23.07
C ASN D 226 -40.30 56.04 -21.68
N HIS D 227 -40.99 56.63 -20.70
CA HIS D 227 -40.51 56.63 -19.33
C HIS D 227 -40.54 55.18 -18.77
N LEU D 228 -41.56 54.40 -19.13
CA LEU D 228 -41.63 53.01 -18.71
C LEU D 228 -40.54 52.20 -19.41
N VAL D 229 -40.28 52.48 -20.71
CA VAL D 229 -39.25 51.79 -21.50
C VAL D 229 -37.88 52.07 -20.92
N SER D 230 -37.58 53.34 -20.54
CA SER D 230 -36.26 53.68 -20.03
C SER D 230 -35.97 52.98 -18.70
N LEU D 231 -36.96 52.87 -17.83
CA LEU D 231 -36.79 52.15 -16.57
C LEU D 231 -36.61 50.65 -16.82
N THR D 232 -37.35 50.10 -17.80
CA THR D 232 -37.25 48.70 -18.16
C THR D 232 -35.87 48.37 -18.73
N MET D 233 -35.38 49.19 -19.66
CA MET D 233 -34.05 49.00 -20.28
C MET D 233 -32.92 49.15 -19.27
N SER D 234 -33.05 50.08 -18.31
CA SER D 234 -32.09 50.23 -17.23
C SER D 234 -32.07 48.92 -16.38
N GLY D 235 -33.26 48.36 -16.14
CA GLY D 235 -33.43 47.13 -15.39
C GLY D 235 -32.88 45.89 -16.07
N VAL D 236 -33.16 45.69 -17.37
CA VAL D 236 -32.68 44.52 -18.09
C VAL D 236 -31.16 44.56 -18.36
N THR D 237 -30.54 45.76 -18.41
CA THR D 237 -29.08 45.85 -18.64
C THR D 237 -28.25 45.96 -17.37
N THR D 238 -28.88 45.95 -16.18
CA THR D 238 -28.23 46.02 -14.86
C THR D 238 -27.02 45.06 -14.74
N CYS D 239 -27.19 43.78 -15.12
CA CYS D 239 -26.16 42.78 -15.02
C CYS D 239 -25.04 42.92 -16.04
N LEU D 240 -25.28 43.65 -17.12
CA LEU D 240 -24.23 43.92 -18.11
C LEU D 240 -23.35 45.09 -17.65
N ARG D 241 -23.89 45.99 -16.81
CA ARG D 241 -23.30 47.26 -16.42
C ARG D 241 -22.67 47.36 -15.04
N PHE D 242 -22.94 46.43 -14.15
CA PHE D 242 -22.40 46.46 -12.79
C PHE D 242 -21.76 45.12 -12.46
N PRO D 243 -20.76 45.08 -11.55
CA PRO D 243 -20.15 43.78 -11.21
C PRO D 243 -21.16 42.82 -10.59
N GLY D 244 -21.11 41.57 -11.03
CA GLY D 244 -22.04 40.54 -10.58
C GLY D 244 -21.74 39.17 -11.18
N GLN D 245 -22.38 38.14 -10.62
CA GLN D 245 -22.18 36.74 -11.02
C GLN D 245 -23.04 36.27 -12.21
N LEU D 246 -24.30 36.65 -12.20
CA LEU D 246 -25.29 36.15 -13.13
C LEU D 246 -25.50 36.99 -14.36
N ASN D 247 -25.63 36.32 -15.55
CA ASN D 247 -25.92 36.94 -16.84
C ASN D 247 -25.11 38.21 -17.10
N ALA D 248 -23.84 38.18 -16.68
CA ALA D 248 -22.92 39.32 -16.77
C ALA D 248 -22.58 39.77 -18.19
N ASP D 249 -22.91 38.96 -19.19
CA ASP D 249 -22.65 39.30 -20.59
C ASP D 249 -23.75 38.78 -21.48
N LEU D 250 -23.84 39.30 -22.73
CA LEU D 250 -24.89 38.93 -23.68
C LEU D 250 -24.99 37.43 -24.02
N ARG D 251 -23.85 36.71 -24.08
CA ARG D 251 -23.85 35.27 -24.40
C ARG D 251 -24.30 34.42 -23.20
N LYS D 252 -23.81 34.75 -21.98
CA LYS D 252 -24.26 34.03 -20.79
C LYS D 252 -25.77 34.22 -20.57
N LEU D 253 -26.30 35.42 -20.87
CA LEU D 253 -27.73 35.69 -20.76
C LEU D 253 -28.49 34.82 -21.77
N ALA D 254 -28.04 34.80 -23.04
CA ALA D 254 -28.70 34.01 -24.10
C ALA D 254 -28.71 32.51 -23.77
N VAL D 255 -27.57 31.96 -23.28
CA VAL D 255 -27.46 30.56 -22.89
C VAL D 255 -28.44 30.22 -21.76
N ASN D 256 -28.65 31.12 -20.79
CA ASN D 256 -29.58 30.90 -19.69
C ASN D 256 -31.04 31.10 -20.07
N MET D 257 -31.31 31.96 -21.06
CA MET D 257 -32.65 32.34 -21.40
C MET D 257 -33.26 31.64 -22.59
N VAL D 258 -32.46 31.15 -23.54
CA VAL D 258 -32.98 30.66 -24.82
C VAL D 258 -32.80 29.14 -25.01
N PRO D 259 -33.83 28.35 -24.68
CA PRO D 259 -33.73 26.89 -24.85
C PRO D 259 -33.86 26.39 -26.28
N PHE D 260 -34.53 27.15 -27.12
CA PHE D 260 -34.78 26.80 -28.53
C PHE D 260 -34.43 28.04 -29.34
N PRO D 261 -33.66 27.90 -30.44
CA PRO D 261 -33.17 29.09 -31.14
C PRO D 261 -34.22 30.14 -31.51
N ARG D 262 -35.38 29.73 -31.99
CA ARG D 262 -36.41 30.67 -32.41
C ARG D 262 -37.15 31.33 -31.25
N LEU D 263 -37.19 30.66 -30.10
CA LEU D 263 -37.92 31.18 -28.95
C LEU D 263 -37.02 32.10 -28.11
N HIS D 264 -36.70 33.25 -28.69
CA HIS D 264 -35.83 34.22 -28.08
C HIS D 264 -36.50 35.57 -27.91
N PHE D 265 -37.84 35.58 -27.73
CA PHE D 265 -38.64 36.80 -27.58
C PHE D 265 -39.04 36.92 -26.13
N PHE D 266 -38.55 37.97 -25.46
CA PHE D 266 -38.76 38.17 -24.04
C PHE D 266 -39.84 39.13 -23.71
N MET D 267 -40.54 38.81 -22.64
CA MET D 267 -41.64 39.58 -22.07
C MET D 267 -41.02 40.27 -20.85
N PRO D 268 -40.69 41.57 -20.95
CA PRO D 268 -40.11 42.25 -19.78
C PRO D 268 -41.19 42.69 -18.79
N GLY D 269 -40.84 42.67 -17.52
CA GLY D 269 -41.72 43.07 -16.42
C GLY D 269 -41.01 44.07 -15.53
N PHE D 270 -41.75 45.00 -14.94
CA PHE D 270 -41.14 46.01 -14.07
C PHE D 270 -42.07 46.41 -12.92
N ALA D 271 -41.49 46.62 -11.75
CA ALA D 271 -42.20 47.11 -10.58
C ALA D 271 -41.24 48.01 -9.83
N PRO D 272 -41.68 49.18 -9.29
CA PRO D 272 -43.05 49.74 -9.36
C PRO D 272 -43.33 50.46 -10.68
N LEU D 273 -44.61 50.63 -11.02
CA LEU D 273 -45.01 51.35 -12.24
C LEU D 273 -45.17 52.81 -11.85
N THR D 274 -44.41 53.70 -12.48
CA THR D 274 -44.45 55.12 -12.15
C THR D 274 -44.65 55.98 -13.38
N SER D 275 -45.12 57.20 -13.16
CA SER D 275 -45.26 58.22 -14.19
C SER D 275 -44.02 59.15 -14.08
N ARG D 276 -43.83 60.07 -15.04
CA ARG D 276 -42.69 61.00 -14.99
C ARG D 276 -42.72 62.00 -13.82
N GLY D 277 -43.85 62.08 -13.12
CA GLY D 277 -44.03 62.96 -11.97
C GLY D 277 -44.15 62.31 -10.60
N SER D 278 -44.54 61.02 -10.51
CA SER D 278 -44.71 60.37 -9.18
C SER D 278 -43.36 60.06 -8.48
N ALA D 283 -41.40 53.26 -1.28
CA ALA D 283 -40.63 52.11 -1.75
C ALA D 283 -41.40 50.82 -1.47
N LEU D 284 -41.58 49.97 -2.51
CA LEU D 284 -42.29 48.69 -2.36
C LEU D 284 -41.45 47.73 -1.52
N THR D 285 -42.11 46.80 -0.80
CA THR D 285 -41.36 45.80 -0.05
C THR D 285 -40.93 44.63 -0.97
N VAL D 286 -40.04 43.74 -0.48
CA VAL D 286 -39.56 42.58 -1.24
C VAL D 286 -40.73 41.64 -1.65
N PRO D 287 -41.66 41.23 -0.73
CA PRO D 287 -42.77 40.37 -1.17
C PRO D 287 -43.65 41.04 -2.24
N GLU D 288 -43.86 42.36 -2.13
CA GLU D 288 -44.64 43.14 -3.09
C GLU D 288 -43.99 43.11 -4.48
N LEU D 289 -42.66 43.28 -4.54
CA LEU D 289 -41.92 43.24 -5.80
C LEU D 289 -42.00 41.87 -6.46
N THR D 290 -41.81 40.76 -5.69
CA THR D 290 -41.84 39.41 -6.26
C THR D 290 -43.21 39.03 -6.82
N GLN D 291 -44.29 39.54 -6.22
CA GLN D 291 -45.67 39.26 -6.67
C GLN D 291 -45.94 39.77 -8.08
N GLN D 292 -45.33 40.89 -8.46
CA GLN D 292 -45.53 41.52 -9.76
C GLN D 292 -45.02 40.71 -10.95
N MET D 293 -44.30 39.62 -10.70
CA MET D 293 -43.78 38.70 -11.72
C MET D 293 -44.92 38.01 -12.49
N PHE D 294 -46.04 37.75 -11.81
CA PHE D 294 -47.20 37.12 -12.44
C PHE D 294 -48.30 38.10 -12.76
N ASP D 295 -48.05 39.41 -12.59
CA ASP D 295 -49.04 40.43 -12.80
C ASP D 295 -48.98 40.95 -14.22
N ALA D 296 -50.07 40.69 -14.96
CA ALA D 296 -50.23 41.16 -16.33
C ALA D 296 -50.07 42.70 -16.43
N LYS D 297 -50.50 43.42 -15.37
CA LYS D 297 -50.43 44.88 -15.24
C LYS D 297 -49.02 45.43 -15.25
N ASN D 298 -48.02 44.60 -14.88
CA ASN D 298 -46.61 44.98 -14.81
C ASN D 298 -45.77 44.54 -16.01
N MET D 299 -46.40 43.91 -16.99
CA MET D 299 -45.70 43.43 -18.17
C MET D 299 -45.64 44.50 -19.22
N MET D 300 -44.50 44.60 -19.91
CA MET D 300 -44.25 45.53 -21.00
C MET D 300 -44.65 44.94 -22.38
N ALA D 301 -45.13 43.71 -22.43
CA ALA D 301 -45.68 43.01 -23.58
C ALA D 301 -47.14 42.73 -23.17
N ALA D 302 -48.12 42.93 -24.06
CA ALA D 302 -49.53 42.77 -23.67
C ALA D 302 -49.99 41.32 -23.66
N CYS D 303 -49.42 40.56 -22.75
CA CYS D 303 -49.64 39.15 -22.51
C CYS D 303 -49.83 38.95 -21.01
N ASP D 304 -50.67 37.97 -20.65
CA ASP D 304 -50.86 37.63 -19.26
C ASP D 304 -49.92 36.45 -18.96
N PRO D 305 -48.93 36.61 -18.05
CA PRO D 305 -48.03 35.47 -17.75
C PRO D 305 -48.77 34.25 -17.19
N ARG D 306 -49.94 34.47 -16.55
CA ARG D 306 -50.74 33.35 -16.05
C ARG D 306 -51.49 32.60 -17.16
N HIS D 307 -51.43 33.09 -18.41
CA HIS D 307 -52.03 32.42 -19.56
C HIS D 307 -51.10 31.38 -20.21
N GLY D 308 -49.83 31.34 -19.80
CA GLY D 308 -48.84 30.42 -20.31
C GLY D 308 -47.92 29.95 -19.21
N ARG D 309 -46.72 29.48 -19.61
CA ARG D 309 -45.71 28.98 -18.69
C ARG D 309 -44.37 29.60 -19.01
N TYR D 310 -43.61 29.90 -17.99
CA TYR D 310 -42.27 30.43 -18.12
C TYR D 310 -41.31 29.26 -18.44
N LEU D 311 -40.59 29.38 -19.56
CA LEU D 311 -39.53 28.46 -19.93
C LEU D 311 -38.32 28.85 -19.06
N THR D 312 -38.02 30.16 -18.96
CA THR D 312 -36.91 30.70 -18.16
C THR D 312 -37.28 32.11 -17.67
N VAL D 313 -36.71 32.54 -16.53
CA VAL D 313 -36.90 33.89 -15.97
C VAL D 313 -35.62 34.40 -15.34
N ALA D 314 -35.28 35.66 -15.57
CA ALA D 314 -34.18 36.35 -14.91
C ALA D 314 -34.89 37.45 -14.06
N ALA D 315 -34.72 37.43 -12.74
CA ALA D 315 -35.35 38.41 -11.86
C ALA D 315 -34.24 39.31 -11.28
N ILE D 316 -34.31 40.64 -11.54
CA ILE D 316 -33.31 41.60 -11.08
C ILE D 316 -33.89 42.57 -10.07
N PHE D 317 -33.37 42.53 -8.85
CA PHE D 317 -33.81 43.37 -7.73
C PHE D 317 -32.78 44.44 -7.50
N ARG D 318 -33.21 45.72 -7.43
CA ARG D 318 -32.28 46.82 -7.24
C ARG D 318 -32.64 47.69 -6.05
N GLY D 319 -31.62 48.16 -5.35
CA GLY D 319 -31.78 48.97 -4.15
C GLY D 319 -31.27 48.28 -2.90
N ARG D 320 -31.37 48.94 -1.74
CA ARG D 320 -30.92 48.34 -0.48
C ARG D 320 -31.99 47.44 0.10
N MET D 321 -31.81 46.13 -0.08
CA MET D 321 -32.74 45.13 0.41
C MET D 321 -32.00 43.86 0.84
N SER D 322 -32.63 43.03 1.67
CA SER D 322 -31.99 41.81 2.16
C SER D 322 -31.96 40.74 1.06
N MET D 323 -30.76 40.23 0.76
CA MET D 323 -30.61 39.16 -0.21
C MET D 323 -31.31 37.89 0.30
N LYS D 324 -31.28 37.66 1.62
CA LYS D 324 -31.95 36.54 2.30
C LYS D 324 -33.46 36.63 2.06
N GLU D 325 -34.06 37.83 2.22
CA GLU D 325 -35.49 38.06 2.01
C GLU D 325 -35.87 37.81 0.54
N VAL D 326 -35.06 38.33 -0.41
CA VAL D 326 -35.25 38.15 -1.85
C VAL D 326 -35.22 36.65 -2.18
N ASP D 327 -34.25 35.90 -1.60
CA ASP D 327 -34.13 34.46 -1.85
C ASP D 327 -35.34 33.68 -1.33
N GLU D 328 -35.82 34.02 -0.14
CA GLU D 328 -36.99 33.39 0.47
C GLU D 328 -38.23 33.69 -0.35
N GLN D 329 -38.42 34.95 -0.78
CA GLN D 329 -39.60 35.34 -1.54
C GLN D 329 -39.60 34.75 -2.95
N MET D 330 -38.43 34.62 -3.59
CA MET D 330 -38.35 34.05 -4.93
C MET D 330 -38.62 32.54 -4.90
N LEU D 331 -38.24 31.84 -3.82
CA LEU D 331 -38.52 30.42 -3.68
C LEU D 331 -40.01 30.20 -3.46
N ASN D 332 -40.63 31.03 -2.63
CA ASN D 332 -42.06 31.00 -2.33
C ASN D 332 -42.88 31.29 -3.58
N ILE D 333 -42.47 32.27 -4.41
CA ILE D 333 -43.24 32.61 -5.60
C ILE D 333 -43.22 31.42 -6.61
N GLN D 334 -42.12 30.63 -6.72
CA GLN D 334 -42.14 29.50 -7.67
C GLN D 334 -42.76 28.23 -7.08
N ASN D 335 -42.71 28.04 -5.74
CA ASN D 335 -43.36 26.90 -5.11
C ASN D 335 -44.89 27.07 -5.13
N LYS D 336 -45.37 28.28 -4.86
CA LYS D 336 -46.80 28.60 -4.89
C LYS D 336 -47.36 28.68 -6.31
N ASN D 337 -46.50 28.89 -7.32
CA ASN D 337 -46.95 29.05 -8.71
C ASN D 337 -46.28 28.04 -9.63
N SER D 338 -46.02 26.82 -9.14
CA SER D 338 -45.33 25.75 -9.89
C SER D 338 -45.97 25.40 -11.24
N SER D 339 -47.27 25.60 -11.34
CA SER D 339 -47.98 25.33 -12.57
C SER D 339 -47.66 26.35 -13.69
N TYR D 340 -47.05 27.51 -13.35
CA TYR D 340 -46.70 28.51 -14.38
C TYR D 340 -45.25 28.43 -14.84
N PHE D 341 -44.55 27.39 -14.49
CA PHE D 341 -43.17 27.16 -14.90
C PHE D 341 -43.14 25.80 -15.53
N VAL D 342 -42.42 25.63 -16.66
CA VAL D 342 -42.29 24.29 -17.25
C VAL D 342 -41.47 23.42 -16.33
N GLU D 343 -41.96 22.21 -16.04
CA GLU D 343 -41.30 21.28 -15.13
C GLU D 343 -40.05 20.63 -15.72
N TRP D 344 -39.91 20.65 -17.06
CA TRP D 344 -38.78 20.00 -17.75
C TRP D 344 -37.55 20.92 -17.96
N ILE D 345 -37.54 22.11 -17.35
CA ILE D 345 -36.36 22.96 -17.31
C ILE D 345 -36.13 23.24 -15.82
N PRO D 346 -35.40 22.36 -15.10
CA PRO D 346 -35.21 22.59 -13.64
C PRO D 346 -34.39 23.85 -13.35
N ASN D 347 -34.68 24.52 -12.22
CA ASN D 347 -33.98 25.72 -11.74
C ASN D 347 -33.92 26.77 -12.84
N ASN D 348 -35.08 27.05 -13.46
CA ASN D 348 -35.14 27.95 -14.61
C ASN D 348 -35.32 29.43 -14.25
N VAL D 349 -35.34 29.76 -12.95
CA VAL D 349 -35.47 31.13 -12.50
C VAL D 349 -34.17 31.53 -11.82
N LYS D 350 -33.47 32.53 -12.36
CA LYS D 350 -32.22 33.01 -11.80
C LYS D 350 -32.42 34.42 -11.24
N THR D 351 -31.96 34.67 -10.02
CA THR D 351 -32.15 35.96 -9.37
C THR D 351 -30.83 36.72 -9.18
N ALA D 352 -30.88 38.04 -9.31
CA ALA D 352 -29.72 38.90 -9.09
C ALA D 352 -30.16 40.10 -8.26
N VAL D 353 -29.29 40.58 -7.37
CA VAL D 353 -29.56 41.74 -6.52
C VAL D 353 -28.42 42.76 -6.73
N CYS D 354 -28.75 44.02 -7.10
CA CYS D 354 -27.79 45.10 -7.29
C CYS D 354 -28.11 46.23 -6.30
N ASP D 355 -27.09 46.75 -5.60
CA ASP D 355 -27.24 47.84 -4.62
C ASP D 355 -27.73 49.15 -5.23
N ILE D 356 -27.38 49.45 -6.49
CA ILE D 356 -27.75 50.70 -7.14
C ILE D 356 -29.15 50.63 -7.77
N PRO D 357 -30.11 51.37 -7.20
CA PRO D 357 -31.47 51.37 -7.78
C PRO D 357 -31.55 52.22 -9.06
N PRO D 358 -32.58 52.05 -9.92
CA PRO D 358 -32.66 52.88 -11.13
C PRO D 358 -32.87 54.34 -10.78
N ARG D 359 -32.63 55.23 -11.75
CA ARG D 359 -32.81 56.66 -11.55
C ARG D 359 -34.25 56.99 -11.12
N GLY D 360 -34.39 57.67 -9.98
CA GLY D 360 -35.69 58.08 -9.47
C GLY D 360 -36.38 57.14 -8.49
N LEU D 361 -35.86 55.91 -8.33
CA LEU D 361 -36.45 54.94 -7.40
C LEU D 361 -35.48 54.54 -6.28
N LYS D 362 -36.02 54.00 -5.17
CA LYS D 362 -35.21 53.48 -4.06
C LYS D 362 -35.15 51.95 -4.10
N MET D 363 -36.21 51.31 -4.62
CA MET D 363 -36.29 49.89 -4.79
C MET D 363 -37.06 49.51 -6.04
N SER D 364 -36.57 48.51 -6.79
CA SER D 364 -37.20 48.09 -8.03
C SER D 364 -37.01 46.59 -8.30
N ALA D 365 -37.80 46.08 -9.23
CA ALA D 365 -37.70 44.71 -9.70
C ALA D 365 -37.93 44.70 -11.21
N THR D 366 -37.11 43.92 -11.91
CA THR D 366 -37.22 43.77 -13.35
C THR D 366 -37.23 42.28 -13.66
N PHE D 367 -38.15 41.83 -14.51
CA PHE D 367 -38.26 40.42 -14.84
C PHE D 367 -38.07 40.22 -16.32
N ILE D 368 -37.14 39.37 -16.70
CA ILE D 368 -36.93 39.04 -18.11
C ILE D 368 -37.51 37.65 -18.23
N GLY D 369 -38.67 37.56 -18.83
CA GLY D 369 -39.34 36.28 -18.96
C GLY D 369 -39.37 35.70 -20.36
N ASN D 370 -39.06 34.42 -20.48
CA ASN D 370 -39.23 33.71 -21.72
C ASN D 370 -40.48 32.86 -21.46
N SER D 371 -41.64 33.42 -21.74
CA SER D 371 -42.93 32.80 -21.45
C SER D 371 -43.66 32.39 -22.72
N THR D 372 -44.32 31.24 -22.69
CA THR D 372 -45.13 30.79 -23.82
C THR D 372 -46.37 31.71 -24.01
N ALA D 373 -46.72 32.58 -23.02
CA ALA D 373 -47.82 33.55 -23.15
C ALA D 373 -47.53 34.66 -24.18
N ILE D 374 -46.26 34.84 -24.59
CA ILE D 374 -45.86 35.80 -25.63
C ILE D 374 -46.56 35.48 -26.96
N GLN D 375 -47.05 34.24 -27.16
CA GLN D 375 -47.79 33.86 -28.35
C GLN D 375 -49.06 34.74 -28.52
N GLU D 376 -49.61 35.32 -27.42
CA GLU D 376 -50.77 36.22 -27.50
C GLU D 376 -50.42 37.52 -28.24
N LEU D 377 -49.19 38.01 -28.07
CA LEU D 377 -48.71 39.19 -28.78
C LEU D 377 -48.62 38.89 -30.28
N PHE D 378 -48.05 37.72 -30.66
CA PHE D 378 -47.90 37.32 -32.06
C PHE D 378 -49.23 37.00 -32.72
N LYS D 379 -50.18 36.40 -31.98
CA LYS D 379 -51.52 36.12 -32.50
C LYS D 379 -52.25 37.43 -32.81
N ARG D 380 -52.12 38.45 -31.92
CA ARG D 380 -52.74 39.76 -32.12
C ARG D 380 -52.21 40.41 -33.41
N ILE D 381 -50.89 40.39 -33.66
CA ILE D 381 -50.28 40.94 -34.89
C ILE D 381 -50.77 40.13 -36.09
N SER D 382 -50.77 38.81 -35.99
CA SER D 382 -51.22 37.89 -37.03
C SER D 382 -52.68 38.10 -37.44
N GLU D 383 -53.59 38.33 -36.49
CA GLU D 383 -55.01 38.56 -36.79
C GLU D 383 -55.14 39.88 -37.57
N GLN D 384 -54.40 40.93 -37.14
CA GLN D 384 -54.43 42.22 -37.80
C GLN D 384 -53.85 42.11 -39.21
N PHE D 385 -52.77 41.33 -39.36
CA PHE D 385 -52.12 41.07 -40.65
C PHE D 385 -53.10 40.38 -41.63
N THR D 386 -53.73 39.27 -41.20
CA THR D 386 -54.65 38.48 -42.01
C THR D 386 -55.87 39.27 -42.43
N ALA D 387 -56.38 40.15 -41.55
CA ALA D 387 -57.55 40.95 -41.91
C ALA D 387 -57.23 41.86 -43.11
N MET D 388 -55.99 42.34 -43.21
CA MET D 388 -55.58 43.16 -44.33
C MET D 388 -55.18 42.31 -45.54
N PHE D 389 -54.32 41.30 -45.33
CA PHE D 389 -53.75 40.44 -46.37
C PHE D 389 -54.79 39.62 -47.13
N ARG D 390 -55.85 39.19 -46.45
CA ARG D 390 -56.96 38.44 -47.02
C ARG D 390 -57.60 39.25 -48.18
N ARG D 391 -57.65 40.58 -48.04
CA ARG D 391 -58.18 41.48 -49.06
C ARG D 391 -57.06 42.11 -49.95
N LYS D 392 -55.78 41.76 -49.71
CA LYS D 392 -54.62 42.31 -50.39
C LYS D 392 -54.55 43.84 -50.31
N ALA D 393 -55.06 44.40 -49.22
CA ALA D 393 -55.11 45.84 -49.00
C ALA D 393 -53.72 46.41 -48.82
N PHE D 394 -53.42 47.53 -49.51
CA PHE D 394 -52.12 48.22 -49.45
C PHE D 394 -50.93 47.42 -49.99
N LEU D 395 -51.17 46.30 -50.71
CA LEU D 395 -50.09 45.48 -51.22
C LEU D 395 -49.24 46.19 -52.26
N HIS D 396 -49.85 47.04 -53.10
CA HIS D 396 -49.10 47.80 -54.10
C HIS D 396 -48.12 48.82 -53.52
N TRP D 397 -48.21 49.07 -52.22
CA TRP D 397 -47.24 49.90 -51.51
C TRP D 397 -45.89 49.16 -51.41
N TYR D 398 -45.95 47.82 -51.24
CA TYR D 398 -44.81 46.93 -51.09
C TYR D 398 -44.38 46.36 -52.44
N THR D 399 -45.33 45.93 -53.27
CA THR D 399 -44.98 45.38 -54.58
C THR D 399 -44.42 46.47 -55.51
N GLY D 400 -44.86 47.73 -55.31
CA GLY D 400 -44.34 48.89 -56.04
C GLY D 400 -42.86 49.11 -55.78
N GLU D 401 -42.37 48.68 -54.60
CA GLU D 401 -40.96 48.75 -54.21
C GLU D 401 -40.13 47.51 -54.65
N GLY D 402 -40.72 46.63 -55.45
CA GLY D 402 -40.06 45.45 -55.97
C GLY D 402 -40.35 44.16 -55.26
N MET D 403 -41.10 44.20 -54.15
CA MET D 403 -41.43 43.00 -53.37
C MET D 403 -42.43 42.11 -54.04
N ASP D 404 -42.37 40.81 -53.71
CA ASP D 404 -43.32 39.84 -54.20
C ASP D 404 -44.29 39.50 -53.07
N GLU D 405 -45.49 39.10 -53.44
CA GLU D 405 -46.53 38.67 -52.51
C GLU D 405 -46.06 37.46 -51.66
N MET D 406 -45.18 36.62 -52.23
CA MET D 406 -44.63 35.42 -51.60
C MET D 406 -43.91 35.74 -50.29
N GLU D 407 -43.21 36.89 -50.23
CA GLU D 407 -42.52 37.30 -49.01
CA GLU D 407 -42.52 37.25 -48.98
C GLU D 407 -43.50 37.51 -47.85
N PHE D 408 -44.74 37.97 -48.17
CA PHE D 408 -45.78 38.20 -47.18
C PHE D 408 -46.28 36.86 -46.63
N THR D 409 -46.64 35.90 -47.54
CA THR D 409 -47.10 34.56 -47.16
C THR D 409 -46.04 33.86 -46.31
N GLU D 410 -44.76 34.00 -46.68
CA GLU D 410 -43.65 33.40 -45.95
C GLU D 410 -43.50 34.00 -44.56
N ALA D 411 -43.56 35.34 -44.45
CA ALA D 411 -43.43 36.01 -43.16
C ALA D 411 -44.59 35.61 -42.24
N GLU D 412 -45.81 35.50 -42.79
CA GLU D 412 -47.02 35.11 -42.09
C GLU D 412 -46.92 33.68 -41.55
N SER D 413 -46.48 32.73 -42.41
CA SER D 413 -46.26 31.33 -42.04
C SER D 413 -45.24 31.22 -40.93
N ASN D 414 -44.11 31.92 -41.04
CA ASN D 414 -43.05 31.84 -40.04
C ASN D 414 -43.54 32.33 -38.67
N MET D 415 -44.34 33.41 -38.66
CA MET D 415 -44.90 33.94 -37.44
C MET D 415 -45.96 33.02 -36.83
N ASN D 416 -46.79 32.37 -37.66
CA ASN D 416 -47.77 31.41 -37.16
C ASN D 416 -47.09 30.15 -36.62
N ASP D 417 -45.97 29.73 -37.25
CA ASP D 417 -45.19 28.59 -36.81
C ASP D 417 -44.60 28.87 -35.44
N LEU D 418 -44.13 30.13 -35.21
CA LEU D 418 -43.59 30.59 -33.94
C LEU D 418 -44.65 30.46 -32.85
N VAL D 419 -45.90 30.89 -33.12
CA VAL D 419 -47.03 30.76 -32.20
C VAL D 419 -47.28 29.27 -31.89
N SER D 420 -47.32 28.44 -32.94
CA SER D 420 -47.53 27.02 -32.83
C SER D 420 -46.39 26.30 -32.01
N GLU D 421 -45.15 26.81 -32.08
CA GLU D 421 -44.02 26.28 -31.32
C GLU D 421 -44.15 26.68 -29.85
N TYR D 422 -44.57 27.92 -29.52
CA TYR D 422 -44.79 28.31 -28.11
C TYR D 422 -45.89 27.48 -27.50
N GLN D 423 -46.95 27.18 -28.28
CA GLN D 423 -48.09 26.38 -27.83
C GLN D 423 -47.66 24.95 -27.55
N GLN D 424 -46.80 24.40 -28.41
CA GLN D 424 -46.25 23.05 -28.28
C GLN D 424 -45.53 22.90 -26.92
N TYR D 425 -44.64 23.84 -26.57
CA TYR D 425 -43.90 23.76 -25.30
C TYR D 425 -44.76 24.11 -24.10
N GLN D 426 -45.82 24.89 -24.28
CA GLN D 426 -46.76 25.21 -23.22
C GLN D 426 -47.49 23.95 -22.79
N GLU D 427 -47.93 23.13 -23.76
CA GLU D 427 -48.67 21.89 -23.54
C GLU D 427 -47.78 20.69 -23.16
N ALA D 428 -46.47 20.75 -23.45
CA ALA D 428 -45.53 19.66 -23.19
C ALA D 428 -45.42 19.25 -21.74
N THR D 429 -45.43 17.95 -21.50
CA THR D 429 -45.30 17.40 -20.16
C THR D 429 -43.95 16.72 -19.99
N ALA D 430 -43.49 16.57 -18.74
CA ALA D 430 -42.23 15.87 -18.47
C ALA D 430 -42.41 14.36 -18.73
N ASP D 431 -43.59 13.81 -18.34
CA ASP D 431 -44.00 12.40 -18.49
C ASP D 431 -42.88 11.36 -18.19
N ALA E 2 31.60 -77.70 41.10
CA ALA E 2 33.02 -77.97 41.40
C ALA E 2 33.90 -78.05 40.14
N ASP E 3 33.30 -78.37 38.98
CA ASP E 3 34.03 -78.50 37.73
C ASP E 3 34.41 -77.15 37.13
N MET E 4 35.71 -76.85 37.10
CA MET E 4 36.27 -75.63 36.52
C MET E 4 37.70 -75.89 36.08
N GLU E 5 37.93 -75.88 34.77
CA GLU E 5 39.26 -76.10 34.22
C GLU E 5 39.97 -74.73 34.07
N VAL E 6 41.06 -74.54 34.82
CA VAL E 6 41.84 -73.31 34.75
C VAL E 6 43.05 -73.57 33.84
N ILE E 7 43.33 -72.67 32.89
CA ILE E 7 44.43 -72.80 31.94
C ILE E 7 45.28 -71.52 31.96
N GLU E 8 46.58 -71.61 32.32
CA GLU E 8 47.43 -70.42 32.32
C GLU E 8 47.73 -69.97 30.89
N LEU E 9 47.57 -68.67 30.63
CA LEU E 9 47.81 -68.13 29.30
C LEU E 9 49.13 -67.39 29.26
N ASN E 10 49.21 -66.19 29.84
CA ASN E 10 50.44 -65.40 29.83
C ASN E 10 50.74 -64.79 31.20
N LYS E 11 52.01 -64.52 31.44
CA LYS E 11 52.51 -63.87 32.65
C LYS E 11 53.50 -62.79 32.19
N ALA E 12 53.39 -61.57 32.72
CA ALA E 12 54.26 -60.47 32.31
C ALA E 12 54.59 -59.53 33.52
N THR E 13 55.41 -58.45 33.31
CA THR E 13 55.82 -57.47 34.31
C THR E 13 54.63 -56.85 35.08
N SER E 14 53.66 -56.25 34.38
CA SER E 14 52.51 -55.64 35.06
C SER E 14 51.18 -56.37 34.80
N GLY E 15 51.26 -57.70 34.59
CA GLY E 15 50.06 -58.47 34.36
C GLY E 15 50.16 -59.99 34.38
N GLN E 16 49.01 -60.66 34.47
CA GLN E 16 48.88 -62.12 34.46
C GLN E 16 47.53 -62.46 33.84
N SER E 17 47.46 -63.50 32.98
CA SER E 17 46.22 -63.89 32.33
C SER E 17 46.02 -65.41 32.29
N TRP E 18 44.76 -65.83 32.24
CA TRP E 18 44.38 -67.25 32.22
C TRP E 18 42.95 -67.44 31.70
N GLU E 19 42.61 -68.68 31.36
CA GLU E 19 41.29 -69.02 30.89
C GLU E 19 40.62 -69.93 31.92
N VAL E 20 39.35 -69.68 32.18
CA VAL E 20 38.52 -70.41 33.11
C VAL E 20 37.43 -71.06 32.27
N ILE E 21 37.31 -72.39 32.34
CA ILE E 21 36.32 -73.11 31.56
C ILE E 21 35.36 -73.81 32.50
N LEU E 22 34.10 -73.42 32.43
CA LEU E 22 33.05 -73.99 33.24
C LEU E 22 32.46 -75.20 32.53
N LYS E 23 32.22 -75.07 31.21
CA LYS E 23 31.66 -76.15 30.40
C LYS E 23 32.24 -76.08 28.99
N PRO E 24 32.62 -77.20 28.38
CA PRO E 24 33.05 -77.16 26.96
C PRO E 24 31.85 -76.93 26.02
N PRO E 25 32.03 -76.58 24.73
CA PRO E 25 30.86 -76.33 23.87
C PRO E 25 30.02 -77.57 23.54
N SER E 26 28.71 -77.37 23.32
CA SER E 26 27.77 -78.43 22.96
C SER E 26 28.15 -78.97 21.56
N PHE E 27 28.32 -78.04 20.59
CA PHE E 27 28.67 -78.38 19.21
C PHE E 27 30.13 -78.05 18.89
N ASP E 28 30.95 -79.10 18.73
CA ASP E 28 32.38 -79.08 18.42
C ASP E 28 32.66 -78.33 17.12
N GLY E 29 33.38 -77.23 17.24
CA GLY E 29 33.74 -76.39 16.12
C GLY E 29 33.14 -75.00 16.18
N VAL E 30 33.83 -74.04 15.54
CA VAL E 30 33.38 -72.64 15.46
C VAL E 30 32.33 -72.38 14.33
N PRO E 31 32.02 -73.29 13.35
CA PRO E 31 31.01 -72.94 12.32
C PRO E 31 29.57 -72.88 12.85
N GLU E 32 28.60 -72.70 11.94
CA GLU E 32 27.16 -72.61 12.21
C GLU E 32 26.67 -73.61 13.26
N ASP E 42 39.64 -55.48 -0.39
CA ASP E 42 38.21 -55.53 -0.73
C ASP E 42 37.71 -54.20 -1.37
N PRO E 43 37.73 -53.01 -0.72
CA PRO E 43 37.28 -51.79 -1.44
C PRO E 43 38.42 -51.15 -2.27
N SER E 44 38.07 -50.24 -3.17
CA SER E 44 39.09 -49.58 -3.97
C SER E 44 38.93 -48.07 -3.96
N LEU E 45 40.03 -47.32 -4.17
CA LEU E 45 39.98 -45.86 -4.20
C LEU E 45 39.07 -45.39 -5.33
N GLU E 46 39.17 -46.04 -6.52
CA GLU E 46 38.36 -45.75 -7.68
C GLU E 46 36.85 -45.89 -7.39
N GLU E 47 36.44 -47.01 -6.73
CA GLU E 47 35.03 -47.23 -6.40
C GLU E 47 34.49 -46.09 -5.52
N ILE E 48 35.25 -45.76 -4.46
CA ILE E 48 34.96 -44.69 -3.52
C ILE E 48 34.83 -43.36 -4.25
N GLN E 49 35.83 -43.02 -5.08
CA GLN E 49 35.86 -41.78 -5.85
C GLN E 49 34.67 -41.65 -6.79
N LYS E 50 34.31 -42.76 -7.47
CA LYS E 50 33.18 -42.80 -8.40
C LYS E 50 31.86 -42.51 -7.68
N LYS E 51 31.70 -43.08 -6.47
CA LYS E 51 30.52 -42.87 -5.64
C LYS E 51 30.45 -41.45 -5.08
N LEU E 52 31.59 -40.88 -4.66
CA LEU E 52 31.62 -39.52 -4.14
C LEU E 52 31.33 -38.50 -5.25
N GLU E 53 31.91 -38.71 -6.45
CA GLU E 53 31.71 -37.80 -7.58
C GLU E 53 30.28 -37.85 -8.12
N ALA E 54 29.63 -39.01 -8.04
CA ALA E 54 28.25 -39.18 -8.47
C ALA E 54 27.32 -38.38 -7.53
N ALA E 55 27.61 -38.39 -6.23
CA ALA E 55 26.87 -37.63 -5.23
C ALA E 55 27.07 -36.13 -5.47
N GLU E 56 28.32 -35.71 -5.77
CA GLU E 56 28.63 -34.31 -6.04
C GLU E 56 27.86 -33.81 -7.27
N GLU E 57 27.73 -34.65 -8.32
CA GLU E 57 26.99 -34.29 -9.53
C GLU E 57 25.49 -34.17 -9.27
N ARG E 58 24.93 -34.97 -8.35
CA ARG E 58 23.51 -34.87 -8.01
C ARG E 58 23.29 -33.55 -7.27
N ARG E 59 24.17 -33.22 -6.29
CA ARG E 59 24.12 -31.98 -5.51
C ARG E 59 24.23 -30.73 -6.42
N LYS E 60 25.16 -30.76 -7.39
CA LYS E 60 25.38 -29.66 -8.34
C LYS E 60 24.21 -29.53 -9.33
N TYR E 61 23.61 -30.68 -9.71
CA TYR E 61 22.47 -30.69 -10.63
C TYR E 61 21.25 -30.03 -9.97
N GLN E 62 21.00 -30.32 -8.68
CA GLN E 62 19.85 -29.71 -8.00
C GLN E 62 20.11 -28.24 -7.69
N GLU E 63 21.38 -27.83 -7.46
CA GLU E 63 21.67 -26.41 -7.26
C GLU E 63 21.43 -25.66 -8.58
N ALA E 64 21.82 -26.28 -9.72
CA ALA E 64 21.61 -25.72 -11.06
C ALA E 64 20.11 -25.60 -11.38
N GLU E 65 19.28 -26.56 -10.92
CA GLU E 65 17.84 -26.49 -11.16
C GLU E 65 17.22 -25.35 -10.37
N LEU E 66 17.69 -25.13 -9.13
CA LEU E 66 17.24 -24.05 -8.27
C LEU E 66 17.56 -22.69 -8.95
N LEU E 67 18.80 -22.50 -9.42
CA LEU E 67 19.22 -21.27 -10.12
C LEU E 67 18.46 -21.05 -11.43
N LYS E 68 18.12 -22.13 -12.15
CA LYS E 68 17.36 -22.10 -13.40
C LYS E 68 15.95 -21.56 -13.16
N HIS E 69 15.34 -21.92 -12.02
CA HIS E 69 14.02 -21.44 -11.63
C HIS E 69 14.08 -20.00 -11.17
N LEU E 70 15.15 -19.62 -10.45
CA LEU E 70 15.34 -18.22 -10.04
C LEU E 70 15.55 -17.33 -11.27
N ALA E 71 16.23 -17.85 -12.32
CA ALA E 71 16.43 -17.15 -13.59
C ALA E 71 15.09 -16.97 -14.32
N GLU E 72 14.17 -17.93 -14.19
CA GLU E 72 12.84 -17.87 -14.78
C GLU E 72 11.98 -16.81 -14.08
N LYS E 73 12.18 -16.61 -12.76
CA LYS E 73 11.52 -15.56 -11.99
C LYS E 73 12.08 -14.19 -12.41
N ARG E 74 13.40 -14.06 -12.66
CA ARG E 74 13.99 -12.79 -13.11
C ARG E 74 13.43 -12.39 -14.49
N GLU E 75 13.21 -13.37 -15.39
CA GLU E 75 12.66 -13.14 -16.74
C GLU E 75 11.20 -12.69 -16.66
N HIS E 76 10.45 -13.27 -15.73
CA HIS E 76 9.05 -12.92 -15.52
C HIS E 76 8.96 -11.47 -15.01
N GLU E 77 9.84 -11.09 -14.09
CA GLU E 77 9.92 -9.74 -13.54
C GLU E 77 10.11 -8.72 -14.67
N ARG E 78 10.98 -9.04 -15.64
CA ARG E 78 11.25 -8.19 -16.81
C ARG E 78 10.01 -8.09 -17.71
N GLU E 79 9.25 -9.20 -17.84
CA GLU E 79 8.04 -9.25 -18.64
C GLU E 79 6.89 -8.44 -18.00
N VAL E 80 6.82 -8.36 -16.65
CA VAL E 80 5.78 -7.56 -16.03
C VAL E 80 6.16 -6.05 -16.16
N ILE E 81 7.46 -5.69 -16.01
CA ILE E 81 7.87 -4.30 -16.17
C ILE E 81 7.58 -3.84 -17.61
N GLN E 82 7.89 -4.69 -18.60
CA GLN E 82 7.63 -4.43 -20.00
C GLN E 82 6.14 -4.31 -20.30
N LYS E 83 5.31 -5.19 -19.73
CA LYS E 83 3.85 -5.17 -19.91
C LYS E 83 3.25 -3.84 -19.38
N ALA E 84 3.70 -3.36 -18.21
CA ALA E 84 3.24 -2.09 -17.66
C ALA E 84 3.68 -0.92 -18.58
N ILE E 85 4.92 -0.99 -19.12
CA ILE E 85 5.40 0.05 -20.03
C ILE E 85 4.55 0.08 -21.31
N GLU E 86 4.27 -1.10 -21.90
CA GLU E 86 3.47 -1.24 -23.12
C GLU E 86 2.03 -0.76 -22.93
N GLU E 87 1.45 -1.02 -21.76
CA GLU E 87 0.08 -0.60 -21.48
C GLU E 87 -0.03 0.91 -21.35
N ASN E 88 0.98 1.54 -20.74
CA ASN E 88 1.05 3.00 -20.58
C ASN E 88 1.21 3.66 -21.96
N ASN E 89 1.99 3.03 -22.86
CA ASN E 89 2.23 3.52 -24.20
C ASN E 89 0.99 3.40 -25.07
N ASN E 90 0.26 2.28 -24.94
CA ASN E 90 -0.97 2.09 -25.71
C ASN E 90 -2.07 3.05 -25.21
N PHE E 91 -2.06 3.36 -23.91
CA PHE E 91 -3.00 4.31 -23.33
C PHE E 91 -2.73 5.70 -23.93
N ILE E 92 -1.44 6.10 -24.02
CA ILE E 92 -1.06 7.38 -24.59
C ILE E 92 -1.47 7.45 -26.06
N LYS E 93 -1.15 6.41 -26.83
CA LYS E 93 -1.48 6.31 -28.24
C LYS E 93 -2.97 6.44 -28.48
N MET E 94 -3.80 5.72 -27.71
CA MET E 94 -5.24 5.78 -27.86
C MET E 94 -5.83 7.13 -27.47
N ALA E 95 -5.39 7.73 -26.33
CA ALA E 95 -5.85 9.03 -25.86
C ALA E 95 -5.52 10.11 -26.88
N LYS E 96 -4.34 10.03 -27.52
CA LYS E 96 -3.90 10.99 -28.53
C LYS E 96 -4.75 10.95 -29.81
N GLU E 97 -5.07 9.74 -30.33
CA GLU E 97 -5.85 9.67 -31.56
C GLU E 97 -7.34 9.84 -31.33
N LYS E 98 -7.85 9.54 -30.14
CA LYS E 98 -9.25 9.79 -29.81
C LYS E 98 -9.49 11.32 -29.78
N LEU E 99 -8.53 12.06 -29.18
CA LEU E 99 -8.57 13.51 -29.07
C LEU E 99 -8.38 14.20 -30.42
N ALA E 100 -7.49 13.69 -31.29
CA ALA E 100 -7.29 14.30 -32.60
C ALA E 100 -8.56 14.11 -33.46
N GLN E 101 -9.20 12.95 -33.35
CA GLN E 101 -10.43 12.67 -34.08
C GLN E 101 -11.57 13.59 -33.62
N LYS E 102 -11.68 13.81 -32.31
CA LYS E 102 -12.71 14.63 -31.69
C LYS E 102 -12.53 16.12 -32.05
N MET E 103 -11.28 16.63 -31.99
CA MET E 103 -11.01 18.03 -32.35
C MET E 103 -11.22 18.31 -33.85
N GLU E 104 -10.98 17.31 -34.71
CA GLU E 104 -11.14 17.49 -36.16
C GLU E 104 -12.60 17.42 -36.59
N SER E 105 -13.37 16.49 -36.00
CA SER E 105 -14.81 16.37 -36.31
C SER E 105 -15.51 17.67 -35.89
N ASN E 106 -15.19 18.18 -34.70
CA ASN E 106 -15.72 19.41 -34.15
C ASN E 106 -15.39 20.64 -35.02
N LYS E 107 -14.20 20.64 -35.62
CA LYS E 107 -13.75 21.71 -36.48
C LYS E 107 -14.54 21.68 -37.78
N GLU E 108 -14.73 20.48 -38.37
CA GLU E 108 -15.51 20.30 -39.59
C GLU E 108 -16.96 20.79 -39.38
N ASN E 109 -17.57 20.39 -38.24
CA ASN E 109 -18.95 20.74 -37.90
C ASN E 109 -19.11 22.22 -37.67
N ARG E 110 -18.25 22.85 -36.86
CA ARG E 110 -18.35 24.28 -36.59
C ARG E 110 -18.20 25.13 -37.86
N GLU E 111 -17.29 24.73 -38.76
CA GLU E 111 -17.07 25.41 -40.04
C GLU E 111 -18.26 25.22 -40.96
N ALA E 112 -18.86 24.01 -40.96
CA ALA E 112 -20.04 23.70 -41.75
C ALA E 112 -21.23 24.57 -41.31
N HIS E 113 -21.45 24.73 -39.99
CA HIS E 113 -22.53 25.55 -39.42
C HIS E 113 -22.35 27.02 -39.76
N LEU E 114 -21.10 27.49 -39.72
CA LEU E 114 -20.76 28.86 -40.03
C LEU E 114 -20.96 29.11 -41.54
N ALA E 115 -20.56 28.15 -42.39
CA ALA E 115 -20.73 28.29 -43.84
C ALA E 115 -22.21 28.29 -44.22
N ALA E 116 -23.01 27.40 -43.62
CA ALA E 116 -24.43 27.34 -43.91
C ALA E 116 -25.15 28.66 -43.58
N MET E 117 -24.83 29.27 -42.41
CA MET E 117 -25.47 30.52 -42.01
C MET E 117 -24.98 31.73 -42.83
N LEU E 118 -23.75 31.68 -43.37
CA LEU E 118 -23.27 32.77 -44.21
C LEU E 118 -23.87 32.68 -45.61
N GLU E 119 -24.10 31.45 -46.12
CA GLU E 119 -24.73 31.21 -47.41
C GLU E 119 -26.21 31.68 -47.39
N ARG E 120 -26.88 31.55 -46.23
CA ARG E 120 -28.26 32.00 -46.04
C ARG E 120 -28.35 33.53 -46.18
N LEU E 121 -27.38 34.23 -45.56
CA LEU E 121 -27.29 35.70 -45.58
C LEU E 121 -26.94 36.19 -46.99
N GLN E 122 -26.06 35.45 -47.71
CA GLN E 122 -25.65 35.74 -49.09
C GLN E 122 -26.83 35.59 -50.06
N GLU E 123 -27.71 34.59 -49.82
CA GLU E 123 -28.91 34.39 -50.62
C GLU E 123 -29.89 35.56 -50.42
N LYS E 124 -29.94 36.12 -49.20
CA LYS E 124 -30.76 37.30 -48.90
C LYS E 124 -30.27 38.48 -49.76
N ASP E 125 -28.96 38.61 -49.96
CA ASP E 125 -28.39 39.71 -50.75
C ASP E 125 -28.78 39.58 -52.23
N LYS E 126 -28.78 38.34 -52.76
CA LYS E 126 -29.18 38.07 -54.14
C LYS E 126 -30.65 38.44 -54.33
N HIS E 127 -31.49 38.08 -53.36
CA HIS E 127 -32.91 38.40 -53.39
C HIS E 127 -33.15 39.93 -53.34
N ALA E 128 -32.35 40.63 -52.53
CA ALA E 128 -32.45 42.08 -52.39
C ALA E 128 -32.16 42.85 -53.69
N GLU E 129 -31.12 42.44 -54.45
CA GLU E 129 -30.78 43.09 -55.72
C GLU E 129 -31.86 42.81 -56.80
N GLU E 130 -32.52 41.64 -56.71
CA GLU E 130 -33.63 41.20 -57.56
C GLU E 130 -34.89 42.04 -57.21
N VAL E 131 -35.09 42.40 -55.92
CA VAL E 131 -36.19 43.27 -55.49
C VAL E 131 -35.94 44.66 -56.06
N ARG E 132 -34.70 45.16 -55.90
CA ARG E 132 -34.21 46.45 -56.38
C ARG E 132 -34.44 46.58 -57.90
N LYS E 133 -34.19 45.48 -58.62
CA LYS E 133 -34.35 45.35 -60.07
C LYS E 133 -35.80 45.61 -60.49
N ASN E 134 -36.77 44.97 -59.80
CA ASN E 134 -38.20 45.11 -60.08
C ASN E 134 -38.72 46.51 -59.76
N LYS E 135 -38.25 47.11 -58.64
CA LYS E 135 -38.62 48.47 -58.24
C LYS E 135 -38.20 49.44 -59.35
N GLU E 136 -36.98 49.26 -59.88
CA GLU E 136 -36.40 50.07 -60.94
C GLU E 136 -37.23 50.04 -62.23
N LEU E 137 -37.71 48.84 -62.64
CA LEU E 137 -38.55 48.75 -63.84
C LEU E 137 -40.01 49.16 -63.58
N LYS E 138 -40.48 49.10 -62.32
CA LYS E 138 -41.82 49.59 -61.96
C LYS E 138 -41.78 51.12 -62.06
N GLU E 139 -40.74 51.73 -61.45
CA GLU E 139 -40.43 53.15 -61.59
C GLU E 139 -39.85 53.29 -63.05
N GLU E 140 -39.54 54.51 -63.51
CA GLU E 140 -38.99 54.73 -64.87
C GLU E 140 -39.99 54.33 -65.98
N ALA E 141 -40.18 53.01 -66.22
CA ALA E 141 -41.11 52.45 -67.18
C ALA E 141 -42.54 52.53 -66.62
N SER E 142 -43.04 53.76 -66.57
CA SER E 142 -44.35 54.19 -66.10
C SER E 142 -44.55 55.66 -66.52
N ARG E 143 -45.80 56.02 -66.91
CA ARG E 143 -46.27 57.36 -67.34
C ARG E 143 -45.34 58.05 -68.36
PG GTP F . 28.30 -31.97 13.59
O1G GTP F . 28.34 -31.02 14.70
O2G GTP F . 29.20 -31.61 12.43
O3G GTP F . 26.93 -32.28 13.08
O3B GTP F . 28.87 -33.34 14.16
PB GTP F . 29.61 -33.73 15.51
O1B GTP F . 30.51 -32.66 15.98
O2B GTP F . 30.34 -35.02 15.31
O3A GTP F . 28.42 -33.91 16.55
PA GTP F . 28.37 -34.46 18.03
O1A GTP F . 28.20 -33.34 18.98
O2A GTP F . 29.65 -35.27 18.25
O5' GTP F . 27.13 -35.51 17.90
C5' GTP F . 25.93 -35.38 18.68
C4' GTP F . 25.79 -36.59 19.56
O4' GTP F . 27.01 -36.80 20.31
C3' GTP F . 24.67 -36.50 20.60
O3' GTP F . 24.18 -37.81 20.85
C2' GTP F . 25.41 -35.97 21.83
O2' GTP F . 24.72 -36.22 23.04
C1' GTP F . 26.74 -36.70 21.70
N9 GTP F . 27.85 -35.97 22.33
C8 GTP F . 28.34 -34.74 22.00
N7 GTP F . 29.34 -34.34 22.74
C5 GTP F . 29.53 -35.39 23.63
C6 GTP F . 30.49 -35.57 24.66
O6 GTP F . 31.39 -34.80 25.00
N1 GTP F . 30.32 -36.77 25.33
C2 GTP F . 29.36 -37.70 25.05
N2 GTP F . 29.34 -38.79 25.82
N3 GTP F . 28.47 -37.56 24.07
C4 GTP F . 28.61 -36.40 23.40
MG MG G . 29.99 -30.52 16.02
S SO4 H . 12.64 -42.93 24.13
O1 SO4 H . 14.08 -43.17 24.09
O2 SO4 H . 12.17 -42.43 22.84
O3 SO4 H . 11.95 -44.19 24.41
O4 SO4 H . 12.35 -41.94 25.17
S SO4 I . 28.36 -51.05 42.76
O1 SO4 I . 28.72 -49.62 42.83
O2 SO4 I . 29.15 -51.67 41.71
O3 SO4 I . 28.64 -51.68 44.07
O4 SO4 I . 26.94 -51.22 42.45
S SO4 J . 20.09 -65.90 34.71
O1 SO4 J . 20.73 -66.61 35.80
O2 SO4 J . 21.10 -65.51 33.72
O3 SO4 J . 19.45 -64.72 35.27
O4 SO4 J . 19.08 -66.74 34.06
C1 GOL K . 22.21 -28.23 -2.57
O1 GOL K . 22.14 -28.81 -3.86
C2 GOL K . 23.60 -28.36 -1.97
O2 GOL K . 24.52 -27.53 -2.68
C3 GOL K . 23.57 -27.97 -0.50
O3 GOL K . 24.83 -28.22 0.12
PG G2P L . 4.23 0.46 2.38
O1G G2P L . 4.13 1.61 3.42
O2G G2P L . 4.88 0.90 1.10
O3G G2P L . 2.84 -0.11 2.21
O3B G2P L . 5.02 -0.73 3.08
PB G2P L . 5.35 -1.03 4.60
O1B G2P L . 6.15 -2.35 4.70
O2B G2P L . 6.19 0.07 5.13
C3A G2P L . 3.75 -1.32 5.36
PA G2P L . 3.73 -1.20 7.14
O1A G2P L . 4.89 -2.09 7.62
O2A G2P L . 3.90 0.14 7.77
O5' G2P L . 2.37 -1.81 7.65
C5' G2P L . 1.64 -2.87 6.99
C4' G2P L . 1.29 -3.91 8.02
O4' G2P L . 2.24 -3.92 9.12
C3' G2P L . -0.09 -3.85 8.66
O3' G2P L . -0.51 -5.20 8.92
C2' G2P L . 0.20 -3.12 9.97
O2' G2P L . -0.73 -3.42 11.00
C1' G2P L . 1.55 -3.73 10.34
N9 G2P L . 2.37 -2.87 11.21
C8 G2P L . 2.82 -1.60 10.94
N7 G2P L . 3.63 -1.13 11.86
C5 G2P L . 3.71 -2.14 12.79
C6 G2P L . 4.43 -2.23 14.05
O6 G2P L . 5.21 -1.40 14.53
N1 G2P L . 4.18 -3.42 14.70
C2 G2P L . 3.37 -4.42 14.24
N2 G2P L . 3.28 -5.52 15.00
N3 G2P L . 2.71 -4.37 13.09
C4 G2P L . 2.92 -3.22 12.41
MG MG M . 5.82 2.35 4.75
S SO4 N . 2.99 3.72 22.51
O1 SO4 N . 4.43 3.71 22.82
O2 SO4 N . 2.74 2.85 21.35
O3 SO4 N . 2.20 3.24 23.66
O4 SO4 N . 2.59 5.09 22.22
S SO4 O . -6.18 1.03 28.15
O1 SO4 O . -5.01 1.57 28.83
O2 SO4 O . -5.77 0.54 26.83
O3 SO4 O . -6.75 -0.06 28.95
O4 SO4 O . -7.18 2.08 27.97
PG GTP P . -17.27 30.06 -17.68
O1G GTP P . -17.41 31.28 -16.88
O2G GTP P . -16.20 30.18 -18.76
O3G GTP P . -18.52 29.56 -18.28
O3B GTP P . -16.75 28.93 -16.68
PB GTP P . -16.22 28.97 -15.18
O1B GTP P . -15.43 30.18 -14.87
O2B GTP P . -15.40 27.71 -14.92
O3A GTP P . -17.52 28.97 -14.30
PA GTP P . -17.74 28.79 -12.74
O1A GTP P . -18.07 30.11 -12.15
O2A GTP P . -16.45 28.12 -12.13
O5' GTP P . -18.88 27.63 -12.74
C5' GTP P . -20.17 27.88 -12.20
C4' GTP P . -20.38 26.94 -11.04
O4' GTP P . -19.28 27.02 -10.10
C3' GTP P . -21.64 27.21 -10.22
O3' GTP P . -22.11 25.99 -9.69
C2' GTP P . -21.11 28.12 -9.10
O2' GTP P . -21.95 28.17 -7.95
C1' GTP P . -19.74 27.49 -8.83
N9 GTP P . -18.76 28.45 -8.28
C8 GTP P . -18.30 29.58 -8.88
N7 GTP P . -17.44 30.25 -8.14
C5 GTP P . -17.34 29.51 -6.98
C6 GTP P . -16.56 29.72 -5.80
O6 GTP P . -15.75 30.62 -5.59
N1 GTP P . -16.77 28.74 -4.86
C2 GTP P . -17.60 27.67 -5.02
N2 GTP P . -17.68 26.82 -3.99
N3 GTP P . -18.33 27.44 -6.12
C4 GTP P . -18.15 28.40 -7.05
MG MG Q . -15.95 32.07 -15.68
S SO4 R . -17.25 -2.27 -12.59
O1 SO4 R . -16.28 -3.36 -12.62
O2 SO4 R . -17.30 -1.63 -13.91
O3 SO4 R . -18.57 -2.83 -12.24
O4 SO4 R . -16.85 -1.28 -11.59
S SO4 S . -33.14 21.08 -6.57
O1 SO4 S . -31.70 20.78 -6.59
O2 SO4 S . -33.59 21.47 -7.91
O3 SO4 S . -33.88 19.89 -6.16
O4 SO4 S . -33.40 22.17 -5.64
PG G2P T . -40.38 55.93 -41.21
O1G G2P T . -41.14 57.06 -40.47
O2G G2P T . -39.31 56.48 -42.08
O3G G2P T . -41.37 55.10 -41.97
O3B G2P T . -39.81 54.90 -40.12
PB G2P T . -39.60 55.08 -38.57
O1B G2P T . -38.84 53.91 -37.96
O2B G2P T . -38.93 56.37 -38.19
C3A G2P T . -41.30 54.89 -38.06
PA G2P T . -41.56 55.19 -36.32
O1A G2P T . -40.25 54.90 -35.55
O2A G2P T . -42.15 56.53 -35.94
O5' G2P T . -42.43 53.88 -36.18
C5' G2P T . -43.85 53.92 -36.08
C4' G2P T . -44.22 53.06 -34.91
O4' G2P T . -43.40 53.38 -33.76
C3' G2P T . -45.66 53.20 -34.43
O3' G2P T . -46.08 51.96 -33.88
C2' G2P T . -45.53 54.27 -33.35
O2' G2P T . -46.63 54.21 -32.45
C1' G2P T . -44.21 53.86 -32.69
N9 G2P T . -43.49 54.98 -32.02
C8 G2P T . -42.98 56.09 -32.63
N7 G2P T . -42.27 56.84 -31.82
C5 G2P T . -42.35 56.19 -30.59
C6 G2P T . -41.75 56.50 -29.31
O6 G2P T . -41.02 57.45 -29.02
N1 G2P T . -42.08 55.57 -28.35
C2 G2P T . -42.88 54.46 -28.55
N2 G2P T . -43.12 53.69 -27.50
N3 G2P T . -43.41 54.15 -29.74
C4 G2P T . -43.10 55.05 -30.70
MG MG U . -39.72 58.22 -39.35
S SO4 V . -44.59 65.22 -23.41
O1 SO4 V . -43.91 66.12 -22.50
O2 SO4 V . -43.59 64.41 -24.09
O3 SO4 V . -45.54 64.38 -22.70
O4 SO4 V . -45.32 65.99 -24.41
S SO4 W . -38.00 60.33 -18.40
O1 SO4 W . -36.58 60.67 -18.60
O2 SO4 W . -38.29 59.10 -19.14
O3 SO4 W . -38.27 60.14 -16.98
O4 SO4 W . -38.81 61.45 -18.90
S SO4 X . -46.66 48.30 -8.79
O1 SO4 X . -46.28 49.71 -8.73
O2 SO4 X . -45.53 47.43 -8.44
O3 SO4 X . -47.13 48.01 -10.13
O4 SO4 X . -47.75 48.06 -7.83
S SO4 Y . -27.17 24.28 -40.15
O1 SO4 Y . -25.76 24.64 -40.10
O2 SO4 Y . -27.69 24.46 -41.50
O3 SO4 Y . -27.33 22.89 -39.76
O4 SO4 Y . -27.92 25.14 -39.21
#